data_8DAG
# 
_entry.id   8DAG 
# 
_audit_conform.dict_name       mmcif_pdbx.dic 
_audit_conform.dict_version    5.380 
_audit_conform.dict_location   http://mmcif.pdb.org/dictionaries/ascii/mmcif_pdbx.dic 
# 
loop_
_database_2.database_id 
_database_2.database_code 
_database_2.pdbx_database_accession 
_database_2.pdbx_DOI 
PDB   8DAG         pdb_00008dag 10.2210/pdb8dag/pdb 
WWPDB D_1000266324 ?            ?                   
# 
_pdbx_database_related.db_name        PDB 
_pdbx_database_related.details        'Rhombohedral variant' 
_pdbx_database_related.db_id          5EOS 
_pdbx_database_related.content_type   unspecified 
# 
_pdbx_database_status.status_code                     REL 
_pdbx_database_status.status_code_sf                  REL 
_pdbx_database_status.status_code_mr                  ? 
_pdbx_database_status.entry_id                        8DAG 
_pdbx_database_status.recvd_initial_deposition_date   2022-06-13 
_pdbx_database_status.SG_entry                        N 
_pdbx_database_status.deposit_site                    RCSB 
_pdbx_database_status.process_site                    RCSB 
_pdbx_database_status.status_code_cs                  ? 
_pdbx_database_status.status_code_nmr_data            ? 
_pdbx_database_status.methods_development_category    ? 
_pdbx_database_status.pdb_format_compatible           Y 
# 
loop_
_audit_author.name 
_audit_author.pdbx_ordinal 
_audit_author.identifier_ORCID 
'Lu, B.'        1 0000-0001-6424-2197 
'Vecchioni, S.' 2 0000-0001-8243-650X 
'Ohayon, Y.P.'  3 0000-0001-7500-4282 
'Seeman, N.C.'  4 0000-0002-9680-4649 
'Mao, C.'       5 0000-0001-7516-8666 
'Sha, R.'       6 0000-0002-0807-734X 
# 
_citation.abstract                  ? 
_citation.abstract_id_CAS           ? 
_citation.book_id_ISBN              ? 
_citation.book_publisher            ? 
_citation.book_publisher_city       ? 
_citation.book_title                ? 
_citation.coordinate_linkage        ? 
_citation.country                   GE 
_citation.database_id_Medline       ? 
_citation.details                   ? 
_citation.id                        primary 
_citation.journal_abbrev            Angew.Chem.Int.Ed.Engl. 
_citation.journal_id_ASTM           ACIEAY 
_citation.journal_id_CSD            0179 
_citation.journal_id_ISSN           1521-3773 
_citation.journal_full              ? 
_citation.journal_issue             ? 
_citation.journal_volume            62 
_citation.language                  ? 
_citation.page_first                e202213451 
_citation.page_last                 e202213451 
_citation.title                     'Programmable 3D Hexagonal Geometry of DNA Tensegrity Triangles.' 
_citation.year                      2023 
_citation.database_id_CSD           ? 
_citation.pdbx_database_id_DOI      10.1002/anie.202213451 
_citation.pdbx_database_id_PubMed   36520622 
_citation.pdbx_database_id_patent   ? 
_citation.unpublished_flag          ? 
# 
loop_
_citation_author.citation_id 
_citation_author.name 
_citation_author.ordinal 
_citation_author.identifier_ORCID 
primary 'Lu, B.'        1 ?                   
primary 'Woloszyn, K.'  2 ?                   
primary 'Ohayon, Y.P.'  3 ?                   
primary 'Yang, B.'      4 ?                   
primary 'Zhang, C.'     5 ?                   
primary 'Mao, C.'       6 ?                   
primary 'Seeman, N.C.'  7 ?                   
primary 'Vecchioni, S.' 8 ?                   
primary 'Sha, R.'       9 0000-0002-0807-734X 
# 
_cell.angle_alpha                  90.000 
_cell.angle_alpha_esd              ? 
_cell.angle_beta                   90.000 
_cell.angle_beta_esd               ? 
_cell.angle_gamma                  120.000 
_cell.angle_gamma_esd              ? 
_cell.entry_id                     8DAG 
_cell.details                      ? 
_cell.formula_units_Z              ? 
_cell.length_a                     130.428 
_cell.length_a_esd                 ? 
_cell.length_b                     130.428 
_cell.length_b_esd                 ? 
_cell.length_c                     53.404 
_cell.length_c_esd                 ? 
_cell.volume                       786766.915 
_cell.volume_esd                   ? 
_cell.Z_PDB                        6 
_cell.reciprocal_angle_alpha       ? 
_cell.reciprocal_angle_beta        ? 
_cell.reciprocal_angle_gamma       ? 
_cell.reciprocal_angle_alpha_esd   ? 
_cell.reciprocal_angle_beta_esd    ? 
_cell.reciprocal_angle_gamma_esd   ? 
_cell.reciprocal_length_a          ? 
_cell.reciprocal_length_b          ? 
_cell.reciprocal_length_c          ? 
_cell.reciprocal_length_a_esd      ? 
_cell.reciprocal_length_b_esd      ? 
_cell.reciprocal_length_c_esd      ? 
_cell.pdbx_unique_axis             ? 
_cell.pdbx_esd_method              ? 
# 
_symmetry.entry_id                         8DAG 
_symmetry.cell_setting                     ? 
_symmetry.Int_Tables_number                173 
_symmetry.space_group_name_Hall            'P 6c' 
_symmetry.space_group_name_H-M             'P 63' 
_symmetry.pdbx_full_space_group_name_H-M   ? 
# 
loop_
_entity.id 
_entity.type 
_entity.src_method 
_entity.pdbx_description 
_entity.formula_weight 
_entity.pdbx_number_of_molecules 
_entity.pdbx_ec 
_entity.pdbx_mutation 
_entity.pdbx_fragment 
_entity.details 
1 polymer syn 
;DNA (5'-D(*GP*AP*GP*CP*AP*GP*CP*TP*GP*TP*GP*AP*CP*GP*GP*AP*CP*AP*TP*CP*A)-3')
;
6497.211 1 ? ? ? ? 
2 polymer syn 
;DNA (5'-D(P*CP*CP*GP*TP*CP*AP*CP*A)-3')
;
2371.582 1 ? ? ? ? 
3 polymer syn 
;DNA (5'-D(P*GP*CP*TP*GP*C)-3')
;
1496.011 1 ? ? ? ? 
4 polymer syn 
;DNA (5'-D(*TP*CP*TP*GP*AP*TP*GP*T)-3')
;
2432.614 1 ? ? ? ? 
# 
loop_
_entity_poly.entity_id 
_entity_poly.type 
_entity_poly.nstd_linkage 
_entity_poly.nstd_monomer 
_entity_poly.pdbx_seq_one_letter_code 
_entity_poly.pdbx_seq_one_letter_code_can 
_entity_poly.pdbx_strand_id 
_entity_poly.pdbx_target_identifier 
1 polydeoxyribonucleotide no no 
;(DG)(DA)(DG)(DC)(DA)(DG)(DC)(DT)(DG)(DT)(DG)(DA)(DC)(DG)(DG)(DA)(DC)(DA)(DT)(DC)
(DA)
;
GAGCAGCTGTGACGGACATCA A ? 
2 polydeoxyribonucleotide no no '(DC)(DC)(DG)(DT)(DC)(DA)(DC)(DA)'                                                      CCGTCACA B 
? 
3 polydeoxyribonucleotide no no '(DG)(DC)(DT)(DG)(DC)'                                                                  GCTGC C ? 
4 polydeoxyribonucleotide no no '(DT)(DC)(DT)(DG)(DA)(DT)(DG)(DT)'                                                      TCTGATGT D 
? 
# 
loop_
_entity_poly_seq.entity_id 
_entity_poly_seq.num 
_entity_poly_seq.mon_id 
_entity_poly_seq.hetero 
1 1  DG n 
1 2  DA n 
1 3  DG n 
1 4  DC n 
1 5  DA n 
1 6  DG n 
1 7  DC n 
1 8  DT n 
1 9  DG n 
1 10 DT n 
1 11 DG n 
1 12 DA n 
1 13 DC n 
1 14 DG n 
1 15 DG n 
1 16 DA n 
1 17 DC n 
1 18 DA n 
1 19 DT n 
1 20 DC n 
1 21 DA n 
2 1  DC n 
2 2  DC n 
2 3  DG n 
2 4  DT n 
2 5  DC n 
2 6  DA n 
2 7  DC n 
2 8  DA n 
3 1  DG n 
3 2  DC n 
3 3  DT n 
3 4  DG n 
3 5  DC n 
4 1  DT n 
4 2  DC n 
4 3  DT n 
4 4  DG n 
4 5  DA n 
4 6  DT n 
4 7  DG n 
4 8  DT n 
# 
loop_
_pdbx_entity_src_syn.entity_id 
_pdbx_entity_src_syn.pdbx_src_id 
_pdbx_entity_src_syn.pdbx_alt_source_flag 
_pdbx_entity_src_syn.pdbx_beg_seq_num 
_pdbx_entity_src_syn.pdbx_end_seq_num 
_pdbx_entity_src_syn.organism_scientific 
_pdbx_entity_src_syn.organism_common_name 
_pdbx_entity_src_syn.ncbi_taxonomy_id 
_pdbx_entity_src_syn.details 
1 1 sample 1 21 'synthetic construct' ? 32630 ? 
2 1 sample 1 8  'synthetic construct' ? 32630 ? 
3 1 sample 1 5  'synthetic construct' ? 32630 ? 
4 1 sample 1 8  'synthetic construct' ? 32630 ? 
# 
loop_
_struct_ref.id 
_struct_ref.db_name 
_struct_ref.db_code 
_struct_ref.pdbx_db_accession 
_struct_ref.pdbx_db_isoform 
_struct_ref.entity_id 
_struct_ref.pdbx_seq_one_letter_code 
_struct_ref.pdbx_align_begin 
1 PDB 8DAG 8DAG ? 1 ? 1 
2 PDB 8DAG 8DAG ? 2 ? 1 
3 PDB 8DAG 8DAG ? 3 ? 1 
4 PDB 8DAG 8DAG ? 4 ? 1 
# 
loop_
_struct_ref_seq.align_id 
_struct_ref_seq.ref_id 
_struct_ref_seq.pdbx_PDB_id_code 
_struct_ref_seq.pdbx_strand_id 
_struct_ref_seq.seq_align_beg 
_struct_ref_seq.pdbx_seq_align_beg_ins_code 
_struct_ref_seq.seq_align_end 
_struct_ref_seq.pdbx_seq_align_end_ins_code 
_struct_ref_seq.pdbx_db_accession 
_struct_ref_seq.db_align_beg 
_struct_ref_seq.pdbx_db_align_beg_ins_code 
_struct_ref_seq.db_align_end 
_struct_ref_seq.pdbx_db_align_end_ins_code 
_struct_ref_seq.pdbx_auth_seq_align_beg 
_struct_ref_seq.pdbx_auth_seq_align_end 
1 1 8DAG A 1 ? 21 ? 8DAG 101 ? 121 ? 101 121 
2 2 8DAG B 1 ? 8  ? 8DAG 119 ? 126 ? 119 126 
3 3 8DAG C 1 ? 5  ? 8DAG 210 ? 214 ? 210 214 
4 4 8DAG D 1 ? 8  ? 8DAG 201 ? 208 ? 201 208 
# 
loop_
_chem_comp.id 
_chem_comp.type 
_chem_comp.mon_nstd_flag 
_chem_comp.name 
_chem_comp.pdbx_synonyms 
_chem_comp.formula 
_chem_comp.formula_weight 
DA 'DNA linking' y "2'-DEOXYADENOSINE-5'-MONOPHOSPHATE" ? 'C10 H14 N5 O6 P' 331.222 
DC 'DNA linking' y "2'-DEOXYCYTIDINE-5'-MONOPHOSPHATE"  ? 'C9 H14 N3 O7 P'  307.197 
DG 'DNA linking' y "2'-DEOXYGUANOSINE-5'-MONOPHOSPHATE" ? 'C10 H14 N5 O7 P' 347.221 
DT 'DNA linking' y "THYMIDINE-5'-MONOPHOSPHATE"         ? 'C10 H15 N2 O8 P' 322.208 
# 
_exptl.absorpt_coefficient_mu     ? 
_exptl.absorpt_correction_T_max   ? 
_exptl.absorpt_correction_T_min   ? 
_exptl.absorpt_correction_type    ? 
_exptl.absorpt_process_details    ? 
_exptl.entry_id                   8DAG 
_exptl.crystals_number            1 
_exptl.details                    ? 
_exptl.method                     'X-RAY DIFFRACTION' 
_exptl.method_details             ? 
# 
_exptl_crystal.colour                       ? 
_exptl_crystal.density_diffrn               ? 
_exptl_crystal.density_Matthews             10.25 
_exptl_crystal.density_method               ? 
_exptl_crystal.density_percent_sol          88.00 
_exptl_crystal.description                  ? 
_exptl_crystal.F_000                        ? 
_exptl_crystal.id                           1 
_exptl_crystal.preparation                  ? 
_exptl_crystal.size_max                     ? 
_exptl_crystal.size_mid                     ? 
_exptl_crystal.size_min                     ? 
_exptl_crystal.size_rad                     ? 
_exptl_crystal.colour_lustre                ? 
_exptl_crystal.colour_modifier              ? 
_exptl_crystal.colour_primary               ? 
_exptl_crystal.density_meas                 ? 
_exptl_crystal.density_meas_esd             ? 
_exptl_crystal.density_meas_gt              ? 
_exptl_crystal.density_meas_lt              ? 
_exptl_crystal.density_meas_temp            ? 
_exptl_crystal.density_meas_temp_esd        ? 
_exptl_crystal.density_meas_temp_gt         ? 
_exptl_crystal.density_meas_temp_lt         ? 
_exptl_crystal.pdbx_crystal_image_url       ? 
_exptl_crystal.pdbx_crystal_image_format    ? 
_exptl_crystal.pdbx_mosaicity               ? 
_exptl_crystal.pdbx_mosaicity_esd           ? 
_exptl_crystal.pdbx_mosaic_method           ? 
_exptl_crystal.pdbx_mosaic_block_size       ? 
_exptl_crystal.pdbx_mosaic_block_size_esd   ? 
# 
_exptl_crystal_grow.apparatus       ? 
_exptl_crystal_grow.atmosphere      ? 
_exptl_crystal_grow.crystal_id      1 
_exptl_crystal_grow.details         ? 
_exptl_crystal_grow.method          'VAPOR DIFFUSION, HANGING DROP' 
_exptl_crystal_grow.method_ref      ? 
_exptl_crystal_grow.pH              9.5 
_exptl_crystal_grow.pressure        ? 
_exptl_crystal_grow.pressure_esd    ? 
_exptl_crystal_grow.seeding         ? 
_exptl_crystal_grow.seeding_ref     ? 
_exptl_crystal_grow.temp            293 
_exptl_crystal_grow.temp_details    '338-293 at 0.4/hr' 
_exptl_crystal_grow.temp_esd        ? 
_exptl_crystal_grow.time            ? 
_exptl_crystal_grow.pdbx_details    '1.75 M ammonium sulfate, 120 mM Tris, 120 mM Acetic Acid, 6 mM EDTA' 
_exptl_crystal_grow.pdbx_pH_range   ? 
# 
_diffrn.ambient_environment              ? 
_diffrn.ambient_temp                     100 
_diffrn.ambient_temp_details             ? 
_diffrn.ambient_temp_esd                 ? 
_diffrn.crystal_id                       1 
_diffrn.crystal_support                  ? 
_diffrn.crystal_treatment                ? 
_diffrn.details                          ? 
_diffrn.id                               1 
_diffrn.ambient_pressure                 ? 
_diffrn.ambient_pressure_esd             ? 
_diffrn.ambient_pressure_gt              ? 
_diffrn.ambient_pressure_lt              ? 
_diffrn.ambient_temp_gt                  ? 
_diffrn.ambient_temp_lt                  ? 
_diffrn.pdbx_serial_crystal_experiment   N 
# 
_diffrn_detector.details                      ? 
_diffrn_detector.detector                     PIXEL 
_diffrn_detector.diffrn_id                    1 
_diffrn_detector.type                         'DECTRIS EIGER2 X 9M' 
_diffrn_detector.area_resol_mean              ? 
_diffrn_detector.dtime                        ? 
_diffrn_detector.pdbx_frames_total            ? 
_diffrn_detector.pdbx_collection_time_total   ? 
_diffrn_detector.pdbx_collection_date         2022-06-12 
_diffrn_detector.pdbx_frequency               ? 
# 
_diffrn_radiation.collimation                      ? 
_diffrn_radiation.diffrn_id                        1 
_diffrn_radiation.filter_edge                      ? 
_diffrn_radiation.inhomogeneity                    ? 
_diffrn_radiation.monochromator                    ? 
_diffrn_radiation.polarisn_norm                    ? 
_diffrn_radiation.polarisn_ratio                   ? 
_diffrn_radiation.probe                            ? 
_diffrn_radiation.type                             ? 
_diffrn_radiation.xray_symbol                      ? 
_diffrn_radiation.wavelength_id                    1 
_diffrn_radiation.pdbx_monochromatic_or_laue_m_l   M 
_diffrn_radiation.pdbx_wavelength_list             ? 
_diffrn_radiation.pdbx_wavelength                  ? 
_diffrn_radiation.pdbx_diffrn_protocol             'SINGLE WAVELENGTH' 
_diffrn_radiation.pdbx_analyzer                    ? 
_diffrn_radiation.pdbx_scattering_type             x-ray 
# 
_diffrn_radiation_wavelength.id           1 
_diffrn_radiation_wavelength.wavelength   1.00743 
_diffrn_radiation_wavelength.wt           1.0 
# 
_diffrn_source.current                     ? 
_diffrn_source.details                     ? 
_diffrn_source.diffrn_id                   1 
_diffrn_source.power                       ? 
_diffrn_source.size                        ? 
_diffrn_source.source                      SYNCHROTRON 
_diffrn_source.target                      ? 
_diffrn_source.type                        'APS BEAMLINE 17-ID' 
_diffrn_source.voltage                     ? 
_diffrn_source.take-off_angle              ? 
_diffrn_source.pdbx_wavelength_list        1.00743 
_diffrn_source.pdbx_wavelength             ? 
_diffrn_source.pdbx_synchrotron_beamline   17-ID 
_diffrn_source.pdbx_synchrotron_site       APS 
# 
_reflns.B_iso_Wilson_estimate                          500.14 
_reflns.entry_id                                       8DAG 
_reflns.data_reduction_details                         ? 
_reflns.data_reduction_method                          ? 
_reflns.d_resolution_high                              6.16 
_reflns.d_resolution_low                               65.21 
_reflns.details                                        ? 
_reflns.limit_h_max                                    ? 
_reflns.limit_h_min                                    ? 
_reflns.limit_k_max                                    ? 
_reflns.limit_k_min                                    ? 
_reflns.limit_l_max                                    ? 
_reflns.limit_l_min                                    ? 
_reflns.number_all                                     ? 
_reflns.number_obs                                     1054 
_reflns.observed_criterion                             ? 
_reflns.observed_criterion_F_max                       ? 
_reflns.observed_criterion_F_min                       ? 
_reflns.observed_criterion_I_max                       ? 
_reflns.observed_criterion_I_min                       ? 
_reflns.observed_criterion_sigma_F                     ? 
_reflns.observed_criterion_sigma_I                     ? 
_reflns.percent_possible_obs                           89.3 
_reflns.R_free_details                                 ? 
_reflns.Rmerge_F_all                                   ? 
_reflns.Rmerge_F_obs                                   ? 
_reflns.Friedel_coverage                               ? 
_reflns.number_gt                                      ? 
_reflns.threshold_expression                           ? 
_reflns.pdbx_redundancy                                19.8 
_reflns.pdbx_Rmerge_I_obs                              ? 
_reflns.pdbx_Rmerge_I_all                              ? 
_reflns.pdbx_Rsym_value                                ? 
_reflns.pdbx_netI_over_av_sigmaI                       ? 
_reflns.pdbx_netI_over_sigmaI                          10.7 
_reflns.pdbx_res_netI_over_av_sigmaI_2                 ? 
_reflns.pdbx_res_netI_over_sigmaI_2                    ? 
_reflns.pdbx_chi_squared                               ? 
_reflns.pdbx_scaling_rejects                           ? 
_reflns.pdbx_d_res_high_opt                            ? 
_reflns.pdbx_d_res_low_opt                             ? 
_reflns.pdbx_d_res_opt_method                          ? 
_reflns.phase_calculation_details                      ? 
_reflns.pdbx_Rrim_I_all                                ? 
_reflns.pdbx_Rpim_I_all                                ? 
_reflns.pdbx_d_opt                                     ? 
_reflns.pdbx_number_measured_all                       ? 
_reflns.pdbx_diffrn_id                                 1 
_reflns.pdbx_ordinal                                   1 
_reflns.pdbx_CC_half                                   0.996 
_reflns.pdbx_CC_star                                   ? 
_reflns.pdbx_R_split                                   ? 
_reflns.pdbx_aniso_diffraction_limit_axis_1_ortho[1]   ? 
_reflns.pdbx_aniso_diffraction_limit_axis_1_ortho[2]   ? 
_reflns.pdbx_aniso_diffraction_limit_axis_1_ortho[3]   ? 
_reflns.pdbx_aniso_diffraction_limit_axis_2_ortho[1]   ? 
_reflns.pdbx_aniso_diffraction_limit_axis_2_ortho[2]   ? 
_reflns.pdbx_aniso_diffraction_limit_axis_2_ortho[3]   ? 
_reflns.pdbx_aniso_diffraction_limit_axis_3_ortho[1]   ? 
_reflns.pdbx_aniso_diffraction_limit_axis_3_ortho[2]   ? 
_reflns.pdbx_aniso_diffraction_limit_axis_3_ortho[3]   ? 
_reflns.pdbx_aniso_diffraction_limit_1                 ? 
_reflns.pdbx_aniso_diffraction_limit_2                 ? 
_reflns.pdbx_aniso_diffraction_limit_3                 ? 
_reflns.pdbx_aniso_B_tensor_eigenvector_1_ortho[1]     ? 
_reflns.pdbx_aniso_B_tensor_eigenvector_1_ortho[2]     ? 
_reflns.pdbx_aniso_B_tensor_eigenvector_1_ortho[3]     ? 
_reflns.pdbx_aniso_B_tensor_eigenvector_2_ortho[1]     ? 
_reflns.pdbx_aniso_B_tensor_eigenvector_2_ortho[2]     ? 
_reflns.pdbx_aniso_B_tensor_eigenvector_2_ortho[3]     ? 
_reflns.pdbx_aniso_B_tensor_eigenvector_3_ortho[1]     ? 
_reflns.pdbx_aniso_B_tensor_eigenvector_3_ortho[2]     ? 
_reflns.pdbx_aniso_B_tensor_eigenvector_3_ortho[3]     ? 
_reflns.pdbx_aniso_B_tensor_eigenvalue_1               ? 
_reflns.pdbx_aniso_B_tensor_eigenvalue_2               ? 
_reflns.pdbx_aniso_B_tensor_eigenvalue_3               ? 
_reflns.pdbx_orthogonalization_convention              ? 
_reflns.pdbx_percent_possible_ellipsoidal              ? 
_reflns.pdbx_percent_possible_spherical                ? 
_reflns.pdbx_percent_possible_ellipsoidal_anomalous    ? 
_reflns.pdbx_percent_possible_spherical_anomalous      ? 
_reflns.pdbx_redundancy_anomalous                      ? 
_reflns.pdbx_CC_half_anomalous                         ? 
_reflns.pdbx_absDiff_over_sigma_anomalous              ? 
_reflns.pdbx_percent_possible_anomalous                ? 
_reflns.pdbx_observed_signal_threshold                 ? 
_reflns.pdbx_signal_type                               ? 
_reflns.pdbx_signal_details                            ? 
_reflns.pdbx_signal_software_id                        ? 
_reflns.pdbx_CC_split_method                           ? 
# 
_reflns_shell.d_res_high                                    6.16 
_reflns_shell.d_res_low                                     7.02 
_reflns_shell.meanI_over_sigI_all                           ? 
_reflns_shell.meanI_over_sigI_obs                           ? 
_reflns_shell.number_measured_all                           ? 
_reflns_shell.number_measured_obs                           ? 
_reflns_shell.number_possible                               ? 
_reflns_shell.number_unique_all                             ? 
_reflns_shell.number_unique_obs                             211 
_reflns_shell.percent_possible_all                          ? 
_reflns_shell.percent_possible_obs                          ? 
_reflns_shell.Rmerge_F_all                                  ? 
_reflns_shell.Rmerge_F_obs                                  ? 
_reflns_shell.Rmerge_I_all                                  ? 
_reflns_shell.Rmerge_I_obs                                  ? 
_reflns_shell.meanI_over_sigI_gt                            ? 
_reflns_shell.meanI_over_uI_all                             ? 
_reflns_shell.meanI_over_uI_gt                              ? 
_reflns_shell.number_measured_gt                            ? 
_reflns_shell.number_unique_gt                              ? 
_reflns_shell.percent_possible_gt                           ? 
_reflns_shell.Rmerge_F_gt                                   ? 
_reflns_shell.Rmerge_I_gt                                   ? 
_reflns_shell.pdbx_redundancy                               ? 
_reflns_shell.pdbx_Rsym_value                               ? 
_reflns_shell.pdbx_chi_squared                              ? 
_reflns_shell.pdbx_netI_over_sigmaI_all                     ? 
_reflns_shell.pdbx_netI_over_sigmaI_obs                     ? 
_reflns_shell.pdbx_Rrim_I_all                               ? 
_reflns_shell.pdbx_Rpim_I_all                               ? 
_reflns_shell.pdbx_rejects                                  ? 
_reflns_shell.pdbx_ordinal                                  1 
_reflns_shell.pdbx_diffrn_id                                1 
_reflns_shell.pdbx_CC_half                                  0.344 
_reflns_shell.pdbx_CC_star                                  ? 
_reflns_shell.pdbx_R_split                                  ? 
_reflns_shell.pdbx_percent_possible_ellipsoidal             ? 
_reflns_shell.pdbx_percent_possible_spherical               ? 
_reflns_shell.pdbx_percent_possible_ellipsoidal_anomalous   ? 
_reflns_shell.pdbx_percent_possible_spherical_anomalous     ? 
_reflns_shell.pdbx_redundancy_anomalous                     ? 
_reflns_shell.pdbx_CC_half_anomalous                        ? 
_reflns_shell.pdbx_absDiff_over_sigma_anomalous             ? 
_reflns_shell.pdbx_percent_possible_anomalous               ? 
# 
_refine.aniso_B[1][1]                            ? 
_refine.aniso_B[1][2]                            ? 
_refine.aniso_B[1][3]                            ? 
_refine.aniso_B[2][2]                            ? 
_refine.aniso_B[2][3]                            ? 
_refine.aniso_B[3][3]                            ? 
_refine.B_iso_max                                ? 
_refine.B_iso_mean                               684.79 
_refine.B_iso_min                                ? 
_refine.correlation_coeff_Fo_to_Fc               ? 
_refine.correlation_coeff_Fo_to_Fc_free          ? 
_refine.details                                  ? 
_refine.diff_density_max                         ? 
_refine.diff_density_max_esd                     ? 
_refine.diff_density_min                         ? 
_refine.diff_density_min_esd                     ? 
_refine.diff_density_rms                         ? 
_refine.diff_density_rms_esd                     ? 
_refine.entry_id                                 8DAG 
_refine.pdbx_refine_id                           'X-RAY DIFFRACTION' 
_refine.ls_abs_structure_details                 ? 
_refine.ls_abs_structure_Flack                   ? 
_refine.ls_abs_structure_Flack_esd               ? 
_refine.ls_abs_structure_Rogers                  ? 
_refine.ls_abs_structure_Rogers_esd              ? 
_refine.ls_d_res_high                            6.16 
_refine.ls_d_res_low                             42.69 
_refine.ls_extinction_coef                       ? 
_refine.ls_extinction_coef_esd                   ? 
_refine.ls_extinction_expression                 ? 
_refine.ls_extinction_method                     ? 
_refine.ls_goodness_of_fit_all                   ? 
_refine.ls_goodness_of_fit_all_esd               ? 
_refine.ls_goodness_of_fit_obs                   ? 
_refine.ls_goodness_of_fit_obs_esd               ? 
_refine.ls_hydrogen_treatment                    ? 
_refine.ls_matrix_type                           ? 
_refine.ls_number_constraints                    ? 
_refine.ls_number_parameters                     ? 
_refine.ls_number_reflns_all                     ? 
_refine.ls_number_reflns_obs                     1041 
_refine.ls_number_reflns_R_free                  54 
_refine.ls_number_reflns_R_work                  987 
_refine.ls_number_restraints                     ? 
_refine.ls_percent_reflns_obs                    81.52 
_refine.ls_percent_reflns_R_free                 5.19 
_refine.ls_R_factor_all                          ? 
_refine.ls_R_factor_obs                          0.1213 
_refine.ls_R_factor_R_free                       0.1267 
_refine.ls_R_factor_R_free_error                 ? 
_refine.ls_R_factor_R_free_error_details         ? 
_refine.ls_R_factor_R_work                       0.1203 
_refine.ls_R_Fsqd_factor_obs                     ? 
_refine.ls_R_I_factor_obs                        ? 
_refine.ls_redundancy_reflns_all                 ? 
_refine.ls_redundancy_reflns_obs                 ? 
_refine.ls_restrained_S_all                      ? 
_refine.ls_restrained_S_obs                      ? 
_refine.ls_shift_over_esd_max                    ? 
_refine.ls_shift_over_esd_mean                   ? 
_refine.ls_structure_factor_coef                 ? 
_refine.ls_weighting_details                     ? 
_refine.ls_weighting_scheme                      ? 
_refine.ls_wR_factor_all                         ? 
_refine.ls_wR_factor_obs                         ? 
_refine.ls_wR_factor_R_free                      ? 
_refine.ls_wR_factor_R_work                      ? 
_refine.occupancy_max                            ? 
_refine.occupancy_min                            ? 
_refine.solvent_model_details                    'FLAT BULK SOLVENT MODEL' 
_refine.solvent_model_param_bsol                 ? 
_refine.solvent_model_param_ksol                 ? 
_refine.pdbx_R_complete                          ? 
_refine.ls_R_factor_gt                           ? 
_refine.ls_goodness_of_fit_gt                    ? 
_refine.ls_goodness_of_fit_ref                   ? 
_refine.ls_shift_over_su_max                     ? 
_refine.ls_shift_over_su_max_lt                  ? 
_refine.ls_shift_over_su_mean                    ? 
_refine.ls_shift_over_su_mean_lt                 ? 
_refine.pdbx_ls_sigma_I                          ? 
_refine.pdbx_ls_sigma_F                          1.35 
_refine.pdbx_ls_sigma_Fsqd                       ? 
_refine.pdbx_data_cutoff_high_absF               ? 
_refine.pdbx_data_cutoff_high_rms_absF           ? 
_refine.pdbx_data_cutoff_low_absF                ? 
_refine.pdbx_isotropic_thermal_model             ? 
_refine.pdbx_ls_cross_valid_method               'FREE R-VALUE' 
_refine.pdbx_method_to_determine_struct          'MOLECULAR REPLACEMENT' 
_refine.pdbx_starting_model                      7R96 
_refine.pdbx_stereochemistry_target_values       'GeoStd + Monomer Library + CDL v1.2' 
_refine.pdbx_R_Free_selection_details            ? 
_refine.pdbx_stereochem_target_val_spec_case     ? 
_refine.pdbx_overall_ESU_R                       ? 
_refine.pdbx_overall_ESU_R_Free                  ? 
_refine.pdbx_solvent_vdw_probe_radii             1.1100 
_refine.pdbx_solvent_ion_probe_radii             ? 
_refine.pdbx_solvent_shrinkage_radii             0.9000 
_refine.pdbx_real_space_R                        ? 
_refine.pdbx_density_correlation                 ? 
_refine.pdbx_pd_number_of_powder_patterns        ? 
_refine.pdbx_pd_number_of_points                 ? 
_refine.pdbx_pd_meas_number_of_points            ? 
_refine.pdbx_pd_proc_ls_prof_R_factor            ? 
_refine.pdbx_pd_proc_ls_prof_wR_factor           ? 
_refine.pdbx_pd_Marquardt_correlation_coeff      ? 
_refine.pdbx_pd_Fsqrd_R_factor                   ? 
_refine.pdbx_pd_ls_matrix_band_width             ? 
_refine.pdbx_overall_phase_error                 26.0171 
_refine.pdbx_overall_SU_R_free_Cruickshank_DPI   ? 
_refine.pdbx_overall_SU_R_free_Blow_DPI          ? 
_refine.pdbx_overall_SU_R_Blow_DPI               ? 
_refine.pdbx_TLS_residual_ADP_flag               ? 
_refine.pdbx_diffrn_id                           1 
_refine.overall_SU_B                             ? 
_refine.overall_SU_ML                            0.0000 
_refine.overall_SU_R_Cruickshank_DPI             ? 
_refine.overall_SU_R_free                        ? 
_refine.overall_FOM_free_R_set                   ? 
_refine.overall_FOM_work_R_set                   ? 
_refine.pdbx_average_fsc_overall                 ? 
_refine.pdbx_average_fsc_work                    ? 
_refine.pdbx_average_fsc_free                    ? 
# 
_refine_hist.pdbx_refine_id                   'X-RAY DIFFRACTION' 
_refine_hist.cycle_id                         LAST 
_refine_hist.details                          ? 
_refine_hist.d_res_high                       6.16 
_refine_hist.d_res_low                        42.69 
_refine_hist.number_atoms_solvent             0 
_refine_hist.number_atoms_total               855 
_refine_hist.number_reflns_all                ? 
_refine_hist.number_reflns_obs                ? 
_refine_hist.number_reflns_R_free             ? 
_refine_hist.number_reflns_R_work             ? 
_refine_hist.R_factor_all                     ? 
_refine_hist.R_factor_obs                     ? 
_refine_hist.R_factor_R_free                  ? 
_refine_hist.R_factor_R_work                  ? 
_refine_hist.pdbx_number_residues_total       ? 
_refine_hist.pdbx_B_iso_mean_ligand           ? 
_refine_hist.pdbx_B_iso_mean_solvent          ? 
_refine_hist.pdbx_number_atoms_protein        0 
_refine_hist.pdbx_number_atoms_nucleic_acid   855 
_refine_hist.pdbx_number_atoms_ligand         0 
_refine_hist.pdbx_number_atoms_lipid          ? 
_refine_hist.pdbx_number_atoms_carb           ? 
_refine_hist.pdbx_pseudo_atom_details         ? 
# 
loop_
_refine_ls_restr.pdbx_refine_id 
_refine_ls_restr.criterion 
_refine_ls_restr.dev_ideal 
_refine_ls_restr.dev_ideal_target 
_refine_ls_restr.number 
_refine_ls_restr.rejects 
_refine_ls_restr.type 
_refine_ls_restr.weight 
_refine_ls_restr.pdbx_restraint_function 
'X-RAY DIFFRACTION' ? 0.0156  ? 956  ? f_bond_d           ? ? 
'X-RAY DIFFRACTION' ? 1.5993  ? 1467 ? f_angle_d          ? ? 
'X-RAY DIFFRACTION' ? 0.0903  ? 166  ? f_chiral_restr     ? ? 
'X-RAY DIFFRACTION' ? 0.0108  ? 42   ? f_plane_restr      ? ? 
'X-RAY DIFFRACTION' ? 38.2878 ? 406  ? f_dihedral_angle_d ? ? 
# 
_refine_ls_shell.pdbx_refine_id                   'X-RAY DIFFRACTION' 
_refine_ls_shell.d_res_high                       6.16 
_refine_ls_shell.d_res_low                        42.69 
_refine_ls_shell.number_reflns_all                ? 
_refine_ls_shell.number_reflns_obs                ? 
_refine_ls_shell.number_reflns_R_free             54 
_refine_ls_shell.number_reflns_R_work             987 
_refine_ls_shell.percent_reflns_obs               81.52 
_refine_ls_shell.percent_reflns_R_free            ? 
_refine_ls_shell.R_factor_all                     ? 
_refine_ls_shell.R_factor_obs                     ? 
_refine_ls_shell.R_factor_R_free                  0.1267 
_refine_ls_shell.R_factor_R_free_error            ? 
_refine_ls_shell.R_factor_R_work                  0.1203 
_refine_ls_shell.redundancy_reflns_all            ? 
_refine_ls_shell.redundancy_reflns_obs            ? 
_refine_ls_shell.wR_factor_all                    ? 
_refine_ls_shell.wR_factor_obs                    ? 
_refine_ls_shell.wR_factor_R_free                 ? 
_refine_ls_shell.wR_factor_R_work                 ? 
_refine_ls_shell.pdbx_R_complete                  ? 
_refine_ls_shell.pdbx_total_number_of_bins_used   ? 
_refine_ls_shell.pdbx_phase_error                 ? 
_refine_ls_shell.pdbx_fsc_work                    ? 
_refine_ls_shell.pdbx_fsc_free                    ? 
# 
_struct.entry_id                     8DAG 
_struct.title                        '[8 bp center] Self-Assembled 3D DNA Hexagonal Tensegrity Triangle' 
_struct.pdbx_model_details           ? 
_struct.pdbx_formula_weight          ? 
_struct.pdbx_formula_weight_method   ? 
_struct.pdbx_model_type_details      ? 
_struct.pdbx_CASP_flag               N 
# 
_struct_keywords.entry_id        8DAG 
_struct_keywords.text            'tensegrity triangle, synthetic construct, self-assembly, DNA' 
_struct_keywords.pdbx_keywords   DNA 
# 
loop_
_struct_asym.id 
_struct_asym.pdbx_blank_PDB_chainid_flag 
_struct_asym.pdbx_modified 
_struct_asym.entity_id 
_struct_asym.details 
A N N 1 ? 
B N N 2 ? 
C N N 3 ? 
D N N 4 ? 
# 
loop_
_struct_conn.id 
_struct_conn.conn_type_id 
_struct_conn.pdbx_leaving_atom_flag 
_struct_conn.pdbx_PDB_id 
_struct_conn.ptnr1_label_asym_id 
_struct_conn.ptnr1_label_comp_id 
_struct_conn.ptnr1_label_seq_id 
_struct_conn.ptnr1_label_atom_id 
_struct_conn.pdbx_ptnr1_label_alt_id 
_struct_conn.pdbx_ptnr1_PDB_ins_code 
_struct_conn.pdbx_ptnr1_standard_comp_id 
_struct_conn.ptnr1_symmetry 
_struct_conn.ptnr2_label_asym_id 
_struct_conn.ptnr2_label_comp_id 
_struct_conn.ptnr2_label_seq_id 
_struct_conn.ptnr2_label_atom_id 
_struct_conn.pdbx_ptnr2_label_alt_id 
_struct_conn.pdbx_ptnr2_PDB_ins_code 
_struct_conn.ptnr1_auth_asym_id 
_struct_conn.ptnr1_auth_comp_id 
_struct_conn.ptnr1_auth_seq_id 
_struct_conn.ptnr2_auth_asym_id 
_struct_conn.ptnr2_auth_comp_id 
_struct_conn.ptnr2_auth_seq_id 
_struct_conn.ptnr2_symmetry 
_struct_conn.pdbx_ptnr3_label_atom_id 
_struct_conn.pdbx_ptnr3_label_seq_id 
_struct_conn.pdbx_ptnr3_label_comp_id 
_struct_conn.pdbx_ptnr3_label_asym_id 
_struct_conn.pdbx_ptnr3_label_alt_id 
_struct_conn.pdbx_ptnr3_PDB_ins_code 
_struct_conn.details 
_struct_conn.pdbx_dist_value 
_struct_conn.pdbx_value_order 
_struct_conn.pdbx_role 
hydrog1  hydrog ? ? A DG 3  N1 ? ? ? 1_555 C DC 5 N3 ? ? A DG 103 C DC 214 1_555 ? ? ? ? ? ? WATSON-CRICK    ? ? ? 
hydrog2  hydrog ? ? A DG 3  N2 ? ? ? 1_555 C DC 5 O2 ? ? A DG 103 C DC 214 1_555 ? ? ? ? ? ? WATSON-CRICK    ? ? ? 
hydrog3  hydrog ? ? A DG 3  O6 ? ? ? 1_555 C DC 5 N4 ? ? A DG 103 C DC 214 1_555 ? ? ? ? ? ? WATSON-CRICK    ? ? ? 
hydrog4  hydrog ? ? A DC 4  N3 ? ? ? 1_555 C DG 4 N1 ? ? A DC 104 C DG 213 1_555 ? ? ? ? ? ? WATSON-CRICK    ? ? ? 
hydrog5  hydrog ? ? A DC 4  N4 ? ? ? 1_555 C DG 4 O6 ? ? A DC 104 C DG 213 1_555 ? ? ? ? ? ? WATSON-CRICK    ? ? ? 
hydrog6  hydrog ? ? A DC 4  O2 ? ? ? 1_555 C DG 4 N2 ? ? A DC 104 C DG 213 1_555 ? ? ? ? ? ? WATSON-CRICK    ? ? ? 
hydrog7  hydrog ? ? A DA 5  N1 ? ? ? 1_555 C DT 3 N3 ? ? A DA 105 C DT 212 1_555 ? ? ? ? ? ? WATSON-CRICK    ? ? ? 
hydrog8  hydrog ? ? A DA 5  N6 ? ? ? 1_555 C DT 3 O4 ? ? A DA 105 C DT 212 1_555 ? ? ? ? ? ? WATSON-CRICK    ? ? ? 
hydrog9  hydrog ? ? A DG 6  N1 ? ? ? 1_555 C DC 2 N3 ? ? A DG 106 C DC 211 1_555 ? ? ? ? ? ? WATSON-CRICK    ? ? ? 
hydrog10 hydrog ? ? A DG 6  N2 ? ? ? 1_555 C DC 2 O2 ? ? A DG 106 C DC 211 1_555 ? ? ? ? ? ? WATSON-CRICK    ? ? ? 
hydrog11 hydrog ? ? A DG 6  O6 ? ? ? 1_555 C DC 2 N4 ? ? A DG 106 C DC 211 1_555 ? ? ? ? ? ? WATSON-CRICK    ? ? ? 
hydrog12 hydrog ? ? A DC 7  O2 ? ? ? 1_555 C DG 1 N2 ? ? A DC 107 C DG 210 1_555 ? ? ? ? ? ? 'DC-DG PAIR'    ? ? ? 
hydrog13 hydrog ? ? A DG 9  N1 ? ? ? 1_555 B DC 7 N3 ? ? A DG 109 B DC 125 1_555 ? ? ? ? ? ? WATSON-CRICK    ? ? ? 
hydrog14 hydrog ? ? A DG 9  N2 ? ? ? 1_555 B DC 7 O2 ? ? A DG 109 B DC 125 1_555 ? ? ? ? ? ? WATSON-CRICK    ? ? ? 
hydrog15 hydrog ? ? A DG 9  O6 ? ? ? 1_555 B DC 7 N4 ? ? A DG 109 B DC 125 1_555 ? ? ? ? ? ? WATSON-CRICK    ? ? ? 
hydrog16 hydrog ? ? A DT 10 N3 ? ? ? 1_555 B DA 6 N1 ? ? A DT 110 B DA 124 1_555 ? ? ? ? ? ? WATSON-CRICK    ? ? ? 
hydrog17 hydrog ? ? A DT 10 O4 ? ? ? 1_555 B DA 6 N6 ? ? A DT 110 B DA 124 1_555 ? ? ? ? ? ? WATSON-CRICK    ? ? ? 
hydrog18 hydrog ? ? A DG 11 N1 ? ? ? 1_555 B DC 5 N3 ? ? A DG 111 B DC 123 1_555 ? ? ? ? ? ? WATSON-CRICK    ? ? ? 
hydrog19 hydrog ? ? A DG 11 N2 ? ? ? 1_555 B DC 5 O2 ? ? A DG 111 B DC 123 1_555 ? ? ? ? ? ? WATSON-CRICK    ? ? ? 
hydrog20 hydrog ? ? A DG 11 O6 ? ? ? 1_555 B DC 5 N4 ? ? A DG 111 B DC 123 1_555 ? ? ? ? ? ? WATSON-CRICK    ? ? ? 
hydrog21 hydrog ? ? A DA 12 N1 ? ? ? 1_555 B DT 4 N3 ? ? A DA 112 B DT 122 1_555 ? ? ? ? ? ? WATSON-CRICK    ? ? ? 
hydrog22 hydrog ? ? A DA 12 N6 ? ? ? 1_555 B DT 4 O4 ? ? A DA 112 B DT 122 1_555 ? ? ? ? ? ? WATSON-CRICK    ? ? ? 
hydrog23 hydrog ? ? A DC 13 N3 ? ? ? 1_555 B DG 3 N1 ? ? A DC 113 B DG 121 1_555 ? ? ? ? ? ? WATSON-CRICK    ? ? ? 
hydrog24 hydrog ? ? A DC 13 N4 ? ? ? 1_555 B DG 3 O6 ? ? A DC 113 B DG 121 1_555 ? ? ? ? ? ? WATSON-CRICK    ? ? ? 
hydrog25 hydrog ? ? A DC 13 O2 ? ? ? 1_555 B DG 3 N2 ? ? A DC 113 B DG 121 1_555 ? ? ? ? ? ? WATSON-CRICK    ? ? ? 
hydrog26 hydrog ? ? A DG 14 O6 ? ? ? 1_555 B DG 3 N2 ? ? A DG 114 B DG 121 1_555 ? ? ? ? ? ? 'DG-DG MISPAIR' ? ? ? 
hydrog27 hydrog ? ? A DG 15 N1 ? ? ? 1_555 B DC 1 N3 ? ? A DG 115 B DC 119 1_555 ? ? ? ? ? ? WATSON-CRICK    ? ? ? 
hydrog28 hydrog ? ? A DG 15 N2 ? ? ? 1_555 B DC 1 O2 ? ? A DG 115 B DC 119 1_555 ? ? ? ? ? ? WATSON-CRICK    ? ? ? 
hydrog29 hydrog ? ? A DG 15 O6 ? ? ? 1_555 B DC 1 N4 ? ? A DG 115 B DC 119 1_555 ? ? ? ? ? ? WATSON-CRICK    ? ? ? 
hydrog30 hydrog ? ? A DA 16 N1 ? ? ? 1_555 D DT 8 N3 ? ? A DA 116 D DT 208 1_555 ? ? ? ? ? ? WATSON-CRICK    ? ? ? 
hydrog31 hydrog ? ? A DA 16 N6 ? ? ? 1_555 D DT 8 O4 ? ? A DA 116 D DT 208 1_555 ? ? ? ? ? ? WATSON-CRICK    ? ? ? 
hydrog32 hydrog ? ? A DC 17 N3 ? ? ? 1_555 D DG 7 N1 ? ? A DC 117 D DG 207 1_555 ? ? ? ? ? ? WATSON-CRICK    ? ? ? 
hydrog33 hydrog ? ? A DC 17 N4 ? ? ? 1_555 D DG 7 O6 ? ? A DC 117 D DG 207 1_555 ? ? ? ? ? ? WATSON-CRICK    ? ? ? 
hydrog34 hydrog ? ? A DC 17 O2 ? ? ? 1_555 D DG 7 N2 ? ? A DC 117 D DG 207 1_555 ? ? ? ? ? ? WATSON-CRICK    ? ? ? 
hydrog35 hydrog ? ? A DA 18 N1 ? ? ? 1_555 D DT 6 N3 ? ? A DA 118 D DT 206 1_555 ? ? ? ? ? ? WATSON-CRICK    ? ? ? 
hydrog36 hydrog ? ? A DA 18 N6 ? ? ? 1_555 D DT 6 O4 ? ? A DA 118 D DT 206 1_555 ? ? ? ? ? ? WATSON-CRICK    ? ? ? 
hydrog37 hydrog ? ? A DT 19 N3 ? ? ? 1_555 D DA 5 N1 ? ? A DT 119 D DA 205 1_555 ? ? ? ? ? ? WATSON-CRICK    ? ? ? 
hydrog38 hydrog ? ? A DT 19 O4 ? ? ? 1_555 D DA 5 N6 ? ? A DT 119 D DA 205 1_555 ? ? ? ? ? ? WATSON-CRICK    ? ? ? 
hydrog39 hydrog ? ? A DC 20 N3 ? ? ? 1_555 D DG 4 N1 ? ? A DC 120 D DG 204 1_555 ? ? ? ? ? ? WATSON-CRICK    ? ? ? 
hydrog40 hydrog ? ? A DC 20 N4 ? ? ? 1_555 D DG 4 O6 ? ? A DC 120 D DG 204 1_555 ? ? ? ? ? ? WATSON-CRICK    ? ? ? 
hydrog41 hydrog ? ? A DC 20 O2 ? ? ? 1_555 D DG 4 N2 ? ? A DC 120 D DG 204 1_555 ? ? ? ? ? ? WATSON-CRICK    ? ? ? 
hydrog42 hydrog ? ? A DA 21 N1 ? ? ? 1_555 D DT 3 N3 ? ? A DA 121 D DT 203 1_555 ? ? ? ? ? ? WATSON-CRICK    ? ? ? 
hydrog43 hydrog ? ? A DA 21 N6 ? ? ? 1_555 D DT 3 O4 ? ? A DA 121 D DT 203 1_555 ? ? ? ? ? ? WATSON-CRICK    ? ? ? 
# 
_struct_conn_type.id          hydrog 
_struct_conn_type.criteria    ? 
_struct_conn_type.reference   ? 
# 
_atom_sites.entry_id                    8DAG 
_atom_sites.Cartn_transf_matrix[1][1]   ? 
_atom_sites.Cartn_transf_matrix[1][2]   ? 
_atom_sites.Cartn_transf_matrix[1][3]   ? 
_atom_sites.Cartn_transf_matrix[2][1]   ? 
_atom_sites.Cartn_transf_matrix[2][2]   ? 
_atom_sites.Cartn_transf_matrix[2][3]   ? 
_atom_sites.Cartn_transf_matrix[3][1]   ? 
_atom_sites.Cartn_transf_matrix[3][2]   ? 
_atom_sites.Cartn_transf_matrix[3][3]   ? 
_atom_sites.Cartn_transf_vector[1]      ? 
_atom_sites.Cartn_transf_vector[2]      ? 
_atom_sites.Cartn_transf_vector[3]      ? 
_atom_sites.fract_transf_matrix[1][1]   -0.00802487 
_atom_sites.fract_transf_matrix[1][2]   0.00373801 
_atom_sites.fract_transf_matrix[1][3]   0.00009981 
_atom_sites.fract_transf_matrix[2][1]   -0.00109652 
_atom_sites.fract_transf_matrix[2][2]   0.00821392 
_atom_sites.fract_transf_matrix[2][3]   -0.00311526 
_atom_sites.fract_transf_matrix[3][1]   -0.00343865 
_atom_sites.fract_transf_matrix[3][2]   -0.00692684 
_atom_sites.fract_transf_matrix[3][3]   -0.01705345 
_atom_sites.fract_transf_vector[1]      0.253950 
_atom_sites.fract_transf_vector[2]      -0.263269 
_atom_sites.fract_transf_vector[3]      0.194530 
_atom_sites.solution_primary            ? 
_atom_sites.solution_secondary          ? 
_atom_sites.solution_hydrogens          ? 
_atom_sites.special_details             ? 
# 
loop_
_atom_type.symbol 
_atom_type.scat_dispersion_real 
_atom_type.scat_dispersion_imag 
_atom_type.scat_Cromer_Mann_a1 
_atom_type.scat_Cromer_Mann_a2 
_atom_type.scat_Cromer_Mann_a3 
_atom_type.scat_Cromer_Mann_a4 
_atom_type.scat_Cromer_Mann_b1 
_atom_type.scat_Cromer_Mann_b2 
_atom_type.scat_Cromer_Mann_b3 
_atom_type.scat_Cromer_Mann_b4 
_atom_type.scat_Cromer_Mann_c 
_atom_type.scat_source 
_atom_type.scat_dispersion_source 
C ? ? 5.96793  ? ? ? 14.89577 ? ? ? 0.0 
;1-Gaussian fit: Grosse-Kunstleve RW, Sauter NK, Adams PD: Newsletter of the IUCr Commission on Crystallographic Computing 2004, 3, 22-31.
;
? 
N ? ? 6.96715  ? ? ? 11.43723 ? ? ? 0.0 
;1-Gaussian fit: Grosse-Kunstleve RW, Sauter NK, Adams PD: Newsletter of the IUCr Commission on Crystallographic Computing 2004, 3, 22-31.
;
? 
O ? ? 7.96527  ? ? ? 9.05267  ? ? ? 0.0 
;1-Gaussian fit: Grosse-Kunstleve RW, Sauter NK, Adams PD: Newsletter of the IUCr Commission on Crystallographic Computing 2004, 3, 22-31.
;
? 
P ? ? 14.90797 ? ? ? 11.91318 ? ? ? 0.0 
;1-Gaussian fit: Grosse-Kunstleve RW, Sauter NK, Adams PD: Newsletter of the IUCr Commission on Crystallographic Computing 2004, 3, 22-31.
;
? 
# 
loop_
_atom_site.group_PDB 
_atom_site.id 
_atom_site.type_symbol 
_atom_site.label_atom_id 
_atom_site.label_alt_id 
_atom_site.label_comp_id 
_atom_site.label_asym_id 
_atom_site.label_entity_id 
_atom_site.label_seq_id 
_atom_site.pdbx_PDB_ins_code 
_atom_site.Cartn_x 
_atom_site.Cartn_y 
_atom_site.Cartn_z 
_atom_site.occupancy 
_atom_site.B_iso_or_equiv 
_atom_site.pdbx_formal_charge 
_atom_site.auth_seq_id 
_atom_site.auth_comp_id 
_atom_site.auth_asym_id 
_atom_site.auth_atom_id 
_atom_site.pdbx_PDB_model_num 
ATOM 1   O "O5'" . DG A 1 1  ? -18.93458 34.14919  6.20588   1.000 702.61224 ? 101 DG A "O5'" 1 
ATOM 2   C "C5'" . DG A 1 1  ? -19.27062 34.05406  4.82457   1.000 687.32791 ? 101 DG A "C5'" 1 
ATOM 3   C "C4'" . DG A 1 1  ? -18.27898 33.19901  4.07888   1.000 688.35574 ? 101 DG A "C4'" 1 
ATOM 4   O "O4'" . DG A 1 1  ? -16.96964 33.74577  4.35512   1.000 710.80678 ? 101 DG A "O4'" 1 
ATOM 5   C "C3'" . DG A 1 1  ? -18.19716 31.72442  4.54936   1.000 681.67892 ? 101 DG A "C3'" 1 
ATOM 6   O "O3'" . DG A 1 1  ? -18.63369 30.76962  3.52891   1.000 663.11664 ? 101 DG A "O3'" 1 
ATOM 7   C "C2'" . DG A 1 1  ? -16.71067 31.55405  4.94134   1.000 700.80020 ? 101 DG A "C2'" 1 
ATOM 8   C "C1'" . DG A 1 1  ? -16.09117 32.68999  4.18480   1.000 711.85539 ? 101 DG A "C1'" 1 
ATOM 9   N N9    . DG A 1 1  ? -14.73111 33.01721  4.53538   1.000 732.45036 ? 101 DG A N9    1 
ATOM 10  C C8    . DG A 1 1  ? -14.18103 33.15110  5.77279   1.000 747.89873 ? 101 DG A C8    1 
ATOM 11  N N7    . DG A 1 1  ? -12.91617 33.41955  5.73146   1.000 751.08988 ? 101 DG A N7    1 
ATOM 12  C C5    . DG A 1 1  ? -12.61380 33.41865  4.36392   1.000 746.65378 ? 101 DG A C5    1 
ATOM 13  C C6    . DG A 1 1  ? -11.38126 33.64365  3.68825   1.000 745.46500 ? 101 DG A C6    1 
ATOM 14  O O6    . DG A 1 1  ? -10.27464 33.89835  4.17473   1.000 748.50370 ? 101 DG A O6    1 
ATOM 15  N N1    . DG A 1 1  ? -11.52066 33.54205  2.30181   1.000 739.13767 ? 101 DG A N1    1 
ATOM 16  C C2    . DG A 1 1  ? -12.71715 33.28455  1.65626   1.000 733.79048 ? 101 DG A C2    1 
ATOM 17  N N2    . DG A 1 1  ? -12.65684 33.20944  0.31807   1.000 726.43720 ? 101 DG A N2    1 
ATOM 18  N N3    . DG A 1 1  ? -13.87059 33.05119  2.28162   1.000 728.40571 ? 101 DG A N3    1 
ATOM 19  C C4    . DG A 1 1  ? -13.73252 33.14889  3.62893   1.000 738.94165 ? 101 DG A C4    1 
ATOM 20  P P     . DA A 1 2  ? -17.57196 30.09443  2.52527   1.000 677.08997 ? 102 DA A P     1 
ATOM 21  O OP1   . DA A 1 2  ? -16.71638 29.17001  3.28452   1.000 685.44582 ? 102 DA A OP1   1 
ATOM 22  O OP2   . DA A 1 2  ? -17.04359 31.23812  1.73080   1.000 686.36799 ? 102 DA A OP2   1 
ATOM 23  O "O5'" . DA A 1 2  ? -18.38503 29.00486  1.66021   1.000 655.71270 ? 102 DA A "O5'" 1 
ATOM 24  C "C5'" . DA A 1 2  ? -18.99689 29.34942  0.42177   1.000 643.37629 ? 102 DA A "C5'" 1 
ATOM 25  C "C4'" . DA A 1 2  ? -17.99760 29.39710  -0.73574  1.000 649.97826 ? 102 DA A "C4'" 1 
ATOM 26  O "O4'" . DA A 1 2  ? -16.82794 30.15035  -0.37226  1.000 670.42154 ? 102 DA A "O4'" 1 
ATOM 27  C "C3'" . DA A 1 2  ? -17.50740 28.05929  -1.29914  1.000 645.98270 ? 102 DA A "C3'" 1 
ATOM 28  O "O3'" . DA A 1 2  ? -17.72042 28.03478  -2.72994  1.000 636.86212 ? 102 DA A "O3'" 1 
ATOM 29  C "C2'" . DA A 1 2  ? -16.02112 28.06903  -0.98608  1.000 664.73210 ? 102 DA A "C2'" 1 
ATOM 30  C "C1'" . DA A 1 2  ? -15.70524 29.55630  -0.92286  1.000 677.25468 ? 102 DA A "C1'" 1 
ATOM 31  N N9    . DA A 1 2  ? -14.59358 29.84508  -0.04426  1.000 695.90793 ? 102 DA A N9    1 
ATOM 32  C C8    . DA A 1 2  ? -14.62809 29.95420  1.31219   1.000 703.15582 ? 102 DA A C8    1 
ATOM 33  N N7    . DA A 1 2  ? -13.46593 30.21354  1.85714   1.000 720.34779 ? 102 DA A N7    1 
ATOM 34  C C5    . DA A 1 2  ? -12.60391 30.26406  0.78389   1.000 724.21922 ? 102 DA A C5    1 
ATOM 35  C C6    . DA A 1 2  ? -11.22040 30.51183  0.68707   1.000 739.60500 ? 102 DA A C6    1 
ATOM 36  N N6    . DA A 1 2  ? -10.42255 30.75282  1.74780   1.000 754.50564 ? 102 DA A N6    1 
ATOM 37  N N1    . DA A 1 2  ? -10.68326 30.50462  -0.54679  1.000 739.06719 ? 102 DA A N1    1 
ATOM 38  C C2    . DA A 1 2  ? -11.47537 30.26814  -1.59748  1.000 724.74038 ? 102 DA A C2    1 
ATOM 39  N N3    . DA A 1 2  ? -12.77968 30.04209  -1.63147  1.000 709.45638 ? 102 DA A N3    1 
ATOM 40  C C4    . DA A 1 2  ? -13.28984 30.05548  -0.40019  1.000 709.77446 ? 102 DA A C4    1 
ATOM 41  P P     . DG A 1 3  ? -17.33646 26.73024  -3.59464  1.000 657.45606 ? 103 DG A P     1 
ATOM 42  O OP1   . DG A 1 3  ? -17.94713 26.82845  -4.93415  1.000 645.46359 ? 103 DG A OP1   1 
ATOM 43  O OP2   . DG A 1 3  ? -17.61536 25.53711  -2.74875  1.000 652.40015 ? 103 DG A OP2   1 
ATOM 44  O "O5'" . DG A 1 3  ? -15.77074 26.88475  -3.85269  1.000 675.25987 ? 103 DG A "O5'" 1 
ATOM 45  C "C5'" . DG A 1 3  ? -15.28974 27.42519  -5.06512  1.000 678.89443 ? 103 DG A "C5'" 1 
ATOM 46  C "C4'" . DG A 1 3  ? -13.90312 26.91311  -5.27192  1.000 691.09552 ? 103 DG A "C4'" 1 
ATOM 47  O "O4'" . DG A 1 3  ? -13.12085 27.30527  -4.11330  1.000 705.25723 ? 103 DG A "O4'" 1 
ATOM 48  C "C3'" . DG A 1 3  ? -13.83128 25.38189  -5.34068  1.000 684.58627 ? 103 DG A "C3'" 1 
ATOM 49  O "O3'" . DG A 1 3  ? -13.07237 24.91619  -6.46154  1.000 687.38160 ? 103 DG A "O3'" 1 
ATOM 50  C "C2'" . DG A 1 3  ? -13.20674 24.95980  -4.01967  1.000 693.00523 ? 103 DG A "C2'" 1 
ATOM 51  C "C1'" . DG A 1 3  ? -12.42796 26.19008  -3.59595  1.000 708.17247 ? 103 DG A "C1'" 1 
ATOM 52  N N9    . DG A 1 3  ? -12.38052 26.29062  -2.15868  1.000 714.12771 ? 103 DG A N9    1 
ATOM 53  C C8    . DG A 1 3  ? -13.44237 26.20025  -1.31284  1.000 706.26298 ? 103 DG A C8    1 
ATOM 54  N N7    . DG A 1 3  ? -13.11904 26.28166  -0.06186  1.000 714.93135 ? 103 DG A N7    1 
ATOM 55  C C5    . DG A 1 3  ? -11.73829 26.41659  -0.08881  1.000 728.86277 ? 103 DG A C5    1 
ATOM 56  C C6    . DG A 1 3  ? -10.84075 26.54567  0.97549   1.000 742.22211 ? 103 DG A C6    1 
ATOM 57  O O6    . DG A 1 3  ? -11.09879 26.55689  2.17811   1.000 745.14907 ? 103 DG A O6    1 
ATOM 58  N N1    . DG A 1 3  ? -9.51424  26.64635  0.53419   1.000 752.70263 ? 103 DG A N1    1 
ATOM 59  C C2    . DG A 1 3  ? -9.12629  26.63349  -0.78854  1.000 750.93762 ? 103 DG A C2    1 
ATOM 60  N N2    . DG A 1 3  ? -7.80592  26.74954  -1.02907  1.000 761.85126 ? 103 DG A N2    1 
ATOM 61  N N3    . DG A 1 3  ? -9.97094  26.51216  -1.80138  1.000 739.21152 ? 103 DG A N3    1 
ATOM 62  C C4    . DG A 1 3  ? -11.25615 26.40836  -1.37440  1.000 728.38875 ? 103 DG A C4    1 
ATOM 63  P P     . DC A 1 4  ? -11.51531 25.29917  -6.68406  1.000 685.11728 ? 104 DC A P     1 
ATOM 64  O OP1   . DC A 1 4  ? -11.29180 26.75360  -6.53310  1.000 694.73211 ? 104 DC A OP1   1 
ATOM 65  O OP2   . DC A 1 4  ? -11.15205 24.65044  -7.95698  1.000 683.02195 ? 104 DC A OP2   1 
ATOM 66  O "O5'" . DC A 1 4  ? -10.65240 24.52880  -5.54745  1.000 692.37340 ? 104 DC A "O5'" 1 
ATOM 67  C "C5'" . DC A 1 4  ? -9.19428  24.76875  -5.48312  1.000 706.69865 ? 104 DC A "C5'" 1 
ATOM 68  C "C4'" . DC A 1 4  ? -8.44638  23.81700  -4.53358  1.000 710.21740 ? 104 DC A "C4'" 1 
ATOM 69  O "O4'" . DC A 1 4  ? -8.57507  24.27066  -3.15114  1.000 714.95648 ? 104 DC A "O4'" 1 
ATOM 70  C "C3'" . DC A 1 4  ? -8.94128  22.37862  -4.50958  1.000 699.22585 ? 104 DC A "C3'" 1 
ATOM 71  O "O3'" . DC A 1 4  ? -8.38245  21.50191  -5.64175  1.000 697.66631 ? 104 DC A "O3'" 1 
ATOM 72  C "C2'" . DC A 1 4  ? -8.59734  21.89124  -3.08573  1.000 702.60428 ? 104 DC A "C2'" 1 
ATOM 73  C "C1'" . DC A 1 4  ? -8.27154  23.18773  -2.29176  1.000 713.64506 ? 104 DC A "C1'" 1 
ATOM 74  N N1    . DC A 1 4  ? -9.02867  23.33188  -0.90296  1.000 712.41160 ? 104 DC A N1    1 
ATOM 75  C C2    . DC A 1 4  ? -8.31289  23.52969  0.31826   1.000 722.80369 ? 104 DC A C2    1 
ATOM 76  O O2    . DC A 1 4  ? -7.08687  23.60381  0.30828   1.000 732.15257 ? 104 DC A O2    1 
ATOM 77  N N3    . DC A 1 4  ? -9.01118  23.63771  1.49608   1.000 722.13126 ? 104 DC A N3    1 
ATOM 78  C C4    . DC A 1 4  ? -10.33452 23.54929  1.49780   1.000 711.19372 ? 104 DC A C4    1 
ATOM 79  N N4    . DC A 1 4  ? -10.98130 23.67355  2.67331   1.000 711.13431 ? 104 DC A N4    1 
ATOM 80  C C5    . DC A 1 4  ? -11.07053 23.34675  0.28813   1.000 699.68082 ? 104 DC A C5    1 
ATOM 81  C C6    . DC A 1 4  ? -10.38842 23.24335  -0.86825  1.000 701.06246 ? 104 DC A C6    1 
ATOM 82  P P     . DA A 1 5  ? -6.81631  21.34893  -6.03680  1.000 717.86498 ? 105 DA A P     1 
ATOM 83  O OP1   . DA A 1 5  ? -6.40374  22.38986  -6.99540  1.000 724.43836 ? 105 DA A OP1   1 
ATOM 84  O OP2   . DA A 1 5  ? -6.54414  19.95199  -6.42630  1.000 713.36194 ? 105 DA A OP2   1 
ATOM 85  O "O5'" . DA A 1 5  ? -6.05612  21.56053  -4.68062  1.000 726.09213 ? 105 DA A "O5'" 1 
ATOM 86  C "C5'" . DA A 1 5  ? -5.11380  22.56774  -4.58571  1.000 737.83762 ? 105 DA A "C5'" 1 
ATOM 87  C "C4'" . DA A 1 5  ? -4.16662  22.25443  -3.46909  1.000 744.01233 ? 105 DA A "C4'" 1 
ATOM 88  O "O4'" . DA A 1 5  ? -4.87833  22.32981  -2.21481  1.000 742.41539 ? 105 DA A "O4'" 1 
ATOM 89  C "C3'" . DA A 1 5  ? -3.57187  20.85191  -3.53732  1.000 739.52232 ? 105 DA A "C3'" 1 
ATOM 90  O "O3'" . DA A 1 5  ? -2.18080  20.92646  -3.30938  1.000 747.74478 ? 105 DA A "O3'" 1 
ATOM 91  C "C2'" . DA A 1 5  ? -4.29584  20.09727  -2.41882  1.000 733.02249 ? 105 DA A "C2'" 1 
ATOM 92  C "C1'" . DA A 1 5  ? -4.55255  21.21632  -1.42797  1.000 739.50714 ? 105 DA A "C1'" 1 
ATOM 93  N N9    . DA A 1 5  ? -5.67284  20.98033  -0.52439  1.000 733.39056 ? 105 DA A N9    1 
ATOM 94  C C8    . DA A 1 5  ? -6.94541  20.69098  -0.87206  1.000 722.97866 ? 105 DA A C8    1 
ATOM 95  N N7    . DA A 1 5  ? -7.76623  20.56630  0.13734   1.000 719.32089 ? 105 DA A N7    1 
ATOM 96  C C5    . DA A 1 5  ? -6.96128  20.76513  1.24252   1.000 728.57069 ? 105 DA A C5    1 
ATOM 97  C C6    . DA A 1 5  ? -7.22502  20.75023  2.63299   1.000 730.84092 ? 105 DA A C6    1 
ATOM 98  N N6    . DA A 1 5  ? -8.42453  20.52085  3.13436   1.000 723.35991 ? 105 DA A N6    1 
ATOM 99  N N1    . DA A 1 5  ? -6.19644  20.98591  3.48404   1.000 741.17270 ? 105 DA A N1    1 
ATOM 100 C C2    . DA A 1 5  ? -4.98200  21.19845  2.95141   1.000 747.83008 ? 105 DA A C2    1 
ATOM 101 N N3    . DA A 1 5  ? -4.62540  21.27634  1.65815   1.000 746.66416 ? 105 DA A N3    1 
ATOM 102 C C4    . DA A 1 5  ? -5.66763  21.03155  0.85284   1.000 737.04383 ? 105 DA A C4    1 
ATOM 103 P P     . DG A 1 6  ? -1.28426  19.59675  -3.29968  1.000 817.77865 ? 106 DG A P     1 
ATOM 104 O OP1   . DG A 1 6  ? 0.07676   19.97298  -3.71914  1.000 825.50214 ? 106 DG A OP1   1 
ATOM 105 O OP2   . DG A 1 6  ? -2.02126  18.53100  -4.01299  1.000 808.13656 ? 106 DG A OP2   1 
ATOM 106 O "O5'" . DG A 1 6  ? -1.15618  19.24702  -1.75331  1.000 818.03025 ? 106 DG A "O5'" 1 
ATOM 107 C "C5'" . DG A 1 6  ? -0.59860  20.21742  -0.87374  1.000 827.49942 ? 106 DG A "C5'" 1 
ATOM 108 C "C4'" . DG A 1 6  ? -0.58978  19.71563  0.55334   1.000 826.62314 ? 106 DG A "C4'" 1 
ATOM 109 O "O4'" . DG A 1 6  ? -1.95483  19.69832  1.07571   1.000 821.84722 ? 106 DG A "O4'" 1 
ATOM 110 C "C3'" . DG A 1 6  ? -0.04814  18.30022  0.71305   1.000 819.86242 ? 106 DG A "C3'" 1 
ATOM 111 O "O3'" . DG A 1 6  ? 0.85177   18.24102  1.79464   1.000 823.97941 ? 106 DG A "O3'" 1 
ATOM 112 C "C2'" . DG A 1 6  ? -1.30219  17.47363  0.98026   1.000 810.86564 ? 106 DG A "C2'" 1 
ATOM 113 C "C1'" . DG A 1 6  ? -2.20362  18.46097  1.71482   1.000 814.41786 ? 106 DG A "C1'" 1 
ATOM 114 N N9    . DG A 1 6  ? -3.66349  18.14177  1.63691   1.000 806.06606 ? 106 DG A N9    1 
ATOM 115 C C8    . DG A 1 6  ? -4.41799  18.06779  0.48296   1.000 799.87519 ? 106 DG A C8    1 
ATOM 116 N N7    . DG A 1 6  ? -5.67409  17.77063  0.68870   1.000 792.29553 ? 106 DG A N7    1 
ATOM 117 C C5    . DG A 1 6  ? -5.78697  17.63716  2.07219   1.000 793.89711 ? 106 DG A C5    1 
ATOM 118 C C6    . DG A 1 6  ? -6.92541  17.32119  2.85894   1.000 788.07564 ? 106 DG A C6    1 
ATOM 119 O O6    . DG A 1 6  ? -8.06615  17.09660  2.46729   1.000 779.59982 ? 106 DG A O6    1 
ATOM 120 N N1    . DG A 1 6  ? -6.64349  17.27989  4.22561   1.000 792.87111 ? 106 DG A N1    1 
ATOM 121 C C2    . DG A 1 6  ? -5.41096  17.51046  4.78118   1.000 801.76216 ? 106 DG A C2    1 
ATOM 122 N N2    . DG A 1 6  ? -5.34629  17.42078  6.13425   1.000 805.40292 ? 106 DG A N2    1 
ATOM 123 N N3    . DG A 1 6  ? -4.30691  17.81096  4.05442   1.000 806.68919 ? 106 DG A N3    1 
ATOM 124 C C4    . DG A 1 6  ? -4.57148  17.85752  2.69580   1.000 802.49886 ? 106 DG A C4    1 
ATOM 125 P P     . DC A 1 7  ? 1.78943   16.95494  1.99204   1.000 717.05837 ? 107 DC A P     1 
ATOM 126 O OP1   . DC A 1 7  ? 2.85951   17.38997  2.91408   1.000 723.51249 ? 107 DC A OP1   1 
ATOM 127 O OP2   . DC A 1 7  ? 2.12729   16.43580  0.64218   1.000 713.14360 ? 107 DC A OP2   1 
ATOM 128 O "O5'" . DC A 1 7  ? 0.86021   15.89293  2.77018   1.000 709.24858 ? 107 DC A "O5'" 1 
ATOM 129 C "C5'" . DC A 1 7  ? 0.52898   16.09332  4.15888   1.000 711.81429 ? 107 DC A "C5'" 1 
ATOM 130 C "C4'" . DC A 1 7  ? -0.78046  15.40114  4.52411   1.000 704.89893 ? 107 DC A "C4'" 1 
ATOM 131 O "O4'" . DC A 1 7  ? -1.78511  15.64965  3.49634   1.000 701.56403 ? 107 DC A "O4'" 1 
ATOM 132 C "C3'" . DC A 1 7  ? -0.71347  13.86683  4.67278   1.000 696.56276 ? 107 DC A "C3'" 1 
ATOM 133 O "O3'" . DC A 1 7  ? -1.34371  13.45499  5.92531   1.000 694.90998 ? 107 DC A "O3'" 1 
ATOM 134 C "C2'" . DC A 1 7  ? -1.51727  13.37140  3.44919   1.000 690.25866 ? 107 DC A "C2'" 1 
ATOM 135 C "C1'" . DC A 1 7  ? -2.54787  14.47534  3.37208   1.000 692.64373 ? 107 DC A "C1'" 1 
ATOM 136 N N1    . DC A 1 7  ? -3.48552  14.52112  2.11912   1.000 687.73571 ? 107 DC A N1    1 
ATOM 137 C C2    . DC A 1 7  ? -4.84480  14.22001  2.30131   1.000 681.30619 ? 107 DC A C2    1 
ATOM 138 O O2    . DC A 1 7  ? -5.18124  13.86924  3.45260   1.000 680.28742 ? 107 DC A O2    1 
ATOM 139 N N3    . DC A 1 7  ? -5.69200  14.26589  1.22214   1.000 676.23074 ? 107 DC A N3    1 
ATOM 140 C C4    . DC A 1 7  ? -5.21340  14.63111  0.01499   1.000 678.32096 ? 107 DC A C4    1 
ATOM 141 N N4    . DC A 1 7  ? -6.06698  14.68008  -1.02046  1.000 673.26412 ? 107 DC A N4    1 
ATOM 142 C C5    . DC A 1 7  ? -3.83352  14.95881  -0.17706  1.000 685.51373 ? 107 DC A C5    1 
ATOM 143 C C6    . DC A 1 7  ? -3.01639  14.88360  0.88855   1.000 689.59609 ? 107 DC A C6    1 
ATOM 144 P P     . DT A 1 8  ? -0.50668  13.34492  7.30180   1.000 698.63641 ? 108 DT A P     1 
ATOM 145 O OP1   . DT A 1 8  ? -0.07921  14.72725  7.63917   1.000 708.66912 ? 108 DT A OP1   1 
ATOM 146 O OP2   . DT A 1 8  ? 0.54059   12.33153  7.09445   1.000 694.04766 ? 108 DT A OP2   1 
ATOM 147 O "O5'" . DT A 1 8  ? -1.57712  12.75739  8.39918   1.000 695.44785 ? 108 DT A "O5'" 1 
ATOM 148 C "C5'" . DT A 1 8  ? -1.69235  11.28514  8.71525   1.000 687.83286 ? 108 DT A "C5'" 1 
ATOM 149 C "C4'" . DT A 1 8  ? -2.75962  10.97698  9.81339   1.000 686.63099 ? 108 DT A "C4'" 1 
ATOM 150 O "O4'" . DT A 1 8  ? -3.99559  11.64561  9.49521   1.000 686.51262 ? 108 DT A "O4'" 1 
ATOM 151 C "C3'" . DT A 1 8  ? -3.11894  9.49278   10.01337  1.000 679.08875 ? 108 DT A "C3'" 1 
ATOM 152 O "O3'" . DT A 1 8  ? -2.79966  9.04357   11.31237  1.000 680.28171 ? 108 DT A "O3'" 1 
ATOM 153 C "C2'" . DT A 1 8  ? -4.62671  9.38176   9.82705   1.000 675.14961 ? 108 DT A "C2'" 1 
ATOM 154 C "C1'" . DT A 1 8  ? -5.07955  10.73481  9.37692   1.000 678.96488 ? 108 DT A "C1'" 1 
ATOM 155 N N1    . DT A 1 8  ? -5.56278  10.74553  7.97710   1.000 674.39853 ? 108 DT A N1    1 
ATOM 156 C C2    . DT A 1 8  ? -6.91191  10.61085  7.71194   1.000 668.77728 ? 108 DT A C2    1 
ATOM 157 O O2    . DT A 1 8  ? -7.75652  10.46761  8.57603   1.000 667.15882 ? 108 DT A O2    1 
ATOM 158 N N3    . DT A 1 8  ? -7.23602  10.65580  6.38445   1.000 664.94782 ? 108 DT A N3    1 
ATOM 159 C C4    . DT A 1 8  ? -6.36311  10.81380  5.32825   1.000 666.84225 ? 108 DT A C4    1 
ATOM 160 O O4    . DT A 1 8  ? -6.73383  10.84691  4.17324   1.000 663.69822 ? 108 DT A O4    1 
ATOM 161 C C5    . DT A 1 8  ? -4.97707  10.94425  5.68182   1.000 672.66047 ? 108 DT A C5    1 
ATOM 162 C C7    . DT A 1 8  ? -3.94329  11.12189  4.61815   1.000 674.92185 ? 108 DT A C7    1 
ATOM 163 C C6    . DT A 1 8  ? -4.65026  10.90163  6.96840   1.000 675.75144 ? 108 DT A C6    1 
ATOM 164 P P     . DG A 1 9  ? -3.16819  7.52406   11.68717  1.000 673.57570 ? 109 DG A P     1 
ATOM 165 O OP1   . DG A 1 9  ? -2.32661  7.04600   12.79940  1.000 674.56167 ? 109 DG A OP1   1 
ATOM 166 O OP2   . DG A 1 9  ? -3.24374  6.78448   10.40698  1.000 667.96372 ? 109 DG A OP2   1 
ATOM 167 O "O5'" . DG A 1 9  ? -4.64975  7.55702   12.24364  1.000 672.85106 ? 109 DG A "O5'" 1 
ATOM 168 C "C5'" . DG A 1 9  ? -5.30166  6.31953   12.46399  1.000 667.35186 ? 109 DG A "C5'" 1 
ATOM 169 C "C4'" . DG A 1 9  ? -6.28317  6.00884   11.34654  1.000 662.03933 ? 109 DG A "C4'" 1 
ATOM 170 O "O4'" . DG A 1 9  ? -5.94549  6.72333   10.14101  1.000 662.69577 ? 109 DG A "O4'" 1 
ATOM 171 C "C3'" . DG A 1 9  ? -6.35272  4.56498   10.86761  1.000 656.67048 ? 109 DG A "C3'" 1 
ATOM 172 O "O3'" . DG A 1 9  ? -7.13174  3.72143   11.80431  1.000 654.71430 ? 109 DG A "O3'" 1 
ATOM 173 C "C2'" . DG A 1 9  ? -7.07003  4.75038   9.50101   1.000 653.46484 ? 109 DG A "C2'" 1 
ATOM 174 C "C1'" . DG A 1 9  ? -6.83303  6.23779   9.16743   1.000 657.35691 ? 109 DG A "C1'" 1 
ATOM 175 N N9    . DG A 1 9  ? -6.41305  6.60067   7.77952   1.000 657.24033 ? 109 DG A N9    1 
ATOM 176 C C8    . DG A 1 9  ? -5.38042  7.42889   7.40124   1.000 661.71380 ? 109 DG A C8    1 
ATOM 177 N N7    . DG A 1 9  ? -5.30232  7.62140   6.10916   1.000 660.83256 ? 109 DG A N7    1 
ATOM 178 C C5    . DG A 1 9  ? -6.37206  6.90906   5.58920   1.000 655.43639 ? 109 DG A C5    1 
ATOM 179 C C6    . DG A 1 9  ? -6.80745  6.73870   4.23939   1.000 652.53845 ? 109 DG A C6    1 
ATOM 180 O O6    . DG A 1 9  ? -6.32418  7.20078   3.19718   1.000 654.31201 ? 109 DG A O6    1 
ATOM 181 N N1    . DG A 1 9  ? -7.93457  5.93637   4.15415   1.000 647.36482 ? 109 DG A N1    1 
ATOM 182 C C2    . DG A 1 9  ? -8.55411  5.36984   5.23592   1.000 645.29301 ? 109 DG A C2    1 
ATOM 183 N N2    . DG A 1 9  ? -9.63194  4.62436   4.97072   1.000 640.37888 ? 109 DG A N2    1 
ATOM 184 N N3    . DG A 1 9  ? -8.16249  5.51266   6.49639   1.000 648.09764 ? 109 DG A N3    1 
ATOM 185 C C4    . DG A 1 9  ? -7.07087  6.28938   6.60154   1.000 653.09900 ? 109 DG A C4    1 
ATOM 186 P P     . DT A 1 10 ? -6.42072  2.69234   12.83823  1.000 655.10087 ? 110 DT A P     1 
ATOM 187 O OP1   . DT A 1 10 ? -7.42703  1.76716   13.41835  1.000 652.67899 ? 110 DT A OP1   1 
ATOM 188 O OP2   . DT A 1 10 ? -5.60511  3.45470   13.80405  1.000 660.02341 ? 110 DT A OP2   1 
ATOM 189 O "O5'" . DT A 1 10 ? -5.40930  1.87653   11.92219  1.000 652.72964 ? 110 DT A "O5'" 1 
ATOM 190 C "C5'" . DT A 1 10 ? -5.72643  0.56126   11.49725  1.000 649.27670 ? 110 DT A "C5'" 1 
ATOM 191 C "C4'" . DT A 1 10 ? -7.07859  0.51176   10.81676  1.000 647.16767 ? 110 DT A "C4'" 1 
ATOM 192 O "O4'" . DT A 1 10 ? -7.15961  1.55137   9.80224   1.000 647.49256 ? 110 DT A "O4'" 1 
ATOM 193 C "C3'" . DT A 1 10 ? -7.36216  -0.78526  10.09550  1.000 644.80077 ? 110 DT A "C3'" 1 
ATOM 194 O "O3'" . DT A 1 10 ? -8.78148  -1.05898  10.11945  1.000 642.67517 ? 110 DT A "O3'" 1 
ATOM 195 C "C2'" . DT A 1 10 ? -6.85590  -0.46026  8.68693   1.000 644.90556 ? 110 DT A "C2'" 1 
ATOM 196 C "C1'" . DT A 1 10 ? -7.35471  0.95960   8.53476   1.000 645.36343 ? 110 DT A "C1'" 1 
ATOM 197 N N1    . DT A 1 10 ? -6.67138  1.84558   7.49099   1.000 646.90665 ? 110 DT A N1    1 
ATOM 198 C C2    . DT A 1 10 ? -7.11839  1.86636   6.18547   1.000 645.53810 ? 110 DT A C2    1 
ATOM 199 O O2    . DT A 1 10 ? -7.99749  1.14388   5.78079   1.000 643.07232 ? 110 DT A O2    1 
ATOM 200 N N3    . DT A 1 10 ? -6.46253  2.76866   5.36469   1.000 647.59190 ? 110 DT A N3    1 
ATOM 201 C C4    . DT A 1 10 ? -5.45485  3.62671   5.72129   1.000 650.88601 ? 110 DT A C4    1 
ATOM 202 O O4    . DT A 1 10 ? -4.92601  4.39450   4.92841   1.000 652.98403 ? 110 DT A O4    1 
ATOM 203 C C5    . DT A 1 10 ? -5.06255  3.56765   7.09890   1.000 652.10366 ? 110 DT A C5    1 
ATOM 204 C C7    . DT A 1 10 ? -3.97300  4.45587   7.60166   1.000 656.01712 ? 110 DT A C7    1 
ATOM 205 C C6    . DT A 1 10 ? -5.66891  2.68205   7.89532   1.000 650.02071 ? 110 DT A C6    1 
ATOM 206 P P     . DG A 1 11 ? -9.39064  -2.30229  10.95114  1.000 642.04968 ? 111 DG A P     1 
ATOM 207 O OP1   . DG A 1 11 ? -10.70728 -1.89426  11.49244  1.000 640.29263 ? 111 DG A OP1   1 
ATOM 208 O OP2   . DG A 1 11 ? -8.37765  -2.82364  11.88996  1.000 643.90520 ? 111 DG A OP2   1 
ATOM 209 O "O5'" . DG A 1 11 ? -9.65041  -3.39856  9.82130   1.000 641.22811 ? 111 DG A "O5'" 1 
ATOM 210 C "C5'" . DG A 1 11 ? -8.74784  -3.49633  8.74187   1.000 642.29463 ? 111 DG A "C5'" 1 
ATOM 211 C "C4'" . DG A 1 11 ? -9.40895  -4.01186  7.48781   1.000 641.93238 ? 111 DG A "C4'" 1 
ATOM 212 O "O4'" . DG A 1 11 ? -9.16579  -3.06329  6.41770   1.000 641.70694 ? 111 DG A "O4'" 1 
ATOM 213 C "C3'" . DG A 1 11 ? -8.81297  -5.31590  6.99963   1.000 644.54038 ? 111 DG A "C3'" 1 
ATOM 214 O "O3'" . DG A 1 11 ? -9.71926  -6.05108  6.21172   1.000 645.28219 ? 111 DG A "O3'" 1 
ATOM 215 C "C2'" . DG A 1 11 ? -7.65268  -4.83193  6.16596   1.000 645.67863 ? 111 DG A "C2'" 1 
ATOM 216 C "C1'" . DG A 1 11 ? -8.23692  -3.60380  5.49787   1.000 644.17929 ? 111 DG A "C1'" 1 
ATOM 217 N N9    . DG A 1 11 ? -7.20607  -2.61950  5.25958   1.000 644.88240 ? 111 DG A N9    1 
ATOM 218 C C8    . DG A 1 11 ? -6.38626  -2.08386  6.20139   1.000 645.03090 ? 111 DG A C8    1 
ATOM 219 N N7    . DG A 1 11 ? -5.52554  -1.23361  5.73252   1.000 646.10995 ? 111 DG A N7    1 
ATOM 220 C C5    . DG A 1 11 ? -5.76885  -1.23190  4.36707   1.000 646.76379 ? 111 DG A C5    1 
ATOM 221 C C6    . DG A 1 11 ? -5.13587  -0.50322  3.32689   1.000 648.37386 ? 111 DG A C6    1 
ATOM 222 O O6    . DG A 1 11 ? -4.20419  0.29441   3.41712   1.000 649.50761 ? 111 DG A O6    1 
ATOM 223 N N1    . DG A 1 11 ? -5.67649  -0.79259  2.07372   1.000 649.06494 ? 111 DG A N1    1 
ATOM 224 C C2    . DG A 1 11 ? -6.71479  -1.66631  1.86338   1.000 648.28302 ? 111 DG A C2    1 
ATOM 225 N N2    . DG A 1 11 ? -7.10242  -1.82379  0.58526   1.000 649.59309 ? 111 DG A N2    1 
ATOM 226 N N3    . DG A 1 11 ? -7.32137  -2.36042  2.83646   1.000 646.76112 ? 111 DG A N3    1 
ATOM 227 C C4    . DG A 1 11 ? -6.80407  -2.08041  4.05750   1.000 646.04138 ? 111 DG A C4    1 
ATOM 228 P P     . DA A 1 12 ? -9.18559  -7.39196  5.50799   1.000 649.57260 ? 112 DA A P     1 
ATOM 229 O OP1   . DA A 1 12 ? -10.21951 -8.44044  5.48371   1.000 651.30560 ? 112 DA A OP1   1 
ATOM 230 O OP2   . DA A 1 12 ? -7.95158  -7.71245  6.24697   1.000 650.11083 ? 112 DA A OP2   1 
ATOM 231 O "O5'" . DA A 1 12 ? -8.87753  -6.94767  3.99678   1.000 651.01480 ? 112 DA A "O5'" 1 
ATOM 232 C "C5'" . DA A 1 12 ? -9.96629  -6.70632  3.10654   1.000 650.33606 ? 112 DA A "C5'" 1 
ATOM 233 C "C4'" . DA A 1 12 ? -9.54912  -6.82178  1.64919   1.000 653.97623 ? 112 DA A "C4'" 1 
ATOM 234 O "O4'" . DA A 1 12 ? -8.83605  -5.62418  1.27079   1.000 652.54476 ? 112 DA A "O4'" 1 
ATOM 235 C "C3'" . DA A 1 12 ? -8.64505  -8.00858  1.33988   1.000 659.54270 ? 112 DA A "C3'" 1 
ATOM 236 O "O3'" . DA A 1 12 ? -9.14067  -8.84098  0.24042   1.000 664.68121 ? 112 DA A "O3'" 1 
ATOM 237 C "C2'" . DA A 1 12 ? -7.27959  -7.41323  1.06297   1.000 659.64236 ? 112 DA A "C2'" 1 
ATOM 238 C "C1'" . DA A 1 12 ? -7.50010  -5.90867  0.93544   1.000 655.78716 ? 112 DA A "C1'" 1 
ATOM 239 N N9    . DA A 1 12 ? -6.61492  -5.20262  1.83409   1.000 653.27583 ? 112 DA A N9    1 
ATOM 240 C C8    . DA A 1 12 ? -6.59433  -5.32143  3.18150   1.000 651.03240 ? 112 DA A C8    1 
ATOM 241 N N7    . DA A 1 12 ? -5.64673  -4.63618  3.76478   1.000 649.64190 ? 112 DA A N7    1 
ATOM 242 C C5    . DA A 1 12 ? -4.96571  -4.05301  2.71995   1.000 651.00201 ? 112 DA A C5    1 
ATOM 243 C C6    . DA A 1 12 ? -3.85934  -3.18605  2.68214   1.000 650.70193 ? 112 DA A C6    1 
ATOM 244 N N6    . DA A 1 12 ? -3.21379  -2.76089  3.77886   1.000 648.86628 ? 112 DA A N6    1 
ATOM 245 N N1    . DA A 1 12 ? -3.43874  -2.77290  1.47312   1.000 652.74905 ? 112 DA A N1    1 
ATOM 246 C C2    . DA A 1 12 ? -4.09221  -3.19292  0.38046   1.000 655.07227 ? 112 DA A C2    1 
ATOM 247 N N3    . DA A 1 12 ? -5.14837  -4.00412  0.29194   1.000 655.63997 ? 112 DA A N3    1 
ATOM 248 C C4    . DA A 1 12 ? -5.54364  -4.39762  1.51144   1.000 653.37996 ? 112 DA A C4    1 
ATOM 249 P P     . DC A 1 13 ? -9.16716  -8.35701  -1.30151  1.000 667.13998 ? 113 DC A P     1 
ATOM 250 O OP1   . DC A 1 13 ? -10.08909 -7.20737  -1.39073  1.000 661.35738 ? 113 DC A OP1   1 
ATOM 251 O OP2   . DC A 1 13 ? -9.39533  -9.56319  -2.12772  1.000 674.45334 ? 113 DC A OP2   1 
ATOM 252 O "O5'" . DC A 1 13 ? -7.68227  -7.89168  -1.67366  1.000 668.39809 ? 113 DC A "O5'" 1 
ATOM 253 C "C5'" . DC A 1 13 ? -7.48479  -6.65748  -2.37463  1.000 666.57692 ? 113 DC A "C5'" 1 
ATOM 254 C "C4'" . DC A 1 13 ? -6.69812  -6.87239  -3.65290  1.000 672.37233 ? 113 DC A "C4'" 1 
ATOM 255 O "O4'" . DC A 1 13 ? -5.42435  -6.17920  -3.58199  1.000 671.15830 ? 113 DC A "O4'" 1 
ATOM 256 C "C3'" . DC A 1 13 ? -6.35122  -8.31076  -3.95341  1.000 678.96596 ? 113 DC A "C3'" 1 
ATOM 257 O "O3'" . DC A 1 13 ? -6.25148  -8.50719  -5.36096  1.000 685.39004 ? 113 DC A "O3'" 1 
ATOM 258 C "C2'" . DC A 1 13 ? -4.99813  -8.48677  -3.26176  1.000 677.56887 ? 113 DC A "C2'" 1 
ATOM 259 C "C1'" . DC A 1 13 ? -4.38341  -7.07693  -3.26070  1.000 673.17307 ? 113 DC A "C1'" 1 
ATOM 260 N N1    . DC A 1 13 ? -3.85495  -6.69925  -1.91740  1.000 667.54197 ? 113 DC A N1    1 
ATOM 261 C C2    . DC A 1 13 ? -2.67168  -5.92930  -1.75058  1.000 665.07165 ? 113 DC A C2    1 
ATOM 262 O O2    . DC A 1 13 ? -2.03171  -5.53268  -2.72675  1.000 667.36775 ? 113 DC A O2    1 
ATOM 263 N N3    . DC A 1 13 ? -2.26825  -5.63014  -0.48155  1.000 660.40392 ? 113 DC A N3    1 
ATOM 264 C C4    . DC A 1 13 ? -2.96045  -6.07483  0.55647   1.000 658.48416 ? 113 DC A C4    1 
ATOM 265 N N4    . DC A 1 13 ? -2.54762  -5.75203  1.78655   1.000 654.52951 ? 113 DC A N4    1 
ATOM 266 C C5    . DC A 1 13 ? -4.13379  -6.85115  0.39277   1.000 660.82403 ? 113 DC A C5    1 
ATOM 267 C C6    . DC A 1 13 ? -4.53787  -7.12876  -0.83684  1.000 665.15941 ? 113 DC A C6    1 
ATOM 268 P P     . DG A 1 14 ? -6.90997  -9.80104  -6.04916  1.000 693.53008 ? 114 DG A P     1 
ATOM 269 O OP1   . DG A 1 14 ? -8.32558  -9.53993  -6.38198  1.000 692.08539 ? 114 DG A OP1   1 
ATOM 270 O OP2   . DG A 1 14 ? -6.63239  -10.93616 -5.15959  1.000 695.19496 ? 114 DG A OP2   1 
ATOM 271 O "O5'" . DG A 1 14 ? -6.02950  -9.99659  -7.36649  1.000 701.24403 ? 114 DG A "O5'" 1 
ATOM 272 C "C5'" . DG A 1 14 ? -4.65883  -10.33780 -7.24363  1.000 702.73622 ? 114 DG A "C5'" 1 
ATOM 273 C "C4'" . DG A 1 14 ? -3.76607  -9.31434  -7.91867  1.000 701.57822 ? 114 DG A "C4'" 1 
ATOM 274 O "O4'" . DG A 1 14 ? -3.26842  -8.37856  -6.92129  1.000 692.89006 ? 114 DG A "O4'" 1 
ATOM 275 C "C3'" . DG A 1 14 ? -2.50543  -9.90599  -8.51648  1.000 706.97715 ? 114 DG A "C3'" 1 
ATOM 276 O "O3'" . DG A 1 14 ? -1.94456  -8.99784  -9.42222  1.000 707.84273 ? 114 DG A "O3'" 1 
ATOM 277 C "C2'" . DG A 1 14 ? -1.65014  -9.99197  -7.28358  1.000 700.09744 ? 114 DG A "C2'" 1 
ATOM 278 C "C1'" . DG A 1 14 ? -1.88466  -8.60222  -6.75434  1.000 692.39881 ? 114 DG A "C1'" 1 
ATOM 279 N N9    . DG A 1 14 ? -1.54955  -8.47197  -5.36592  1.000 685.10892 ? 114 DG A N9    1 
ATOM 280 C C8    . DG A 1 14 ? -2.12673  -9.11408  -4.31569  1.000 682.91929 ? 114 DG A C8    1 
ATOM 281 N N7    . DG A 1 14 ? -1.60564  -8.79879  -3.17085  1.000 676.46379 ? 114 DG A N7    1 
ATOM 282 C C5    . DG A 1 14 ? -0.60561  -7.90848  -3.50071  1.000 674.27402 ? 114 DG A C5    1 
ATOM 283 C C6    . DG A 1 14 ? 0.31794   -7.24332  -2.68505  1.000 668.14336 ? 114 DG A C6    1 
ATOM 284 O O6    . DG A 1 14 ? 0.43530   -7.29754  -1.46003  1.000 663.26718 ? 114 DG A O6    1 
ATOM 285 N N1    . DG A 1 14 ? 1.18012   -6.46034  -3.42710  1.000 668.38536 ? 114 DG A N1    1 
ATOM 286 C C2    . DG A 1 14 ? 1.13105   -6.30988  -4.77574  1.000 673.92648 ? 114 DG A C2    1 
ATOM 287 N N2    . DG A 1 14 ? 2.04343   -5.49748  -5.30427  1.000 673.50266 ? 114 DG A N2    1 
ATOM 288 N N3    . DG A 1 14 ? 0.27424   -6.93061  -5.55624  1.000 679.85531 ? 114 DG A N3    1 
ATOM 289 C C4    . DG A 1 14 ? -0.55898  -7.70682  -4.85062  1.000 679.56890 ? 114 DG A C4    1 
ATOM 290 P P     . DG A 1 15 ? -0.42911  -9.18426  -9.92374  1.000 710.40352 ? 115 DG A P     1 
ATOM 291 O OP1   . DG A 1 15 ? -0.43353  -8.78258  -11.34319 1.000 717.21400 ? 115 DG A OP1   1 
ATOM 292 O OP2   . DG A 1 15 ? 0.06802   -10.52960 -9.58149  1.000 713.26589 ? 115 DG A OP2   1 
ATOM 293 O "O5'" . DG A 1 15 ? 0.42455   -8.15059  -9.04945  1.000 700.77859 ? 115 DG A "O5'" 1 
ATOM 294 C "C5'" . DG A 1 15 ? 1.68587   -7.67007  -9.55105  1.000 700.44422 ? 115 DG A "C5'" 1 
ATOM 295 C "C4'" . DG A 1 15 ? 2.77811   -7.83054  -8.51576  1.000 693.18153 ? 115 DG A "C4'" 1 
ATOM 296 O "O4'" . DG A 1 15 ? 2.16607   -7.81450  -7.21441  1.000 687.24006 ? 115 DG A "O4'" 1 
ATOM 297 C "C3'" . DG A 1 15 ? 3.52261   -9.15926  -8.57831  1.000 695.56059 ? 115 DG A "C3'" 1 
ATOM 298 O "O3'" . DG A 1 15 ? 4.71232   -9.10172  -9.42540  1.000 697.38045 ? 115 DG A "O3'" 1 
ATOM 299 C "C2'" . DG A 1 15 ? 3.87255   -9.45890  -7.12188  1.000 686.94742 ? 115 DG A "C2'" 1 
ATOM 300 C "C1'" . DG A 1 15 ? 2.99062   -8.50002  -6.30927  1.000 682.37044 ? 115 DG A "C1'" 1 
ATOM 301 N N9    . DG A 1 15 ? 2.16728   -9.20754  -5.32114  1.000 680.95833 ? 115 DG A N9    1 
ATOM 302 C C8    . DG A 1 15 ? 1.12414   -10.06583 -5.57053  1.000 687.05084 ? 115 DG A C8    1 
ATOM 303 N N7    . DG A 1 15 ? 0.60150   -10.58900 -4.48745  1.000 684.25690 ? 115 DG A N7    1 
ATOM 304 C C5    . DG A 1 15 ? 1.37980   -10.07930 -3.45192  1.000 675.86155 ? 115 DG A C5    1 
ATOM 305 C C6    . DG A 1 15 ? 1.29129   -10.27464 -2.03615  1.000 669.96772 ? 115 DG A C6    1 
ATOM 306 O O6    . DG A 1 15 ? 0.50436   -10.99284 -1.39038  1.000 670.96939 ? 115 DG A O6    1 
ATOM 307 N N1    . DG A 1 15 ? 2.28208   -9.55278  -1.35076  1.000 662.58710 ? 115 DG A N1    1 
ATOM 308 C C2    . DG A 1 15 ? 3.20275   -8.72650  -1.95066  1.000 661.04438 ? 115 DG A C2    1 
ATOM 309 N N2    . DG A 1 15 ? 4.07365   -8.11078  -1.12556  1.000 653.89590 ? 115 DG A N2    1 
ATOM 310 N N3    . DG A 1 15 ? 3.27041   -8.51148  -3.26245  1.000 666.46248 ? 115 DG A N3    1 
ATOM 311 C C4    . DG A 1 15 ? 2.34791   -9.22707  -3.95099  1.000 673.71381 ? 115 DG A C4    1 
ATOM 312 P P     . DA A 1 16 ? 5.70737   -7.83825  -9.44806  1.000 691.47690 ? 116 DA A P     1 
ATOM 313 O OP1   . DA A 1 16 ? 5.08228   -6.78050  -10.26459 1.000 695.77182 ? 116 DA A OP1   1 
ATOM 314 O OP2   . DA A 1 16 ? 7.02185   -8.34653  -9.89170  1.000 691.17890 ? 116 DA A OP2   1 
ATOM 315 O "O5'" . DA A 1 16 ? 5.83623   -7.40014  -7.91662  1.000 681.14282 ? 116 DA A "O5'" 1 
ATOM 316 C "C5'" . DA A 1 16 ? 6.15925   -6.06411  -7.58602  1.000 676.29307 ? 116 DA A "C5'" 1 
ATOM 317 C "C4'" . DA A 1 16 ? 7.22171   -6.02329  -6.50240  1.000 667.04663 ? 116 DA A "C4'" 1 
ATOM 318 O "O4'" . DA A 1 16 ? 6.63511   -6.45232  -5.24047  1.000 662.85792 ? 116 DA A "O4'" 1 
ATOM 319 C "C3'" . DA A 1 16 ? 8.42773   -6.92966  -6.76771  1.000 664.81641 ? 116 DA A "C3'" 1 
ATOM 320 O "O3'" . DA A 1 16 ? 9.65243   -6.20116  -6.75909  1.000 659.19026 ? 116 DA A "O3'" 1 
ATOM 321 C "C2'" . DA A 1 16 ? 8.40599   -7.92450  -5.63291  1.000 659.45307 ? 116 DA A "C2'" 1 
ATOM 322 C "C1'" . DA A 1 16 ? 7.52350   -7.30221  -4.56029  1.000 656.77756 ? 116 DA A "C1'" 1 
ATOM 323 N N9    . DA A 1 16 ? 6.75999   -8.35896  -3.93258  1.000 657.60743 ? 116 DA A N9    1 
ATOM 324 C C8    . DA A 1 16 ? 5.79112   -9.08120  -4.54795  1.000 665.59333 ? 116 DA A C8    1 
ATOM 325 N N7    . DA A 1 16 ? 5.30307   -10.04932 -3.82443  1.000 665.33840 ? 116 DA A N7    1 
ATOM 326 C C5    . DA A 1 16 ? 6.01542   -9.98648  -2.64498  1.000 656.23528 ? 116 DA A C5    1 
ATOM 327 C C6    . DA A 1 16 ? 5.94321   -10.76068 -1.47743  1.000 651.85284 ? 116 DA A C6    1 
ATOM 328 N N6    . DA A 1 16 ? 5.07620   -11.76073 -1.33913  1.000 656.77084 ? 116 DA A N6    1 
ATOM 329 N N1    . DA A 1 16 ? 6.79539   -10.47634 -0.47363  1.000 642.59704 ? 116 DA A N1    1 
ATOM 330 C C2    . DA A 1 16 ? 7.66464   -9.45640  -0.62932  1.000 638.20773 ? 116 DA A C2    1 
ATOM 331 N N3    . DA A 1 16 ? 7.82282   -8.63937  -1.69712  1.000 642.05923 ? 116 DA A N3    1 
ATOM 332 C C4    . DA A 1 16 ? 6.95233   -8.96786  -2.68561  1.000 651.12701 ? 116 DA A C4    1 
ATOM 333 P P     . DC A 1 17 ? 11.04586  -6.95432  -7.06150  1.000 654.85630 ? 117 DC A P     1 
ATOM 334 O OP1   . DC A 1 17 ? 12.10738  -5.94467  -7.25485  1.000 650.51042 ? 117 DC A OP1   1 
ATOM 335 O OP2   . DC A 1 17 ? 10.74992  -7.92801  -8.13239  1.000 663.63375 ? 117 DC A OP2   1 
ATOM 336 O "O5'" . DC A 1 17 ? 11.37899  -7.76939  -5.72601  1.000 645.50788 ? 117 DC A "O5'" 1 
ATOM 337 C "C5'" . DC A 1 17 ? 11.53858  -7.10201  -4.49024  1.000 637.48292 ? 117 DC A "C5'" 1 
ATOM 338 C "C4'" . DC A 1 17 ? 11.43331  -8.09034  -3.34172  1.000 631.69285 ? 117 DC A "C4'" 1 
ATOM 339 O "O4'" . DC A 1 17 ? 10.18956  -8.86242  -3.42885  1.000 639.25111 ? 117 DC A "O4'" 1 
ATOM 340 C "C3'" . DC A 1 17 ? 12.56054  -9.13308  -3.27526  1.000 624.59945 ? 117 DC A "C3'" 1 
ATOM 341 O "O3'" . DC A 1 17 ? 13.01305  -9.24340  -1.93562  1.000 614.07633 ? 117 DC A "O3'" 1 
ATOM 342 C "C2'" . DC A 1 17 ? 11.85237  -10.42280 -3.70477  1.000 632.07056 ? 117 DC A "C2'" 1 
ATOM 343 C "C1'" . DC A 1 17 ? 10.49304  -10.19554 -3.06717  1.000 636.37502 ? 117 DC A "C1'" 1 
ATOM 344 N N1    . DC A 1 17 ? 9.37787   -11.18537 -3.51630  1.000 646.36998 ? 117 DC A N1    1 
ATOM 345 C C2    . DC A 1 17 ? 9.00898   -12.28246 -2.68549  1.000 645.22695 ? 117 DC A C2    1 
ATOM 346 O O2    . DC A 1 17 ? 9.56726   -12.44785 -1.59189  1.000 635.84830 ? 117 DC A O2    1 
ATOM 347 N N3    . DC A 1 17 ? 8.03552   -13.13276 -3.11096  1.000 654.82794 ? 117 DC A N3    1 
ATOM 348 C C4    . DC A 1 17 ? 7.44131   -12.93508 -4.29037  1.000 664.70439 ? 117 DC A C4    1 
ATOM 349 N N4    . DC A 1 17 ? 6.49266   -13.79462 -4.66653  1.000 674.13109 ? 117 DC A N4    1 
ATOM 350 C C5    . DC A 1 17 ? 7.79381   -11.84500 -5.14063  1.000 665.64235 ? 117 DC A C5    1 
ATOM 351 C C6    . DC A 1 17 ? 8.75642   -11.01038 -4.72176  1.000 656.60421 ? 117 DC A C6    1 
ATOM 352 P P     . DA A 1 18 ? 14.53560  -8.92820  -1.53460  1.000 615.87314 ? 118 DA A P     1 
ATOM 353 O OP1   . DA A 1 18 ? 14.44474  -7.63697  -0.79885  1.000 613.80594 ? 118 DA A OP1   1 
ATOM 354 O OP2   . DA A 1 18 ? 15.33731  -9.01159  -2.78745  1.000 617.21493 ? 118 DA A OP2   1 
ATOM 355 O "O5'" . DA A 1 18 ? 14.93640  -10.14369 -0.50895  1.000 606.35147 ? 118 DA A "O5'" 1 
ATOM 356 C "C5'" . DA A 1 18 ? 14.22413  -10.29087 0.76555   1.000 604.71698 ? 118 DA A "C5'" 1 
ATOM 357 C "C4'" . DA A 1 18 ? 14.16413  -11.73801 1.33315   1.000 601.40476 ? 118 DA A "C4'" 1 
ATOM 358 O "O4'" . DA A 1 18 ? 13.19923  -12.57567 0.66106   1.000 612.59271 ? 118 DA A "O4'" 1 
ATOM 359 C "C3'" . DA A 1 18 ? 15.43437  -12.56052 1.46162   1.000 589.95849 ? 118 DA A "C3'" 1 
ATOM 360 O "O3'" . DA A 1 18 ? 15.42749  -13.02347 2.80870   1.000 582.27347 ? 118 DA A "O3'" 1 
ATOM 361 C "C2'" . DA A 1 18 ? 15.22700  -13.70591 0.43047   1.000 597.72474 ? 118 DA A "C2'" 1 
ATOM 362 C "C1'" . DA A 1 18 ? 13.71287  -13.88131 0.47760   1.000 610.12977 ? 118 DA A "C1'" 1 
ATOM 363 N N9    . DA A 1 18 ? 13.05824  -14.33602 -0.74075  1.000 623.14087 ? 118 DA A N9    1 
ATOM 364 C C8    . DA A 1 18 ? 12.95275  -13.62403 -1.89625  1.000 630.47302 ? 118 DA A C8    1 
ATOM 365 N N7    . DA A 1 18 ? 12.21764  -14.19971 -2.81339  1.000 642.58474 ? 118 DA A N7    1 
ATOM 366 C C5    . DA A 1 18 ? 11.73536  -15.33484 -2.19223  1.000 643.97977 ? 118 DA A C5    1 
ATOM 367 C C6    . DA A 1 18 ? 10.88934  -16.37226 -2.64307  1.000 655.43332 ? 118 DA A C6    1 
ATOM 368 N N6    . DA A 1 18 ? 10.36451  -16.40515 -3.86302  1.000 667.66175 ? 118 DA A N6    1 
ATOM 369 N N1    . DA A 1 18 ? 10.59870  -17.36440 -1.78489  1.000 654.26696 ? 118 DA A N1    1 
ATOM 370 C C2    . DA A 1 18 ? 11.14537  -17.31122 -0.55845  1.000 641.81366 ? 118 DA A C2    1 
ATOM 371 N N3    . DA A 1 18 ? 11.97001  -16.39523 -0.02883  1.000 630.08653 ? 118 DA A N3    1 
ATOM 372 C C4    . DA A 1 18 ? 12.22322  -15.42564 -0.90330  1.000 632.07747 ? 118 DA A C4    1 
ATOM 373 P P     . DT A 1 19 ? 16.26298  -14.29452 3.29550   1.000 557.03927 ? 119 DT A P     1 
ATOM 374 O OP1   . DT A 1 19 ? 16.14580  -14.32469 4.77289   1.000 549.91370 ? 119 DT A OP1   1 
ATOM 375 O OP2   . DT A 1 19 ? 17.53700  -14.34270 2.54777   1.000 549.20804 ? 119 DT A OP2   1 
ATOM 376 O "O5'" . DT A 1 19 ? 15.42415  -15.54867 2.85102   1.000 567.39898 ? 119 DT A "O5'" 1 
ATOM 377 C "C5'" . DT A 1 19 ? 15.56073  -16.71525 3.58904   1.000 562.08862 ? 119 DT A "C5'" 1 
ATOM 378 C "C4'" . DT A 1 19 ? 15.49956  -17.90590 2.68319   1.000 569.17154 ? 119 DT A "C4'" 1 
ATOM 379 O "O4'" . DT A 1 19 ? 14.78040  -17.58117 1.49677   1.000 583.38843 ? 119 DT A "O4'" 1 
ATOM 380 C "C3'" . DT A 1 19 ? 16.83955  -18.40345 2.18190   1.000 559.49653 ? 119 DT A "C3'" 1 
ATOM 381 O "O3'" . DT A 1 19 ? 17.26834  -19.47697 3.00779   1.000 550.40383 ? 119 DT A "O3'" 1 
ATOM 382 C "C2'" . DT A 1 19 ? 16.56393  -18.83443 0.72093   1.000 572.97665 ? 119 DT A "C2'" 1 
ATOM 383 C "C1'" . DT A 1 19 ? 15.06636  -18.58863 0.57920   1.000 588.34625 ? 119 DT A "C1'" 1 
ATOM 384 N N1    . DT A 1 19 ? 14.66776  -18.12413 -0.71408  1.000 600.36316 ? 119 DT A N1    1 
ATOM 385 C C2    . DT A 1 19 ? 13.73580  -18.83259 -1.42580  1.000 615.39605 ? 119 DT A C2    1 
ATOM 386 O O2    . DT A 1 19 ? 13.25528  -19.86768 -1.04155  1.000 619.50172 ? 119 DT A O2    1 
ATOM 387 N N3    . DT A 1 19 ? 13.41803  -18.30793 -2.62784  1.000 625.73281 ? 119 DT A N3    1 
ATOM 388 C C4    . DT A 1 19 ? 13.92426  -17.15309 -3.16457  1.000 622.71316 ? 119 DT A C4    1 
ATOM 389 O O4    . DT A 1 19 ? 13.56537  -16.74128 -4.25046  1.000 632.83318 ? 119 DT A O4    1 
ATOM 390 C C5    . DT A 1 19 ? 14.88113  -16.44646 -2.34241  1.000 607.19720 ? 119 DT A C5    1 
ATOM 391 C C7    . DT A 1 19 ? 15.50749  -15.17730 -2.81812  1.000 603.38653 ? 119 DT A C7    1 
ATOM 392 C C6    . DT A 1 19 ? 15.19483  -16.96345 -1.17191  1.000 596.87939 ? 119 DT A C6    1 
ATOM 393 P P     . DC A 1 20 ? 16.59609  -20.94041 2.92171   1.000 565.20637 ? 120 DC A P     1 
ATOM 394 O OP1   . DC A 1 20 ? 15.15151  -20.86191 2.61645   1.000 582.42620 ? 120 DC A OP1   1 
ATOM 395 O OP2   . DC A 1 20 ? 16.90876  -21.62091 4.19788   1.000 553.88327 ? 120 DC A OP2   1 
ATOM 396 O "O5'" . DC A 1 20 ? 17.42455  -21.63987 1.73504   1.000 565.97734 ? 120 DC A "O5'" 1 
ATOM 397 C "C5'" . DC A 1 20 ? 17.54171  -23.04852 1.67402   1.000 568.02749 ? 120 DC A "C5'" 1 
ATOM 398 C "C4'" . DC A 1 20 ? 16.20640  -23.69142 1.96116   1.000 582.47325 ? 120 DC A "C4'" 1 
ATOM 399 O "O4'" . DC A 1 20 ? 15.17032  -23.02996 1.18493   1.000 597.86156 ? 120 DC A "O4'" 1 
ATOM 400 C "C3'" . DC A 1 20 ? 16.08826  -25.10911 1.52407   1.000 591.41852 ? 120 DC A "C3'" 1 
ATOM 401 O "O3'" . DC A 1 20 ? 14.88926  -25.61732 2.08660   1.000 602.05873 ? 120 DC A "O3'" 1 
ATOM 402 C "C2'" . DC A 1 20 ? 15.94889  -24.89753 0.01535   1.000 604.65347 ? 120 DC A "C2'" 1 
ATOM 403 C "C1'" . DC A 1 20 ? 14.89521  -23.79112 0.01398   1.000 612.28353 ? 120 DC A "C1'" 1 
ATOM 404 N N1    . DC A 1 20 ? 14.93305  -22.83967 -1.16749  1.000 618.27950 ? 120 DC A N1    1 
ATOM 405 C C2    . DC A 1 20 ? 14.10987  -23.02992 -2.31839  1.000 636.59779 ? 120 DC A C2    1 
ATOM 406 O O2    . DC A 1 20 ? 13.36522  -24.00682 -2.40959  1.000 648.46483 ? 120 DC A O2    1 
ATOM 407 N N3    . DC A 1 20 ? 14.17164  -22.11422 -3.32308  1.000 641.01599 ? 120 DC A N3    1 
ATOM 408 C C4    . DC A 1 20 ? 14.97535  -21.07369 -3.21285  1.000 628.91937 ? 120 DC A C4    1 
ATOM 409 N N4    . DC A 1 20 ? 15.00509  -20.19902 -4.20756  1.000 634.14935 ? 120 DC A N4    1 
ATOM 410 C C5    . DC A 1 20 ? 15.80096  -20.86795 -2.07327  1.000 610.98157 ? 120 DC A C5    1 
ATOM 411 C C6    . DC A 1 20 ? 15.72889  -21.74554 -1.08073  1.000 606.16027 ? 120 DC A C6    1 
ATOM 412 P P     . DA A 1 21 ? 14.36865  -27.07716 1.68728   1.000 622.67552 ? 121 DA A P     1 
ATOM 413 O OP1   . DA A 1 21 ? 13.26226  -27.44729 2.61098   1.000 628.94767 ? 121 DA A OP1   1 
ATOM 414 O OP2   . DA A 1 21 ? 15.61670  -27.87130 1.60878   1.000 612.30803 ? 121 DA A OP2   1 
ATOM 415 O "O5'" . DA A 1 21 ? 13.77948  -26.89852 0.20114   1.000 640.73332 ? 121 DA A "O5'" 1 
ATOM 416 C "C5'" . DA A 1 21 ? 13.50298  -28.02930 -0.62185  1.000 656.13101 ? 121 DA A "C5'" 1 
ATOM 417 C "C4'" . DA A 1 21 ? 14.54606  -28.19192 -1.71985  1.000 655.40006 ? 121 DA A "C4'" 1 
ATOM 418 O "O4'" . DA A 1 21 ? 14.70520  -26.98337 -2.49178  1.000 654.79027 ? 121 DA A "O4'" 1 
ATOM 419 C "C3'" . DA A 1 21 ? 15.95152  -28.54660 -1.24394  1.000 636.73955 ? 121 DA A "C3'" 1 
ATOM 420 O "O3'" . DA A 1 21 ? 16.18687  -29.91741 -1.49715  1.000 643.13235 ? 121 DA A "O3'" 1 
ATOM 421 C "C2'" . DA A 1 21 ? 16.88789  -27.62478 -2.06662  1.000 629.18077 ? 121 DA A "C2'" 1 
ATOM 422 C "C1'" . DA A 1 21 ? 15.94622  -27.08551 -3.13742  1.000 647.59252 ? 121 DA A "C1'" 1 
ATOM 423 N N9    . DA A 1 21 ? 16.32690  -25.78601 -3.70653  1.000 642.85025 ? 121 DA A N9    1 
ATOM 424 C C8    . DA A 1 21 ? 17.14551  -24.85090 -3.14334  1.000 624.79148 ? 121 DA A C8    1 
ATOM 425 N N7    . DA A 1 21 ? 17.31459  -23.78165 -3.88578  1.000 625.76783 ? 121 DA A N7    1 
ATOM 426 C C5    . DA A 1 21 ? 16.55327  -24.02781 -5.02502  1.000 645.37817 ? 121 DA A C5    1 
ATOM 427 C C6    . DA A 1 21 ? 16.31919  -23.27509 -6.20825  1.000 655.85386 ? 121 DA A C6    1 
ATOM 428 N N6    . DA A 1 21 ? 16.85133  -22.07909 -6.42841  1.000 647.90513 ? 121 DA A N6    1 
ATOM 429 N N1    . DA A 1 21 ? 15.51980  -23.81582 -7.17078  1.000 675.38833 ? 121 DA A N1    1 
ATOM 430 C C2    . DA A 1 21 ? 14.99733  -25.02703 -6.93517  1.000 684.08704 ? 121 DA A C2    1 
ATOM 431 N N3    . DA A 1 21 ? 15.15255  -25.82666 -5.86688  1.000 676.11207 ? 121 DA A N3    1 
ATOM 432 C C4    . DA A 1 21 ? 15.94082  -25.25528 -4.93396  1.000 656.21986 ? 121 DA A C4    1 
ATOM 433 P P     . DC B 2 1  ? 2.54024   -9.68892  7.74476   1.000 630.62445 ? 119 DC B P     1 
ATOM 434 O OP1   . DC B 2 1  ? 2.32760   -8.79908  8.91589   1.000 628.75148 ? 119 DC B OP1   1 
ATOM 435 O OP2   . DC B 2 1  ? 1.57466   -9.76764  6.62602   1.000 637.15718 ? 119 DC B OP2   1 
ATOM 436 O "O5'" . DC B 2 1  ? 3.97882   -9.41935  7.13488   1.000 626.18896 ? 119 DC B "O5'" 1 
ATOM 437 C "C5'" . DC B 2 1  ? 4.95617   -10.40292 7.20525   1.000 621.47337 ? 119 DC B "C5'" 1 
ATOM 438 C "C4'" . DC B 2 1  ? 6.09139   -9.97417  6.35040   1.000 618.41744 ? 119 DC B "C4'" 1 
ATOM 439 O "O4'" . DC B 2 1  ? 6.07053   -10.73995 5.12571   1.000 622.78232 ? 119 DC B "O4'" 1 
ATOM 440 C "C3'" . DC B 2 1  ? 6.01952   -8.51443  5.99441   1.000 620.33515 ? 119 DC B "C3'" 1 
ATOM 441 O "O3'" . DC B 2 1  ? 7.12081   -7.82054  6.65349   1.000 613.46242 ? 119 DC B "O3'" 1 
ATOM 442 C "C2'" . DC B 2 1  ? 6.08018   -8.48266  4.45147   1.000 624.96473 ? 119 DC B "C2'" 1 
ATOM 443 C "C1'" . DC B 2 1  ? 5.92028   -9.92990  4.00106   1.000 627.37943 ? 119 DC B "C1'" 1 
ATOM 444 N N1    . DC B 2 1  ? 4.62479   -10.37587 3.29808   1.000 636.24992 ? 119 DC B N1    1 
ATOM 445 C C2    . DC B 2 1  ? 4.37301   -10.10619 1.93126   1.000 642.37612 ? 119 DC B C2    1 
ATOM 446 O O2    . DC B 2 1  ? 5.13279   -9.38474  1.29723   1.000 641.10927 ? 119 DC B O2    1 
ATOM 447 N N3    . DC B 2 1  ? 3.21914   -10.58926 1.36103   1.000 649.83505 ? 119 DC B N3    1 
ATOM 448 C C4    . DC B 2 1  ? 2.39329   -11.35635 2.06796   1.000 651.32980 ? 119 DC B C4    1 
ATOM 449 N N4    . DC B 2 1  ? 1.26792   -11.81037 1.47683   1.000 658.56136 ? 119 DC B N4    1 
ATOM 450 C C5    . DC B 2 1  ? 2.65994   -11.66862 3.43019   1.000 645.55137 ? 119 DC B C5    1 
ATOM 451 C C6    . DC B 2 1  ? 3.78077   -11.18946 3.98240   1.000 638.17864 ? 119 DC B C6    1 
ATOM 452 P P     . DC B 2 2  ? 6.88635   -6.51084  7.57009   1.000 614.70184 ? 120 DC B P     1 
ATOM 453 O OP1   . DC B 2 2  ? 7.72366   -6.54127  8.79688   1.000 607.54348 ? 120 DC B OP1   1 
ATOM 454 O OP2   . DC B 2 2  ? 5.43367   -6.31114  7.71930   1.000 621.31824 ? 120 DC B OP2   1 
ATOM 455 O "O5'" . DC B 2 2  ? 7.46598   -5.38004  6.63116   1.000 616.10381 ? 120 DC B "O5'" 1 
ATOM 456 C "C5'" . DC B 2 2  ? 8.13957   -5.78672  5.44262   1.000 615.29141 ? 120 DC B "C5'" 1 
ATOM 457 C "C4'" . DC B 2 2  ? 7.59394   -5.04873  4.25081   1.000 622.45199 ? 120 DC B "C4'" 1 
ATOM 458 O "O4'" . DC B 2 2  ? 6.74588   -5.91516  3.42962   1.000 627.58871 ? 120 DC B "O4'" 1 
ATOM 459 C "C3'" . DC B 2 2  ? 6.72463   -3.86605  4.62775   1.000 627.02593 ? 120 DC B "C3'" 1 
ATOM 460 O "O3'" . DC B 2 2  ? 6.92865   -2.85741  3.70292   1.000 630.44200 ? 120 DC B "O3'" 1 
ATOM 461 C "C2'" . DC B 2 2  ? 5.32374   -4.44078  4.49964   1.000 631.74617 ? 120 DC B "C2'" 1 
ATOM 462 C "C1'" . DC B 2 2  ? 5.50907   -5.26195  3.24187   1.000 633.63893 ? 120 DC B "C1'" 1 
ATOM 463 N N1    . DC B 2 2  ? 4.39866   -6.24478  2.98741   1.000 637.80104 ? 120 DC B N1    1 
ATOM 464 C C2    . DC B 2 2  ? 4.09682   -6.62411  1.67301   1.000 643.02236 ? 120 DC B C2    1 
ATOM 465 O O2    . DC B 2 2  ? 4.78473   -6.18528  0.74246   1.000 643.94215 ? 120 DC B O2    1 
ATOM 466 N N3    . DC B 2 2  ? 3.06948   -7.47714  1.45723   1.000 647.34551 ? 120 DC B N3    1 
ATOM 467 C C4    . DC B 2 2  ? 2.35091   -7.92724  2.48408   1.000 646.36803 ? 120 DC B C4    1 
ATOM 468 N N4    . DC B 2 2  ? 1.34972   -8.76970  2.21948   1.000 650.96619 ? 120 DC B N4    1 
ATOM 469 C C5    . DC B 2 2  ? 2.63404   -7.54467  3.82675   1.000 641.12947 ? 120 DC B C5    1 
ATOM 470 C C6    . DC B 2 2  ? 3.63061   -6.68345  4.02660   1.000 637.24370 ? 120 DC B C6    1 
ATOM 471 P P     . DG B 2 3  ? 7.02350   -1.33619  4.18822   1.000 648.24641 ? 121 DG B P     1 
ATOM 472 O OP1   . DG B 2 3  ? 8.32988   -1.21138  4.88022   1.000 642.16879 ? 121 DG B OP1   1 
ATOM 473 O OP2   . DG B 2 3  ? 5.79276   -1.05975  4.97420   1.000 651.41046 ? 121 DG B OP2   1 
ATOM 474 O "O5'" . DG B 2 3  ? 7.01177   -0.51456  2.79698   1.000 653.44967 ? 121 DG B "O5'" 1 
ATOM 475 C "C5'" . DG B 2 3  ? 7.84503   -0.95748  1.70089   1.000 652.38354 ? 121 DG B "C5'" 1 
ATOM 476 C "C4'" . DG B 2 3  ? 7.05999   -1.10393  0.39461   1.000 658.34291 ? 121 DG B "C4'" 1 
ATOM 477 O "O4'" . DG B 2 3  ? 6.07199   -2.17542  0.50150   1.000 659.27501 ? 121 DG B "O4'" 1 
ATOM 478 C "C3'" . DG B 2 3  ? 6.29439   0.13788   -0.04484  1.000 664.11345 ? 121 DG B "C3'" 1 
ATOM 479 O "O3'" . DG B 2 3  ? 6.44052   0.32616   -1.44462  1.000 668.12371 ? 121 DG B "O3'" 1 
ATOM 480 C "C2'" . DG B 2 3  ? 4.84654   -0.18845  0.33787   1.000 665.82623 ? 121 DG B "C2'" 1 
ATOM 481 C "C1'" . DG B 2 3  ? 4.79231   -1.69517  0.11819   1.000 664.40215 ? 121 DG B "C1'" 1 
ATOM 482 N N9    . DG B 2 3  ? 3.75157   -2.39327  0.91804   1.000 663.81179 ? 121 DG B N9    1 
ATOM 483 C C8    . DG B 2 3  ? 3.68549   -2.48251  2.29381   1.000 660.32007 ? 121 DG B C8    1 
ATOM 484 N N7    . DG B 2 3  ? 2.65907   -3.16712  2.73235   1.000 660.92529 ? 121 DG B N7    1 
ATOM 485 C C5    . DG B 2 3  ? 1.99056   -3.56229  1.58108   1.000 664.92431 ? 121 DG B C5    1 
ATOM 486 C C6    . DG B 2 3  ? 0.80488   -4.32848  1.43741   1.000 667.30724 ? 121 DG B C6    1 
ATOM 487 O O6    . DG B 2 3  ? 0.10065   -4.81486  2.32585   1.000 666.23586 ? 121 DG B O6    1 
ATOM 488 N N1    . DG B 2 3  ? 0.45419   -4.50880  0.09730   1.000 671.64470 ? 121 DG B N1    1 
ATOM 489 C C2    . DG B 2 3  ? 1.16345   -4.00928  -0.97086  1.000 673.66419 ? 121 DG B C2    1 
ATOM 490 N N2    . DG B 2 3  ? 0.66495   -4.27074  -2.19186  1.000 678.47155 ? 121 DG B N2    1 
ATOM 491 N N3    . DG B 2 3  ? 2.28496   -3.28667  -0.85377  1.000 671.41185 ? 121 DG B N3    1 
ATOM 492 C C4    . DG B 2 3  ? 2.64048   -3.10046  0.44889   1.000 666.94229 ? 121 DG B C4    1 
ATOM 493 P P     . DT B 2 4  ? 5.71213   1.55745   -2.17357  1.000 657.32043 ? 122 DT B P     1 
ATOM 494 O OP1   . DT B 2 4  ? 6.31760   1.75860   -3.49877  1.000 660.58987 ? 122 DT B OP1   1 
ATOM 495 O OP2   . DT B 2 4  ? 5.67432   2.67710   -1.21734  1.000 657.26304 ? 122 DT B OP2   1 
ATOM 496 O "O5'" . DT B 2 4  ? 4.23184   1.03258   -2.41994  1.000 659.45543 ? 122 DT B "O5'" 1 
ATOM 497 C "C5'" . DT B 2 4  ? 3.31025   1.81277   -3.15383  1.000 663.52849 ? 122 DT B "C5'" 1 
ATOM 498 C "C4'" . DT B 2 4  ? 2.05616   1.00939   -3.40164  1.000 664.14570 ? 122 DT B "C4'" 1 
ATOM 499 O "O4'" . DT B 2 4  ? 1.79062   0.16960   -2.24837  1.000 660.48914 ? 122 DT B "O4'" 1 
ATOM 500 C "C3'" . DT B 2 4  ? 0.77095   1.80973   -3.62978  1.000 665.50690 ? 122 DT B "C3'" 1 
ATOM 501 O "O3'" . DT B 2 4  ? 0.02085   1.14821   -4.63006  1.000 667.70337 ? 122 DT B "O3'" 1 
ATOM 502 C "C2'" . DT B 2 4  ? 0.07251   1.70305   -2.26755  1.000 661.95185 ? 122 DT B "C2'" 1 
ATOM 503 C "C1'" . DT B 2 4  ? 0.42146   0.26891   -1.94386  1.000 660.30575 ? 122 DT B "C1'" 1 
ATOM 504 N N1    . DT B 2 4  ? 0.15524   -0.22283  -0.50376  1.000 656.70804 ? 122 DT B N1    1 
ATOM 505 C C2    . DT B 2 4  ? -0.88687  -1.10395  -0.29281  1.000 656.18345 ? 122 DT B C2    1 
ATOM 506 O O2    . DT B 2 4  ? -1.63524  -1.47181  -1.18229  1.000 658.30597 ? 122 DT B O2    1 
ATOM 507 N N3    . DT B 2 4  ? -1.04264  -1.53239  1.00719   1.000 653.35931 ? 122 DT B N3    1 
ATOM 508 C C4    . DT B 2 4  ? -0.27063  -1.19519  2.10423   1.000 651.01126 ? 122 DT B C4    1 
ATOM 509 O O4    . DT B 2 4  ? -0.49903  -1.63939  3.23612   1.000 648.90450 ? 122 DT B O4    1 
ATOM 510 C C5    . DT B 2 4  ? 0.81945   -0.28107  1.82422   1.000 651.53436 ? 122 DT B C5    1 
ATOM 511 C C7    . DT B 2 4  ? 1.72514   0.16223   2.93528   1.000 649.32469 ? 122 DT B C7    1 
ATOM 512 C C6    . DT B 2 4  ? 0.98656   0.15191   0.54396   1.000 654.35281 ? 122 DT B C6    1 
ATOM 513 P P     . DC B 2 5  ? -0.81647  1.97417   -5.71458  1.000 670.25850 ? 123 DC B P     1 
ATOM 514 O OP1   . DC B 2 5  ? -0.43391  1.48829   -7.06238  1.000 674.79642 ? 123 DC B OP1   1 
ATOM 515 O OP2   . DC B 2 5  ? -0.65370  3.39399   -5.36629  1.000 669.93054 ? 123 DC B OP2   1 
ATOM 516 O "O5'" . DC B 2 5  ? -2.34296  1.60553   -5.39761  1.000 667.53386 ? 123 DC B "O5'" 1 
ATOM 517 C "C5'" . DC B 2 5  ? -3.32222  1.76124   -6.41774  1.000 668.55870 ? 123 DC B "C5'" 1 
ATOM 518 C "C4'" . DC B 2 5  ? -4.68956  1.27779   -5.96741  1.000 664.83759 ? 123 DC B "C4'" 1 
ATOM 519 O "O4'" . DC B 2 5  ? -4.63193  0.81882   -4.58843  1.000 661.92411 ? 123 DC B "O4'" 1 
ATOM 520 C "C3'" . DC B 2 5  ? -5.76785  2.34804   -5.99575  1.000 661.06901 ? 123 DC B "C3'" 1 
ATOM 521 O "O3'" . DC B 2 5  ? -7.01857  1.77483   -6.32722  1.000 658.63258 ? 123 DC B "O3'" 1 
ATOM 522 C "C2'" . DC B 2 5  ? -5.74864  2.84511   -4.56658  1.000 657.74802 ? 123 DC B "C2'" 1 
ATOM 523 C "C1'" . DC B 2 5  ? -5.56622  1.53596   -3.82071  1.000 657.55230 ? 123 DC B "C1'" 1 
ATOM 524 N N1    . DC B 2 5  ? -4.99722  1.70495   -2.48876  1.000 656.24322 ? 123 DC B N1    1 
ATOM 525 C C2    . DC B 2 5  ? -5.47610  0.94829   -1.40846  1.000 653.67661 ? 123 DC B C2    1 
ATOM 526 O O2    . DC B 2 5  ? -6.40225  0.15203   -1.58206  1.000 652.50683 ? 123 DC B O2    1 
ATOM 527 N N3    . DC B 2 5  ? -4.91493  1.12736   -0.18908  1.000 652.85016 ? 123 DC B N3    1 
ATOM 528 C C4    . DC B 2 5  ? -3.91920  1.99468   -0.04533  1.000 654.48428 ? 123 DC B C4    1 
ATOM 529 N N4    . DC B 2 5  ? -3.39203  2.14616   1.16910   1.000 653.86745 ? 123 DC B N4    1 
ATOM 530 C C5    . DC B 2 5  ? -3.42070  2.75948   -1.13632  1.000 657.19105 ? 123 DC B C5    1 
ATOM 531 C C6    . DC B 2 5  ? -3.97998  2.57900   -2.32451  1.000 657.98505 ? 123 DC B C6    1 
ATOM 532 P P     . DA B 2 6  ? -8.06303  2.61584   -7.20929  1.000 655.68749 ? 124 DA B P     1 
ATOM 533 O OP1   . DA B 2 6  ? -9.08820  1.69821   -7.74930  1.000 654.49158 ? 124 DA B OP1   1 
ATOM 534 O OP2   . DA B 2 6  ? -7.28851  3.48172   -8.12627  1.000 659.64967 ? 124 DA B OP2   1 
ATOM 535 O "O5'" . DA B 2 6  ? -8.76498  3.56229   -6.14294  1.000 649.35368 ? 124 DA B "O5'" 1 
ATOM 536 C "C5'" . DA B 2 6  ? -10.04279 3.23965   -5.66775  1.000 643.30829 ? 124 DA B "C5'" 1 
ATOM 537 C "C4'" . DA B 2 6  ? -9.95496  2.46754   -4.37202  1.000 642.77903 ? 124 DA B "C4'" 1 
ATOM 538 O "O4'" . DA B 2 6  ? -8.69423  2.71518   -3.74533  1.000 646.64041 ? 124 DA B "O4'" 1 
ATOM 539 C "C3'" . DA B 2 6  ? -10.97161 2.87299   -3.32281  1.000 636.32853 ? 124 DA B "C3'" 1 
ATOM 540 O "O3'" . DA B 2 6  ? -12.13549 2.10387   -3.46737  1.000 632.17224 ? 124 DA B "O3'" 1 
ATOM 541 C "C2'" . DA B 2 6  ? -10.26256 2.56780   -2.00012  1.000 638.43020 ? 124 DA B "C2'" 1 
ATOM 542 C "C1'" . DA B 2 6  ? -8.81249  2.32256   -2.41031  1.000 644.76076 ? 124 DA B "C1'" 1 
ATOM 543 N N9    . DA B 2 6  ? -7.84799  3.05032   -1.60546  1.000 646.76846 ? 124 DA B N9    1 
ATOM 544 C C8    . DA B 2 6  ? -7.02374  4.05628   -2.00139  1.000 649.78951 ? 124 DA B C8    1 
ATOM 545 N N7    . DA B 2 6  ? -6.24720  4.50279   -1.04549  1.000 651.49217 ? 124 DA B N7    1 
ATOM 546 C C5    . DA B 2 6  ? -6.60024  3.73707   0.05475   1.000 649.24660 ? 124 DA B C5    1 
ATOM 547 C C6    . DA B 2 6  ? -6.15888  3.72726   1.40306   1.000 649.66319 ? 124 DA B C6    1 
ATOM 548 N N6    . DA B 2 6  ? -5.21680  4.53791   1.87198   1.000 652.63491 ? 124 DA B N6    1 
ATOM 549 N N1    . DA B 2 6  ? -6.72533  2.83700   2.24712   1.000 647.28258 ? 124 DA B N1    1 
ATOM 550 C C2    . DA B 2 6  ? -7.66477  2.02831   1.75826   1.000 644.81939 ? 124 DA B C2    1 
ATOM 551 N N3    . DA B 2 6  ? -8.16093  1.95704   0.52250   1.000 644.20809 ? 124 DA B N3    1 
ATOM 552 C C4    . DA B 2 6  ? -7.58829  2.84942   -0.27887  1.000 646.40671 ? 124 DA B C4    1 
ATOM 553 P P     . DC B 2 7  ? -13.43613 2.76835   -4.11549  1.000 624.81618 ? 125 DC B P     1 
ATOM 554 O OP1   . DC B 2 7  ? -14.37541 1.75283   -4.62161  1.000 622.41664 ? 125 DC B OP1   1 
ATOM 555 O OP2   . DC B 2 7  ? -12.92359 3.78747   -5.02837  1.000 626.74614 ? 125 DC B OP2   1 
ATOM 556 O "O5'" . DC B 2 7  ? -14.13590 3.47505   -2.89780  1.000 618.53265 ? 125 DC B "O5'" 1 
ATOM 557 C "C5'" . DC B 2 7  ? -14.72121 2.69820   -1.94905  1.000 616.04437 ? 125 DC B "C5'" 1 
ATOM 558 C "C4'" . DC B 2 7  ? -14.19051 3.06983   -0.60627  1.000 618.01284 ? 125 DC B "C4'" 1 
ATOM 559 O "O4'" . DC B 2 7  ? -12.78741 3.42810   -0.67487  1.000 625.04213 ? 125 DC B "O4'" 1 
ATOM 560 C "C3'" . DC B 2 7  ? -14.86284 4.27640   0.01680   1.000 612.66829 ? 125 DC B "C3'" 1 
ATOM 561 O "O3'" . DC B 2 7  ? -15.19821 3.94127   1.28964   1.000 611.52803 ? 125 DC B "O3'" 1 
ATOM 562 C "C2'" . DC B 2 7  ? -13.74944 5.32223   0.03062   1.000 618.33463 ? 125 DC B "C2'" 1 
ATOM 563 C "C1'" . DC B 2 7  ? -12.61730 4.40174   0.30922   1.000 625.06973 ? 125 DC B "C1'" 1 
ATOM 564 N N1    . DC B 2 7  ? -11.25948 4.98323   0.26574   1.000 631.60734 ? 125 DC B N1    1 
ATOM 565 C C2    . DC B 2 7  ? -10.47190 4.91546   1.41850   1.000 635.36036 ? 125 DC B C2    1 
ATOM 566 O O2    . DC B 2 7  ? -10.94097 4.39608   2.42180   1.000 633.51307 ? 125 DC B O2    1 
ATOM 567 N N3    . DC B 2 7  ? -9.22089  5.42446   1.40765   1.000 640.82181 ? 125 DC B N3    1 
ATOM 568 C C4    . DC B 2 7  ? -8.75652  5.98041   0.30289   1.000 642.98215 ? 125 DC B C4    1 
ATOM 569 N N4    . DC B 2 7  ? -7.51571  6.47556   0.33697   1.000 648.27069 ? 125 DC B N4    1 
ATOM 570 C C5    . DC B 2 7  ? -9.54152  6.05912   -0.88885  1.000 639.75672 ? 125 DC B C5    1 
ATOM 571 C C6    . DC B 2 7  ? -10.78373 5.55837   -0.85908  1.000 633.87803 ? 125 DC B C6    1 
ATOM 572 P P     . DA B 2 8  ? -15.98753 4.99233   2.17953   1.000 606.47962 ? 126 DA B P     1 
ATOM 573 O OP1   . DA B 2 8  ? -16.64150 4.27484   3.27854   1.000 604.10097 ? 126 DA B OP1   1 
ATOM 574 O OP2   . DA B 2 8  ? -16.81372 5.70985   1.19625   1.000 599.55427 ? 126 DA B OP2   1 
ATOM 575 O "O5'" . DA B 2 8  ? -14.84448 5.91122   2.83286   1.000 613.81527 ? 126 DA B "O5'" 1 
ATOM 576 C "C5'" . DA B 2 8  ? -14.75908 6.03913   4.25514   1.000 616.19705 ? 126 DA B "C5'" 1 
ATOM 577 C "C4'" . DA B 2 8  ? -14.47026 7.47737   4.69078   1.000 619.35685 ? 126 DA B "C4'" 1 
ATOM 578 O "O4'" . DA B 2 8  ? -13.40580 8.04873   3.90721   1.000 624.80243 ? 126 DA B "O4'" 1 
ATOM 579 C "C3'" . DA B 2 8  ? -15.63921 8.47177   4.57476   1.000 612.58963 ? 126 DA B "C3'" 1 
ATOM 580 O "O3'" . DA B 2 8  ? -16.12024 8.80452   5.87425   1.000 612.65378 ? 126 DA B "O3'" 1 
ATOM 581 C "C2'" . DA B 2 8  ? -15.04579 9.70672   3.86687   1.000 616.31856 ? 126 DA B "C2'" 1 
ATOM 582 C "C1'" . DA B 2 8  ? -13.55370 9.45041   3.97450   1.000 625.77933 ? 126 DA B "C1'" 1 
ATOM 583 N N9    . DA B 2 8  ? -12.76093 10.06946  2.91987   1.000 629.63313 ? 126 DA B N9    1 
ATOM 584 C C8    . DA B 2 8  ? -13.20234 10.63018  1.74544   1.000 625.75190 ? 126 DA B C8    1 
ATOM 585 N N7    . DA B 2 8  ? -12.23217 11.10185  0.99492   1.000 631.52007 ? 126 DA B N7    1 
ATOM 586 C C5    . DA B 2 8  ? -11.08638 10.80143  1.71421   1.000 638.91666 ? 126 DA B C5    1 
ATOM 587 C C6    . DA B 2 8  ? -9.72491  11.03564  1.46436   1.000 646.60517 ? 126 DA B C6    1 
ATOM 588 N N6    . DA B 2 8  ? -9.27116  11.65548  0.36143   1.000 649.12900 ? 126 DA B N6    1 
ATOM 589 N N1    . DA B 2 8  ? -8.84894  10.63686  2.40740   1.000 651.34166 ? 126 DA B N1    1 
ATOM 590 C C2    . DA B 2 8  ? -9.31162  10.03062  3.50876   1.000 649.18631 ? 126 DA B C2    1 
ATOM 591 N N3    . DA B 2 8  ? -10.55651 9.76300   3.85264   1.000 642.96628 ? 126 DA B N3    1 
ATOM 592 C C4    . DA B 2 8  ? -11.40307 10.18001  2.90566   1.000 637.73334 ? 126 DA B C4    1 
ATOM 593 P P     . DG C 3 1  ? -17.54145 14.26217  4.84290   1.000 607.81796 ? 210 DG C P     1 
ATOM 594 O OP1   . DG C 3 1  ? -18.21600 15.50759  5.22320   1.000 606.27158 ? 210 DG C OP1   1 
ATOM 595 O OP2   . DG C 3 1  ? -16.74699 14.15545  3.61184   1.000 610.26417 ? 210 DG C OP2   1 
ATOM 596 O "O5'" . DG C 3 1  ? -16.56535 13.86821  6.01151   1.000 618.88017 ? 210 DG C "O5'" 1 
ATOM 597 C "C5'" . DG C 3 1  ? -15.96835 12.62787  5.96863   1.000 620.35796 ? 210 DG C "C5'" 1 
ATOM 598 C "C4'" . DG C 3 1  ? -14.91164 12.49499  7.03996   1.000 631.05900 ? 210 DG C "C4'" 1 
ATOM 599 O "O4'" . DG C 3 1  ? -13.87821 11.59875  6.56881   1.000 634.19756 ? 210 DG C "O4'" 1 
ATOM 600 C "C3'" . DG C 3 1  ? -14.20995 13.78434  7.43164   1.000 640.99925 ? 210 DG C "C3'" 1 
ATOM 601 O "O3'" . DG C 3 1  ? -14.70683 14.21038  8.67495   1.000 643.58415 ? 210 DG C "O3'" 1 
ATOM 602 C "C2'" . DG C 3 1  ? -12.76331 13.34915  7.57435   1.000 649.54299 ? 210 DG C "C2'" 1 
ATOM 603 C "C1'" . DG C 3 1  ? -12.64441 12.25147  6.55922   1.000 643.65059 ? 210 DG C "C1'" 1 
ATOM 604 N N9    . DG C 3 1  ? -12.40224 12.67719  5.19595   1.000 642.60866 ? 210 DG C N9    1 
ATOM 605 C C8    . DG C 3 1  ? -13.33504 12.75069  4.19783   1.000 634.18290 ? 210 DG C C8    1 
ATOM 606 N N7    . DG C 3 1  ? -12.85045 13.11309  3.05977   1.000 635.56671 ? 210 DG C N7    1 
ATOM 607 C C5    . DG C 3 1  ? -11.49729 13.28357  3.30233   1.000 645.33992 ? 210 DG C C5    1 
ATOM 608 C C6    . DG C 3 1  ? -10.46077 13.67733  2.41672   1.000 650.95525 ? 210 DG C C6    1 
ATOM 609 O O6    . DG C 3 1  ? -10.53857 13.93786  1.20467   1.000 648.89484 ? 210 DG C O6    1 
ATOM 610 N N1    . DG C 3 1  ? -9.22715  13.70698  3.05193   1.000 659.48388 ? 210 DG C N1    1 
ATOM 611 C C2    . DG C 3 1  ? -9.02442  13.40868  4.37508   1.000 662.37864 ? 210 DG C C2    1 
ATOM 612 N N2    . DG C 3 1  ? -7.78022  13.54210  4.82987   1.000 670.15972 ? 210 DG C N2    1 
ATOM 613 N N3    . DG C 3 1  ? -9.99296  13.05581  5.22370   1.000 657.95134 ? 210 DG C N3    1 
ATOM 614 C C4    . DG C 3 1  ? -11.19696 13.00016  4.61282   1.000 649.41501 ? 210 DG C C4    1 
ATOM 615 P P     . DC C 3 2  ? -15.39364 15.64055  8.82304   1.000 644.38950 ? 211 DC C P     1 
ATOM 616 O OP1   . DC C 3 2  ? -16.82597 15.50770  9.18665   1.000 634.37000 ? 211 DC C OP1   1 
ATOM 617 O OP2   . DC C 3 2  ? -15.07094 16.22799  7.52373   1.000 643.65376 ? 211 DC C OP2   1 
ATOM 618 O "O5'" . DC C 3 2  ? -14.52355 16.35933  9.97030   1.000 658.82860 ? 211 DC C "O5'" 1 
ATOM 619 C "C5'" . DC C 3 2  ? -13.30324 17.03565  9.61385   1.000 669.01137 ? 211 DC C "C5'" 1 
ATOM 620 C "C4'" . DC C 3 2  ? -12.12860 16.66266  10.51835  1.000 679.08540 ? 211 DC C "C4'" 1 
ATOM 621 O "O4'" . DC C 3 2  ? -11.34560 15.61031  9.90127   1.000 676.09085 ? 211 DC C "O4'" 1 
ATOM 622 C "C3'" . DC C 3 2  ? -11.16237 17.81456  10.82416  1.000 692.77759 ? 211 DC C "C3'" 1 
ATOM 623 O "O3'" . DC C 3 2  ? -11.12795 18.04938  12.23802  1.000 701.17584 ? 211 DC C "O3'" 1 
ATOM 624 C "C2'" . DC C 3 2  ? -9.78971  17.37489  10.28168  1.000 696.06495 ? 211 DC C "C2'" 1 
ATOM 625 C "C1'" . DC C 3 2  ? -10.04220 16.05946  9.56023   1.000 684.51125 ? 211 DC C "C1'" 1 
ATOM 626 N N1    . DC C 3 2  ? -9.97798  16.10251  8.07740   1.000 679.47649 ? 211 DC C N1    1 
ATOM 627 C C2    . DC C 3 2  ? -8.78072  16.33942  7.34761   1.000 684.81101 ? 211 DC C C2    1 
ATOM 628 O O2    . DC C 3 2  ? -7.72244  16.60028  7.91332   1.000 693.69587 ? 211 DC C O2    1 
ATOM 629 N N3    . DC C 3 2  ? -8.85247  16.31734  5.99625   1.000 679.90507 ? 211 DC C N3    1 
ATOM 630 C C4    . DC C 3 2  ? -10.00648 16.06850  5.40122   1.000 670.19080 ? 211 DC C C4    1 
ATOM 631 N N4    . DC C 3 2  ? -10.05006 16.04977  4.07974   1.000 665.97900 ? 211 DC C N4    1 
ATOM 632 C C5    . DC C 3 2  ? -11.18101 15.80639  6.12220   1.000 664.08077 ? 211 DC C C5    1 
ATOM 633 C C6    . DC C 3 2  ? -11.11547 15.84329  7.42697   1.000 669.12419 ? 211 DC C C6    1 
ATOM 634 P P     . DT C 3 3  ? -10.21649 19.20438  12.90595  1.000 717.42843 ? 212 DT C P     1 
ATOM 635 O OP1   . DT C 3 3  ? -9.09690  18.53555  13.56953  1.000 722.72742 ? 212 DT C OP1   1 
ATOM 636 O OP2   . DT C 3 3  ? -11.10552 20.00832  13.77810  1.000 722.13883 ? 212 DT C OP2   1 
ATOM 637 O "O5'" . DT C 3 3  ? -9.57695  20.03318  11.67777  1.000 720.51327 ? 212 DT C "O5'" 1 
ATOM 638 C "C5'" . DT C 3 3  ? -8.92476  21.30809  11.90216  1.000 734.64783 ? 212 DT C "C5'" 1 
ATOM 639 C "C4'" . DT C 3 3  ? -7.40474  21.17483  11.99422  1.000 742.87696 ? 212 DT C "C4'" 1 
ATOM 640 O "O4'" . DT C 3 3  ? -6.95394  20.09010  11.15545  1.000 733.06842 ? 212 DT C "O4'" 1 
ATOM 641 C "C3'" . DT C 3 3  ? -6.60676  22.42714  11.60454  1.000 755.09512 ? 212 DT C "C3'" 1 
ATOM 642 O "O3'" . DT C 3 3  ? -5.96436  22.98669  12.80608  1.000 769.62406 ? 212 DT C "O3'" 1 
ATOM 643 C "C2'" . DT C 3 3  ? -5.59482  21.95191  10.54769  1.000 751.37006 ? 212 DT C "C2'" 1 
ATOM 644 C "C1'" . DT C 3 3  ? -5.99964  20.51924  10.21233  1.000 736.74435 ? 212 DT C "C1'" 1 
ATOM 645 N N1    . DT C 3 3  ? -6.59090  20.27976  8.86174   1.000 726.09880 ? 212 DT C N1    1 
ATOM 646 C C2    . DT C 3 3  ? -5.81657  20.32539  7.71647   1.000 725.82926 ? 212 DT C C2    1 
ATOM 647 O O2    . DT C 3 3  ? -4.64106  20.60316  7.71627   1.000 733.65614 ? 212 DT C O2    1 
ATOM 648 N N3    . DT C 3 3  ? -6.49893  19.99114  6.57103   1.000 715.62826 ? 212 DT C N3    1 
ATOM 649 C C4    . DT C 3 3  ? -7.81722  19.67022  6.47057   1.000 705.75979 ? 212 DT C C4    1 
ATOM 650 O O4    . DT C 3 3  ? -8.33750  19.38277  5.42446   1.000 697.15822 ? 212 DT C O4    1 
ATOM 651 C C5    . DT C 3 3  ? -8.54302  19.62484  7.68919   1.000 705.90303 ? 212 DT C C5    1 
ATOM 652 C C7    . DT C 3 3  ? -9.99208  19.28262  7.66476   1.000 694.72954 ? 212 DT C C7    1 
ATOM 653 C C6    . DT C 3 3  ? -7.90685  19.91541  8.81007   1.000 716.14877 ? 212 DT C C6    1 
ATOM 654 P P     . DG C 3 4  ? -4.71816  24.01625  12.75687  1.000 774.64868 ? 213 DG C P     1 
ATOM 655 O OP1   . DG C 3 4  ? -3.48421  23.28730  12.43562  1.000 776.88414 ? 213 DG C OP1   1 
ATOM 656 O OP2   . DG C 3 4  ? -4.74165  24.81202  14.00606  1.000 771.91543 ? 213 DG C OP2   1 
ATOM 657 O "O5'" . DG C 3 4  ? -5.03172  24.99459  11.54965  1.000 776.43751 ? 213 DG C "O5'" 1 
ATOM 658 C "C5'" . DG C 3 4  ? -4.02360  25.88284  11.11114  1.000 777.76672 ? 213 DG C "C5'" 1 
ATOM 659 C "C4'" . DG C 3 4  ? -3.26048  25.26692  9.96310   1.000 779.87916 ? 213 DG C "C4'" 1 
ATOM 660 O "O4'" . DG C 3 4  ? -4.05168  24.18514  9.42102   1.000 772.58108 ? 213 DG C "O4'" 1 
ATOM 661 C "C3'" . DG C 3 4  ? -2.95110  26.22720  8.82441   1.000 779.53810 ? 213 DG C "C3'" 1 
ATOM 662 O "O3'" . DG C 3 4  ? -1.53299  26.32748  8.61632   1.000 780.24761 ? 213 DG C "O3'" 1 
ATOM 663 C "C2'" . DG C 3 4  ? -3.67734  25.65255  7.60048   1.000 778.96399 ? 213 DG C "C2'" 1 
ATOM 664 C "C1'" . DG C 3 4  ? -4.17452  24.27604  8.02597   1.000 766.22913 ? 213 DG C "C1'" 1 
ATOM 665 N N9    . DG C 3 4  ? -5.57716  24.05548  7.67168   1.000 754.94274 ? 213 DG C N9    1 
ATOM 666 C C8    . DG C 3 4  ? -6.64519  23.98581  8.52287   1.000 751.98159 ? 213 DG C C8    1 
ATOM 667 N N7    . DG C 3 4  ? -7.78386  23.79815  7.92303   1.000 740.40976 ? 213 DG C N7    1 
ATOM 668 C C5    . DG C 3 4  ? -7.45460  23.76861  6.57507   1.000 736.11594 ? 213 DG C C5    1 
ATOM 669 C C6    . DG C 3 4  ? -8.27897  23.60665  5.42906   1.000 724.36126 ? 213 DG C C6    1 
ATOM 670 O O6    . DG C 3 4  ? -9.50100  23.46094  5.37421   1.000 714.36860 ? 213 DG C O6    1 
ATOM 671 N N1    . DG C 3 4  ? -7.54427  23.63266  4.23991   1.000 724.71169 ? 213 DG C N1    1 
ATOM 672 C C2    . DG C 3 4  ? -6.18608  23.79876  4.18074   1.000 734.62350 ? 213 DG C C2    1 
ATOM 673 N N2    . DG C 3 4  ? -5.64278  23.83561  2.94817   1.000 733.80580 ? 213 DG C N2    1 
ATOM 674 N N3    . DG C 3 4  ? -5.40104  23.94786  5.24803   1.000 744.77623 ? 213 DG C N3    1 
ATOM 675 C C4    . DG C 3 4  ? -6.10154  23.92583  6.40455   1.000 745.15940 ? 213 DG C C4    1 
ATOM 676 P P     . DC C 3 5  ? -0.89573  27.62585  7.89864   1.000 801.96966 ? 214 DC C P     1 
ATOM 677 O OP1   . DC C 3 5  ? 0.56004   27.41566  7.80215   1.000 802.71349 ? 214 DC C OP1   1 
ATOM 678 O OP2   . DC C 3 5  ? -1.36007  28.82943  8.61855   1.000 800.29399 ? 214 DC C OP2   1 
ATOM 679 O "O5'" . DC C 3 5  ? -1.50439  27.60477  6.40179   1.000 800.22713 ? 214 DC C "O5'" 1 
ATOM 680 C "C5'" . DC C 3 5  ? -1.17811  26.51221  5.49527   1.000 800.99242 ? 214 DC C "C5'" 1 
ATOM 681 C "C4'" . DC C 3 5  ? -1.69410  26.74860  4.06520   1.000 797.61330 ? 214 DC C "C4'" 1 
ATOM 682 O "O4'" . DC C 3 5  ? -3.02738  26.18482  3.87246   1.000 795.01912 ? 214 DC C "O4'" 1 
ATOM 683 C "C3'" . DC C 3 5  ? -1.77833  28.20614  3.61823   1.000 793.51980 ? 214 DC C "C3'" 1 
ATOM 684 O "O3'" . DC C 3 5  ? -0.98121  28.40075  2.45075   1.000 790.35234 ? 214 DC C "O3'" 1 
ATOM 685 C "C2'" . DC C 3 5  ? -3.27518  28.42283  3.32341   1.000 791.21995 ? 214 DC C "C2'" 1 
ATOM 686 C "C1'" . DC C 3 5  ? -3.76331  27.02524  2.99630   1.000 792.83286 ? 214 DC C "C1'" 1 
ATOM 687 N N1    . DC C 3 5  ? -5.22986  26.83506  3.28424   1.000 784.32351 ? 214 DC C N1    1 
ATOM 688 C C2    . DC C 3 5  ? -6.18954  26.68720  2.24132   1.000 772.26874 ? 214 DC C C2    1 
ATOM 689 O O2    . DC C 3 5  ? -5.83182  26.70872  1.05052   1.000 770.45925 ? 214 DC C O2    1 
ATOM 690 N N3    . DC C 3 5  ? -7.49828  26.50903  2.58925   1.000 762.67493 ? 214 DC C N3    1 
ATOM 691 C C4    . DC C 3 5  ? -7.85720  26.49935  3.88004   1.000 765.41877 ? 214 DC C C4    1 
ATOM 692 N N4    . DC C 3 5  ? -9.14776  26.31758  4.18634   1.000 755.42603 ? 214 DC C N4    1 
ATOM 693 C C5    . DC C 3 5  ? -6.90678  26.66098  4.92475   1.000 778.39393 ? 214 DC C C5    1 
ATOM 694 C C6    . DC C 3 5  ? -5.62733  26.82639  4.58577   1.000 787.11247 ? 214 DC C C6    1 
ATOM 695 O "O5'" . DT D 4 1  ? 26.05356  -16.51422 -11.18636 1.000 919.00148 ? 201 DT D "O5'" 1 
ATOM 696 C "C5'" . DT D 4 1  ? 25.66108  -16.12751 -12.51137 1.000 936.80611 ? 201 DT D "C5'" 1 
ATOM 697 C "C4'" . DT D 4 1  ? 24.53013  -17.00703 -13.03336 1.000 956.38175 ? 201 DT D "C4'" 1 
ATOM 698 O "O4'" . DT D 4 1  ? 24.62650  -18.33538 -12.42971 1.000 951.39999 ? 201 DT D "O4'" 1 
ATOM 699 C "C3'" . DT D 4 1  ? 23.09769  -16.51092 -12.73470 1.000 968.01546 ? 201 DT D "C3'" 1 
ATOM 700 O "O3'" . DT D 4 1  ? 22.23258  -16.79092 -13.87460 1.000 989.39600 ? 201 DT D "O3'" 1 
ATOM 701 C "C2'" . DT D 4 1  ? 22.72068  -17.39348 -11.53864 1.000 961.57997 ? 201 DT D "C2'" 1 
ATOM 702 C "C1'" . DT D 4 1  ? 23.35144  -18.70532 -11.99016 1.000 962.09116 ? 201 DT D "C1'" 1 
ATOM 703 N N1    . DT D 4 1  ? 23.40586  -19.84188 -10.92838 1.000 953.02509 ? 201 DT D N1    1 
ATOM 704 C C2    . DT D 4 1  ? 22.96238  -21.10455 -11.28649 1.000 965.40232 ? 201 DT D C2    1 
ATOM 705 O O2    . DT D 4 1  ? 22.51945  -21.36799 -12.39164 1.000 983.36347 ? 201 DT D O2    1 
ATOM 706 N N3    . DT D 4 1  ? 22.99110  -22.03825 -10.28155 1.000 957.08896 ? 201 DT D N3    1 
ATOM 707 C C4    . DT D 4 1  ? 23.44195  -21.86558 -8.98801  1.000 937.44511 ? 201 DT D C4    1 
ATOM 708 O O4    . DT D 4 1  ? 23.44585  -22.78057 -8.16378  1.000 931.28022 ? 201 DT D O4    1 
ATOM 709 C C5    . DT D 4 1  ? 23.91024  -20.53514 -8.67147  1.000 925.27247 ? 201 DT D C5    1 
ATOM 710 C C7    . DT D 4 1  ? 24.42622  -20.23464 -7.29452  1.000 904.52063 ? 201 DT D C7    1 
ATOM 711 C C6    . DT D 4 1  ? 23.86617  -19.59161 -9.64320  1.000 933.75818 ? 201 DT D C6    1 
ATOM 712 P P     . DC D 4 2  ? 21.39095  -15.65833 -14.67437 1.000 849.77542 ? 202 DC D P     1 
ATOM 713 O OP1   . DC D 4 2  ? 22.30972  -14.71253 -15.34874 1.000 845.85236 ? 202 DC D OP1   1 
ATOM 714 O OP2   . DC D 4 2  ? 20.33233  -15.09297 -13.80394 1.000 849.68910 ? 202 DC D OP2   1 
ATOM 715 O "O5'" . DC D 4 2  ? 20.67595  -16.54245 -15.80307 1.000 870.70814 ? 202 DC D "O5'" 1 
ATOM 716 C "C5'" . DC D 4 2  ? 21.23776  -17.83550 -16.14662 1.000 872.72036 ? 202 DC D "C5'" 1 
ATOM 717 C "C4'" . DC D 4 2  ? 20.18172  -18.93126 -16.09115 1.000 882.21222 ? 202 DC D "C4'" 1 
ATOM 718 O "O4'" . DC D 4 2  ? 20.47892  -19.89543 -15.02041 1.000 875.42541 ? 202 DC D "O4'" 1 
ATOM 719 C "C3'" . DC D 4 2  ? 18.76480  -18.43776 -15.80085 1.000 891.72729 ? 202 DC D "C3'" 1 
ATOM 720 O "O3'" . DC D 4 2  ? 17.84145  -19.23372 -16.51162 1.000 895.87201 ? 202 DC D "O3'" 1 
ATOM 721 C "C2'" . DC D 4 2  ? 18.64748  -18.70345 -14.31245 1.000 881.11020 ? 202 DC D "C2'" 1 
ATOM 722 C "C1'" . DC D 4 2  ? 19.29567  -20.06534 -14.26103 1.000 879.58186 ? 202 DC D "C1'" 1 
ATOM 723 N N1    . DC D 4 2  ? 19.59266  -20.52543 -12.85844 1.000 863.36367 ? 202 DC D N1    1 
ATOM 724 C C2    . DC D 4 2  ? 19.24849  -21.82516 -12.45875 1.000 867.77911 ? 202 DC D C2    1 
ATOM 725 O O2    . DC D 4 2  ? 18.75229  -22.60111 -13.28782 1.000 885.32036 ? 202 DC D O2    1 
ATOM 726 N N3    . DC D 4 2  ? 19.49140  -22.20706 -11.17659 1.000 853.11901 ? 202 DC D N3    1 
ATOM 727 C C4    . DC D 4 2  ? 20.02285  -21.34365 -10.31006 1.000 835.18183 ? 202 DC D C4    1 
ATOM 728 N N4    . DC D 4 2  ? 20.25136  -21.76756 -9.05650  1.000 821.33590 ? 202 DC D N4    1 
ATOM 729 C C5    . DC D 4 2  ? 20.33687  -20.00460 -10.68853 1.000 831.33013 ? 202 DC D C5    1 
ATOM 730 C C6    . DC D 4 2  ? 20.10864  -19.64521 -11.95796 1.000 845.56872 ? 202 DC D C6    1 
ATOM 731 P P     . DT D 4 3  ? 16.27836  -18.86274 -16.52609 1.000 707.70875 ? 203 DT D P     1 
ATOM 732 O OP1   . DT D 4 3  ? 16.10568  -18.13599 -17.80484 1.000 704.10310 ? 203 DT D OP1   1 
ATOM 733 O OP2   . DT D 4 3  ? 15.86514  -18.22234 -15.25061 1.000 713.16803 ? 203 DT D OP2   1 
ATOM 734 O "O5'" . DT D 4 3  ? 15.53830  -20.29496 -16.56722 1.000 711.57043 ? 203 DT D "O5'" 1 
ATOM 735 C "C5'" . DT D 4 3  ? 14.10124  -20.35874 -16.46376 1.000 717.71317 ? 203 DT D "C5'" 1 
ATOM 736 C "C4'" . DT D 4 3  ? 13.60040  -21.67205 -15.85227 1.000 720.63882 ? 203 DT D "C4'" 1 
ATOM 737 O "O4'" . DT D 4 3  ? 14.32813  -21.98780 -14.63497 1.000 721.34238 ? 203 DT D "O4'" 1 
ATOM 738 C "C3'" . DT D 4 3  ? 12.12235  -21.66374 -15.45519 1.000 725.91090 ? 203 DT D "C3'" 1 
ATOM 739 O "O3'" . DT D 4 3  ? 11.49700  -22.86990 -15.85464 1.000 725.00013 ? 203 DT D "O3'" 1 
ATOM 740 C "C2'" . DT D 4 3  ? 12.16151  -21.53309 -13.93385 1.000 729.45632 ? 203 DT D "C2'" 1 
ATOM 741 C "C1'" . DT D 4 3  ? 13.41323  -22.31338 -13.60096 1.000 726.22493 ? 203 DT D "C1'" 1 
ATOM 742 N N1    . DT D 4 3  ? 14.02755  -21.89403 -12.33084 1.000 719.75452 ? 203 DT D N1    1 
ATOM 743 C C2    . DT D 4 3  ? 13.98049  -22.71114 -11.20223 1.000 713.00106 ? 203 DT D C2    1 
ATOM 744 O O2    . DT D 4 3  ? 13.41890  -23.78554 -11.18098 1.000 723.59909 ? 203 DT D O2    1 
ATOM 745 N N3    . DT D 4 3  ? 14.61352  -22.17778 -10.08921 1.000 693.61717 ? 203 DT D N3    1 
ATOM 746 C C4    . DT D 4 3  ? 15.27073  -20.96621 -10.02431 1.000 681.59597 ? 203 DT D C4    1 
ATOM 747 O O4    . DT D 4 3  ? 15.80640  -20.56408 -9.00055  1.000 665.31996 ? 203 DT D O4    1 
ATOM 748 C C5    . DT D 4 3  ? 15.27263  -20.18634 -11.24898 1.000 690.15151 ? 203 DT D C5    1 
ATOM 749 C C7    . DT D 4 3  ? 15.95060  -18.84939 -11.30381 1.000 679.44360 ? 203 DT D C7    1 
ATOM 750 C C6    . DT D 4 3  ? 14.66407  -20.68775 -12.31382 1.000 708.17739 ? 203 DT D C6    1 
ATOM 751 P P     . DG D 4 4  ? 9.92291   -23.05642 -15.61473 1.000 728.17671 ? 204 DG D P     1 
ATOM 752 O OP1   . DG D 4 4  ? 9.36238   -24.06643 -16.53842 1.000 725.35653 ? 204 DG D OP1   1 
ATOM 753 O OP2   . DG D 4 4  ? 9.35531   -21.70133 -15.57242 1.000 731.45061 ? 204 DG D OP2   1 
ATOM 754 O "O5'" . DG D 4 4  ? 9.82640   -23.59933 -14.12869 1.000 729.82404 ? 204 DG D "O5'" 1 
ATOM 755 C "C5'" . DG D 4 4  ? 8.56298   -23.81726 -13.57247 1.000 731.26429 ? 204 DG D "C5'" 1 
ATOM 756 C "C4'" . DG D 4 4  ? 8.67084   -24.23200 -12.12405 1.000 731.25285 ? 204 DG D "C4'" 1 
ATOM 757 O "O4'" . DG D 4 4  ? 9.82585   -23.62317 -11.50418 1.000 732.65511 ? 204 DG D "O4'" 1 
ATOM 758 C "C3'" . DG D 4 4  ? 7.48226   -23.82122 -11.25820 1.000 733.04090 ? 204 DG D "C3'" 1 
ATOM 759 O "O3'" . DG D 4 4  ? 6.71739   -24.97616 -10.89277 1.000 729.05099 ? 204 DG D "O3'" 1 
ATOM 760 C "C2'" . DG D 4 4  ? 8.12323   -23.12106 -10.03754 1.000 735.14909 ? 204 DG D "C2'" 1 
ATOM 761 C "C1'" . DG D 4 4  ? 9.57167   -23.57363 -10.12192 1.000 733.45527 ? 204 DG D "C1'" 1 
ATOM 762 N N9    . DG D 4 4  ? 10.55430  -22.67421 -9.50016  1.000 724.44145 ? 204 DG D N9    1 
ATOM 763 C C8    . DG D 4 4  ? 11.15574  -21.61290 -10.11305 1.000 719.75689 ? 204 DG D C8    1 
ATOM 764 N N7    . DG D 4 4  ? 12.01378  -20.99348 -9.36316  1.000 702.99928 ? 204 DG D N7    1 
ATOM 765 C C5    . DG D 4 4  ? 12.00714  -21.69224 -8.16231  1.000 695.46286 ? 204 DG D C5    1 
ATOM 766 C C6    . DG D 4 4  ? 12.75580  -21.46111 -6.97362  1.000 677.52309 ? 204 DG D C6    1 
ATOM 767 O O6    . DG D 4 4  ? 13.57053  -20.56994 -6.75725  1.000 664.95517 ? 204 DG D O6    1 
ATOM 768 N N1    . DG D 4 4  ? 12.46500  -22.37241 -5.96835  1.000 675.21704 ? 204 DG D N1    1 
ATOM 769 C C2    . DG D 4 4  ? 11.57183  -23.39802 -6.09432  1.000 688.92640 ? 204 DG D C2    1 
ATOM 770 N N2    . DG D 4 4  ? 11.43704  -24.18389 -5.00423  1.000 684.42733 ? 204 DG D N2    1 
ATOM 771 N N3    . DG D 4 4  ? 10.84491  -23.63623 -7.21428  1.000 706.35368 ? 204 DG D N3    1 
ATOM 772 C C4    . DG D 4 4  ? 11.12452  -22.74085 -8.21215  1.000 708.37531 ? 204 DG D C4    1 
ATOM 773 P P     . DA D 4 5  ? 5.17311   -24.82232 -10.48439 1.000 728.68538 ? 205 DA D P     1 
ATOM 774 O OP1   . DA D 4 5  ? 4.36934   -25.97202 -10.95842 1.000 724.18013 ? 205 DA D OP1   1 
ATOM 775 O OP2   . DA D 4 5  ? 4.80829   -23.47700 -10.92713 1.000 733.58230 ? 205 DA D OP2   1 
ATOM 776 O "O5'" . DA D 4 5  ? 5.21926   -24.77369 -8.89560  1.000 727.06961 ? 205 DA D "O5'" 1 
ATOM 777 C "C5'" . DA D 4 5  ? 6.22861   -25.48157 -8.22392  1.000 723.79405 ? 205 DA D "C5'" 1 
ATOM 778 C "C4'" . DA D 4 5  ? 6.64871   -24.77230 -6.95327  1.000 724.48938 ? 205 DA D "C4'" 1 
ATOM 779 O "O4'" . DA D 4 5  ? 7.78465   -23.89530 -7.18346  1.000 729.44845 ? 205 DA D "O4'" 1 
ATOM 780 C "C3'" . DA D 4 5  ? 5.57765   -23.88606 -6.31877  1.000 725.85023 ? 205 DA D "C3'" 1 
ATOM 781 O "O3'" . DA D 4 5  ? 5.31178   -24.32151 -5.02917  1.000 719.63369 ? 205 DA D "O3'" 1 
ATOM 782 C "C2'" . DA D 4 5  ? 6.22590   -22.51198 -6.28961  1.000 725.90540 ? 205 DA D "C2'" 1 
ATOM 783 C "C1'" . DA D 4 5  ? 7.67588   -22.89507 -6.21803  1.000 717.73980 ? 205 DA D "C1'" 1 
ATOM 784 N N9    . DA D 4 5  ? 8.58280   -21.78596 -6.47573  1.000 707.42172 ? 205 DA D N9    1 
ATOM 785 C C8    . DA D 4 5  ? 8.68614   -21.04235 -7.61028  1.000 712.37689 ? 205 DA D C8    1 
ATOM 786 N N7    . DA D 4 5  ? 9.57329   -20.08263 -7.52767  1.000 700.75747 ? 205 DA D N7    1 
ATOM 787 C C5    . DA D 4 5  ? 10.05594  -20.18126 -6.23409  1.000 687.03802 ? 205 DA D C5    1 
ATOM 788 C C6    . DA D 4 5  ? 11.02405  -19.44015 -5.51928  1.000 670.95633 ? 205 DA D C6    1 
ATOM 789 N N6    . DA D 4 5  ? 11.69229  -18.41724 -6.04189  1.000 666.27267 ? 205 DA D N6    1 
ATOM 790 N N1    . DA D 4 5  ? 11.28904  -19.80164 -4.25406  1.000 660.26559 ? 205 DA D N1    1 
ATOM 791 C C2    . DA D 4 5  ? 10.61623  -20.83331 -3.73695  1.000 665.53331 ? 205 DA D C2    1 
ATOM 792 N N3    . DA D 4 5  ? 9.68143   -21.60076 -4.31047  1.000 680.67095 ? 205 DA D N3    1 
ATOM 793 C C4    . DA D 4 5  ? 9.44997   -21.21607 -5.57096  1.000 690.81438 ? 205 DA D C4    1 
ATOM 794 P P     . DT D 4 6  ? 3.82134   -24.74516 -4.65975  1.000 714.52843 ? 206 DT D P     1 
ATOM 795 O OP1   . DT D 4 6  ? 3.68475   -26.17209 -5.00783  1.000 708.60802 ? 206 DT D OP1   1 
ATOM 796 O OP2   . DT D 4 6  ? 2.94916   -23.76721 -5.32352  1.000 720.39266 ? 206 DT D OP2   1 
ATOM 797 O "O5'" . DT D 4 6  ? 3.72038   -24.50416 -3.08575  1.000 708.97076 ? 206 DT D "O5'" 1 
ATOM 798 C "C5'" . DT D 4 6  ? 4.65126   -25.10041 -2.24064  1.000 702.83337 ? 206 DT D "C5'" 1 
ATOM 799 C "C4'" . DT D 4 6  ? 5.36202   -24.07038 -1.39472  1.000 702.52423 ? 206 DT D "C4'" 1 
ATOM 800 O "O4'" . DT D 4 6  ? 5.90993   -23.01520 -2.20323  1.000 698.92672 ? 206 DT D "O4'" 1 
ATOM 801 C "C3'" . DT D 4 6  ? 4.50768   -23.36248 -0.33944  1.000 696.88469 ? 206 DT D "C3'" 1 
ATOM 802 O "O3'" . DT D 4 6  ? 4.96584   -23.71419 0.93268   1.000 686.90419 ? 206 DT D "O3'" 1 
ATOM 803 C "C2'" . DT D 4 6  ? 4.75568   -21.87844 -0.60945  1.000 689.44607 ? 206 DT D "C2'" 1 
ATOM 804 C "C1'" . DT D 4 6  ? 6.08165   -21.95680 -1.31628  1.000 685.96078 ? 206 DT D "C1'" 1 
ATOM 805 N N1    . DT D 4 6  ? 6.46885   -20.74878 -2.03510  1.000 682.76087 ? 206 DT D N1    1 
ATOM 806 C C2    . DT D 4 6  ? 7.34053   -19.87859 -1.42841  1.000 669.00903 ? 206 DT D C2    1 
ATOM 807 O O2    . DT D 4 6  ? 7.75298   -20.05018 -0.30634  1.000 659.24192 ? 206 DT D O2    1 
ATOM 808 N N3    . DT D 4 6  ? 7.66281   -18.76876 -2.16225  1.000 667.56374 ? 206 DT D N3    1 
ATOM 809 C C4    . DT D 4 6  ? 7.21652   -18.47651 -3.42767  1.000 678.03060 ? 206 DT D C4    1 
ATOM 810 O O4    . DT D 4 6  ? 7.55993   -17.46186 -4.01379  1.000 676.09081 ? 206 DT D O4    1 
ATOM 811 C C5    . DT D 4 6  ? 6.31647   -19.45131 -4.01582  1.000 691.89720 ? 206 DT D C5    1 
ATOM 812 C C7    . DT D 4 6  ? 5.76915   -19.23544 -5.39102  1.000 704.11328 ? 206 DT D C7    1 
ATOM 813 C C6    . DT D 4 6  ? 5.99489   -20.53128 -3.29749  1.000 693.76507 ? 206 DT D C6    1 
ATOM 814 P P     . DG D 4 7  ? 4.00511   -23.48377 2.18211   1.000 683.19093 ? 207 DG D P     1 
ATOM 815 O OP1   . DG D 4 7  ? 4.45228   -24.19581 3.39480   1.000 670.51818 ? 207 DG D OP1   1 
ATOM 816 O OP2   . DG D 4 7  ? 2.66250   -23.69399 1.62736   1.000 684.93097 ? 207 DG D OP2   1 
ATOM 817 O "O5'" . DG D 4 7  ? 4.20434   -21.96189 2.51245   1.000 673.45155 ? 207 DG D "O5'" 1 
ATOM 818 C "C5'" . DG D 4 7  ? 4.79933   -21.64276 3.70819   1.000 661.04469 ? 207 DG D "C5'" 1 
ATOM 819 C "C4'" . DG D 4 7  ? 5.75416   -20.50192 3.53972   1.000 651.11379 ? 207 DG D "C4'" 1 
ATOM 820 O "O4'" . DG D 4 7  ? 5.81431   -20.08801 2.18322   1.000 657.10179 ? 207 DG D "O4'" 1 
ATOM 821 C "C3'" . DG D 4 7  ? 5.34192   -19.26997 4.27526   1.000 645.69617 ? 207 DG D "C3'" 1 
ATOM 822 O "O3'" . DG D 4 7  ? 5.89424   -19.32448 5.52163   1.000 635.66502 ? 207 DG D "O3'" 1 
ATOM 823 C "C2'" . DG D 4 7  ? 5.91513   -18.11033 3.43443   1.000 642.93826 ? 207 DG D "C2'" 1 
ATOM 824 C "C1'" . DG D 4 7  ? 6.39988   -18.81177 2.16880   1.000 648.89338 ? 207 DG D "C1'" 1 
ATOM 825 N N9    . DG D 4 7  ? 5.99632   -18.20367 0.92719   1.000 656.72913 ? 207 DG D N9    1 
ATOM 826 C C8    . DG D 4 7  ? 5.12911   -18.75177 0.03318   1.000 669.30722 ? 207 DG D C8    1 
ATOM 827 N N7    . DG D 4 7  ? 4.95826   -18.04196 -1.03007  1.000 674.06255 ? 207 DG D N7    1 
ATOM 828 C C5    . DG D 4 7  ? 5.75485   -16.93083 -0.82948  1.000 664.34904 ? 207 DG D C5    1 
ATOM 829 C C6    . DG D 4 7  ? 5.95297   -15.80927 -1.64954  1.000 664.54092 ? 207 DG D C6    1 
ATOM 830 O O6    . DG D 4 7  ? 5.43789   -15.57451 -2.74500  1.000 673.12027 ? 207 DG D O6    1 
ATOM 831 N N1    . DG D 4 7  ? 6.83916   -14.90300 -1.09738  1.000 653.81325 ? 207 DG D N1    1 
ATOM 832 C C2    . DG D 4 7  ? 7.46281   -15.07704 0.10840   1.000 643.71358 ? 207 DG D C2    1 
ATOM 833 N N2    . DG D 4 7  ? 8.29033   -14.09169 0.46965   1.000 634.70253 ? 207 DG D N2    1 
ATOM 834 N N3    . DG D 4 7  ? 7.28574   -16.12668 0.90818   1.000 642.77433 ? 207 DG D N3    1 
ATOM 835 C C4    . DG D 4 7  ? 6.42706   -17.01817 0.36396   1.000 653.62121 ? 207 DG D C4    1 
ATOM 836 P P     . DT D 4 8  ? 5.30284   -18.39257 6.65413   1.000 631.69762 ? 208 DT D P     1 
ATOM 837 O OP1   . DT D 4 8  ? 5.20572   -19.15672 7.91471   1.000 628.50228 ? 208 DT D OP1   1 
ATOM 838 O OP2   . DT D 4 8  ? 4.08679   -17.91541 6.01124   1.000 641.10437 ? 208 DT D OP2   1 
ATOM 839 O "O5'" . DT D 4 8  ? 6.31570   -17.16823 6.69273   1.000 622.08369 ? 208 DT D "O5'" 1 
ATOM 840 C "C5'" . DT D 4 8  ? 5.95146   -15.95424 7.27291   1.000 619.93026 ? 208 DT D "C5'" 1 
ATOM 841 C "C4'" . DT D 4 8  ? 6.98786   -14.93323 6.93232   1.000 613.30287 ? 208 DT D "C4'" 1 
ATOM 842 O "O4'" . DT D 4 8  ? 7.41838   -15.15084 5.57313   1.000 616.54903 ? 208 DT D "O4'" 1 
ATOM 843 C "C3'" . DT D 4 8  ? 6.51109   -13.52113 6.92159   1.000 615.10837 ? 208 DT D "C3'" 1 
ATOM 844 O "O3'" . DT D 4 8  ? 6.48570   -13.01964 8.22048   1.000 610.30611 ? 208 DT D "O3'" 1 
ATOM 845 C "C2'" . DT D 4 8  ? 7.61640   -12.88552 6.10999   1.000 611.04102 ? 208 DT D "C2'" 1 
ATOM 846 C "C1'" . DT D 4 8  ? 7.82246   -13.91784 5.01262   1.000 615.04167 ? 208 DT D "C1'" 1 
ATOM 847 N N1    . DT D 4 8  ? 7.01711   -13.66792 3.76128   1.000 625.37074 ? 208 DT D N1    1 
ATOM 848 C C2    . DT D 4 8  ? 7.27750   -12.56011 2.96550   1.000 626.19820 ? 208 DT D C2    1 
ATOM 849 O O2    . DT D 4 8  ? 8.10994   -11.72966 3.22880   1.000 619.50997 ? 208 DT D O2    1 
ATOM 850 N N3    . DT D 4 8  ? 6.46849   -12.44771 1.86625   1.000 635.60368 ? 208 DT D N3    1 
ATOM 851 C C4    . DT D 4 8  ? 5.49223   -13.32284 1.47416   1.000 643.97227 ? 208 DT D C4    1 
ATOM 852 O O4    . DT D 4 8  ? 4.82545   -13.17060 0.47520   1.000 651.80468 ? 208 DT D O4    1 
ATOM 853 C C5    . DT D 4 8  ? 5.29857   -14.45437 2.31811   1.000 643.18334 ? 208 DT D C5    1 
ATOM 854 C C7    . DT D 4 8  ? 4.24752   -15.45222 1.96510   1.000 652.82024 ? 208 DT D C7    1 
ATOM 855 C C6    . DT D 4 8  ? 6.06104   -14.58090 3.40471   1.000 634.01968 ? 208 DT D C6    1 
# 
loop_
_atom_site_anisotrop.id 
_atom_site_anisotrop.type_symbol 
_atom_site_anisotrop.pdbx_label_atom_id 
_atom_site_anisotrop.pdbx_label_alt_id 
_atom_site_anisotrop.pdbx_label_comp_id 
_atom_site_anisotrop.pdbx_label_asym_id 
_atom_site_anisotrop.pdbx_label_seq_id 
_atom_site_anisotrop.pdbx_PDB_ins_code 
_atom_site_anisotrop.U[1][1] 
_atom_site_anisotrop.U[2][2] 
_atom_site_anisotrop.U[3][3] 
_atom_site_anisotrop.U[1][2] 
_atom_site_anisotrop.U[1][3] 
_atom_site_anisotrop.U[2][3] 
_atom_site_anisotrop.pdbx_auth_seq_id 
_atom_site_anisotrop.pdbx_auth_comp_id 
_atom_site_anisotrop.pdbx_auth_asym_id 
_atom_site_anisotrop.pdbx_auth_atom_id 
1   O "O5'" . DG A 1  ? 8.88730  6.79946  11.00930 -0.04997 -0.87263 -0.14962 101 DG A "O5'" 
2   C "C5'" . DG A 1  ? 8.71664  6.55156  10.84713 -0.31167 -0.58405 0.15387  101 DG A "C5'" 
3   C "C4'" . DG A 1  ? 8.68625  6.57216  10.89597 -0.34943 -0.45168 0.24751  101 DG A "C4'" 
4   O "O4'" . DG A 1  ? 8.67850  6.75691  11.57202 -0.28049 -0.63042 0.03915  101 DG A "O4'" 
5   C "C3'" . DG A 1  ? 8.85924  6.64187  10.39959 -0.18011 -0.43974 0.24961  101 DG A "C3'" 
6   O "O3'" . DG A 1  ? 8.80439  6.46319  9.92783  -0.30667 -0.17659 0.52450  101 DG A "O3'" 
7   C "C2'" . DG A 1  ? 8.91734  6.86000  10.84987 -0.05336 -0.58287 0.04680  101 DG A "C2'" 
8   C "C1'" . DG A 1  ? 8.74122  6.83228  11.47377 -0.21525 -0.57780 0.05909  101 DG A "C1'" 
9   N N9    . DG A 1  ? 8.76110  7.01331  12.05536 -0.12278 -0.75103 -0.13601 101 DG A N9    
10  C C8    . DG A 1  ? 8.90558  7.22194  12.28923 0.09303  -1.00046 -0.43110 101 DG A C8    
11  N N7    . DG A 1  ? 8.85163  7.32319  12.36318 0.10814  -0.98038 -0.48785 101 DG A N7    
12  C C5    . DG A 1  ? 8.68940  7.19133  12.48870 -0.08739 -0.81380 -0.24868 101 DG A C5    
13  C C6    . DG A 1  ? 8.56686  7.23163  12.52577 -0.14499 -0.74407 -0.17641 101 DG A C6    
14  O O6    . DG A 1  ? 8.58841  7.36243  12.48889 -0.04837 -0.80967 -0.29462 101 DG A O6    
15  N N1    . DG A 1  ? 8.38790  7.11016  12.58579 -0.33005 -0.57013 0.08960  101 DG A N1    
16  C C2    . DG A 1  ? 8.32437  6.95404  12.60228 -0.46190 -0.42926 0.29330  101 DG A C2    
17  N N2    . DG A 1  ? 8.11805  6.89072  12.59253 -0.62201 -0.22631 0.55925  101 DG A N2    
18  N N3    . DG A 1  ? 8.44452  6.88129  12.35029 -0.42310 -0.44509 0.25049  101 DG A N3    
19  C C4    . DG A 1  ? 8.62907  7.01321  12.43414 -0.22810 -0.68077 -0.03276 101 DG A C4    
20  P P     . DA A 2  ? 8.87717  6.63339  10.21577 -0.38021 -0.03468 0.61852  102 DA A P     
21  O OP1   . DA A 2  ? 9.03430  6.81011  10.19941 -0.18258 -0.15778 0.46470  102 DA A OP1   
22  O OP2   . DA A 2  ? 8.67673  6.62781  10.77432 -0.54300 -0.00132 0.65402  102 DA A OP2   
23  O "O5'" . DA A 2  ? 8.85216  6.45364  9.60831  -0.46838 0.21327  0.87949  102 DA A "O5'" 
24  C "C5'" . DA A 2  ? 8.66006  6.27860  9.50671  -0.68776 0.44654  1.11092  102 DA A "C5'" 
25  C "C4'" . DA A 2  ? 8.48936  6.35173  9.85510  -0.79408 0.56634  1.19455  102 DA A "C4'" 
26  O "O4'" . DA A 2  ? 8.47100  6.52319  10.47878 -0.74301 0.38763  1.02546  102 DA A "O4'" 
27  C "C3'" . DA A 2  ? 8.53326  6.39727  9.61385  -0.74618 0.66770  1.26309  102 DA A "C3'" 
28  O "O3'" . DA A 2  ? 8.32091  6.33757  9.53938  -0.91020 0.91074  1.48678  102 DA A "O3'" 
29  C "C2'" . DA A 2  ? 8.57709  6.60318  10.07652 -0.64336 0.51278  1.10164  102 DA A "C2'" 
30  C "C1'" . DA A 2  ? 8.44583  6.64508  10.64168 -0.71531 0.41775  1.04610  102 DA A "C1'" 
31  N N9    . DA A 2  ? 8.54884  6.81128  11.08121 -0.57838 0.18526  0.82104  102 DA A N9    
32  C C8    . DA A 2  ? 8.72995  6.87875  11.10802 -0.42030 -0.02562 0.58828  102 DA A C8    
33  N N7    . DA A 2  ? 8.78131  7.03887  11.54974 -0.31596 -0.20210 0.40894  102 DA A N7    
34  C C5    . DA A 2  ? 8.62967  7.06539  11.82197 -0.41320 -0.10646 0.55198  102 DA A C5    
35  C C6    . DA A 2  ? 8.59329  7.19819  12.31014 -0.37370 -0.20864 0.50077  102 DA A C6    
36  N N6    . DA A 2  ? 8.72132  7.32121  12.62524 -0.22736 -0.43093 0.25975  102 DA A N6    
37  N N1    . DA A 2  ? 8.40925  7.21458  12.45734 -0.47865 -0.07612 0.71609  102 DA A N1    
38  C C2    . DA A 2  ? 8.26719  7.12285  12.14679 -0.61018 0.14861  0.94212  102 DA A C2    
39  N N3    . DA A 2  ? 8.28569  6.97984  11.69058 -0.67028 0.27183  0.99981  102 DA A N3    
40  C C4    . DA A 2  ? 8.47601  6.94641  11.54578 -0.56855 0.13025  0.80431  102 DA A C4    
41  P P     . DG A 3  ? 8.64473  6.71564  9.61996  -0.88147 1.04357  1.57887  103 DG A P     
42  O OP1   . DG A 3  ? 8.41957  6.64623  9.45887  -1.04024 1.29654  1.80394  103 DG A OP1   
43  O OP2   . DG A 3  ? 8.88322  6.67671  9.22831  -0.72860 0.95713  1.49238  103 DG A OP2   
44  O "O5'" . DG A 3  ? 8.58853  6.93929  10.12897 -0.83440 0.95678  1.50827  103 DG A "O5'" 
45  C "C5'" . DG A 3  ? 8.32942  7.03941  10.42607 -0.94291 1.08182  1.66375  103 DG A "C5'" 
46  C "C4'" . DG A 3  ? 8.35323  7.23756  10.66768 -0.84279 1.00487  1.61638  103 DG A "C4'" 
47  O "O4'" . DG A 3  ? 8.50194  7.29270  11.00193 -0.74145 0.76961  1.41405  103 DG A "O4'" 
48  C "C3'" . DG A 3  ? 8.51196  7.25045  10.24875 -0.74134 1.04091  1.58611  103 DG A "C3'" 
49  O "O3'" . DG A 3  ? 8.38087  7.41855  10.31796 -0.73362 1.13189  1.69371  103 DG A "O3'" 
50  C "C2'" . DG A 3  ? 8.75628  7.27913  10.29563 -0.59282 0.83081  1.36842  103 DG A "C2'" 
51  C "C1'" . DG A 3  ? 8.69893  7.36228  10.84612 -0.59885 0.68370  1.29050  103 DG A "C1'" 
52  N N9    . DG A 3  ? 8.89746  7.34769  10.88845 -0.48742 0.49096  1.07415  103 DG A N9    
53  C C8    . DG A 3  ? 9.01958  7.23235  10.58284 -0.45154 0.45513  1.00453  103 DG A C8    
54  N N7    . DG A 3  ? 9.17105  7.30051  10.69257 -0.31809 0.26510  0.80175  103 DG A N7    
55  C C5    . DG A 3  ? 9.15758  7.44456  11.09133 -0.27582 0.17809  0.72822  103 DG A C5    
56  C C6    . DG A 3  ? 9.27418  7.57021  11.35666 -0.14059 -0.01545 0.51657  103 DG A C6    
57  O O6    . DG A 3  ? 9.40486  7.61137  11.29604 -0.01699 -0.15153 0.33962  103 DG A O6    
58  N N1    . DG A 3  ? 9.21562  7.67316  11.71049 -0.14267 -0.04527 0.53067  103 DG A N1    
59  C C2    . DG A 3  ? 9.05220  7.68242  11.79757 -0.24792 0.08704  0.73636  103 DG A C2    
60  N N2    . DG A 3  ? 9.01099  7.79741  12.13847 -0.21796 0.02097  0.74644  103 DG A N2    
61  N N3    . DG A 3  ? 8.92714  7.60161  11.55792 -0.36217 0.26994  0.92661  103 DG A N3    
62  C C4    . DG A 3  ? 8.99393  7.47124  11.21028 -0.37663 0.30967  0.90503  103 DG A C4    
63  P P     . DC A 4  ? 8.05998  7.39816  10.57320 -0.68023 1.02190  1.69127  104 DC A P     
64  O OP1   . DC A 4  ? 7.91250  7.41424  11.06992 -0.75106 0.94810  1.72104  104 DC A OP1   
65  O OP2   . DC A 4  ? 7.91642  7.56103  10.47427 -0.66711 1.15432  1.83619  104 DC A OP2   
66  O "O5'" . DC A 4  ? 8.33001  7.42089  10.55612 -0.53151 0.83476  1.47868  104 DC A "O5'" 
67  C "C5'" . DC A 4  ? 8.31493  7.58205  10.95435 -0.46574 0.70705  1.44915  104 DC A "C5'" 
68  C "C4'" . DC A 4  ? 8.55102  7.60101  10.83299 -0.33358 0.58139  1.26834  104 DC A "C4'" 
69  O "O4'" . DC A 4  ? 8.70039  7.52554  10.93916 -0.28652 0.42922  1.07820  104 DC A "O4'" 
70  C "C3'" . DC A 4  ? 8.68325  7.54862  10.33552 -0.28044 0.65646  1.23365  104 DC A "C3'" 
71  O "O3'" . DC A 4  ? 8.60912  7.68104  10.21797 -0.25670 0.74952  1.34098  104 DC A "O3'" 
72  C "C2'" . DC A 4  ? 8.89827  7.52122  10.27628 -0.16818 0.50997  1.03026  104 DC A "C2'" 
73  C "C1'" . DC A 4  ? 8.89554  7.53085  10.68887 -0.16957 0.36613  0.93291  104 DC A "C1'" 
74  N N1    . DC A 4  ? 9.04246  7.45091  10.57504 -0.10421 0.26149  0.76112  104 DC A N1    
75  C C2    . DC A 4  ? 9.15629  7.52944  10.77752 0.00881  0.08985  0.56388  104 DC A C2    
76  O O2    . DC A 4  ? 9.15098  7.62578  11.04170 0.04076  0.02607  0.52963  104 DC A O2    
77  N N3    . DC A 4  ? 9.26133  7.51206  10.66431 0.09268  -0.00444 0.42080  104 DC A N3    
78  C C4    . DC A 4  ? 9.26591  7.40053  10.35568 0.06343  0.05904  0.48468  104 DC A C4    
79  N N4    . DC A 4  ? 9.35938  7.41569  10.24479 0.16911  -0.05122 0.35881  104 DC A N4    
80  C C5    . DC A 4  ? 9.16387  7.28270  10.13811 -0.06521 0.23710  0.68826  104 DC A C5    
81  C C6    . DC A 4  ? 9.05195  7.32338  10.26184 -0.14158 0.33439  0.80911  104 DC A C6    
82  P P     . DA A 5  ? 8.69286  7.99786  10.58488 -0.19037 0.68202  1.37262  105 DA A P     
83  O OP1   . DA A 5  ? 8.45278  8.13210  10.94047 -0.24435 0.71015  1.55439  105 DA A OP1   
84  O OP2   . DA A 5  ? 8.76481  8.06074  10.27896 -0.11775 0.72568  1.35688  105 DA A OP2   
85  O "O5'" . DA A 5  ? 8.85378  7.96331  10.77110 -0.12614 0.50993  1.19874  105 DA A "O5'" 
86  C "C5'" . DA A 5  ? 8.78050  8.03898  11.21499 -0.12681 0.40355  1.22287  105 DA A "C5'" 
87  C "C4'" . DA A 5  ? 8.94892  8.04359  11.27656 -0.03460 0.26578  1.05452  105 DA A "C4'" 
88  O "O4'" . DA A 5  ? 9.08987  7.93437  11.18417 -0.00736 0.20267  0.86861  105 DA A "O4'" 
89  C "C3'" . DA A 5  ? 9.04536  8.09152  10.96159 0.03693  0.29926  1.02896  105 DA A "C3'" 
90  O "O3'" . DA A 5  ? 9.06561  8.17284  11.17243 0.09062  0.20246  1.01881  105 DA A "O3'" 
91  C "C2'" . DA A 5  ? 9.21223  7.98417  10.65513 0.08324  0.29008  0.85621  105 DA A "C2'" 
92  C "C1'" . DA A 5  ? 9.24321  7.93638  10.91833 0.08419  0.17834  0.74037  105 DA A "C1'" 
93  N N9    . DA A 5  ? 9.33978  7.84705  10.67867 0.11536  0.17089  0.62813  105 DA A N9    
94  C C8    . DA A 5  ? 9.32380  7.75176  10.39435 0.07123  0.26875  0.69836  105 DA A C8    
95  N N7    . DA A 5  ? 9.41476  7.69376  10.22238 0.12796  0.22159  0.59880  105 DA A N7    
96  C C5    . DA A 5  ? 9.49022  7.78191  10.41025 0.22404  0.08679  0.43329  105 DA A C5    
97  C C6    . DA A 5  ? 9.58198  7.82520  10.36143 0.34251  -0.02262 0.26934  105 DA A C6    
98  N N6    . DA A 5  ? 9.61618  7.77367  10.09453 0.38437  -0.02070 0.26999  105 DA A N6    
99  N N1    . DA A 5  ? 9.62457  7.94176  10.59486 0.42919  -0.13726 0.11503  105 DA A N1    
100 C C2    . DA A 5  ? 9.58881  7.97839  10.84694 0.38875  -0.14260 0.14354  105 DA A C2    
101 N N3    . DA A 5  ? 9.50107  7.94498  10.92379 0.28410  -0.05884 0.31284  105 DA A N3    
102 C C4    . DA A 5  ? 9.45089  7.86033  10.69309 0.20964  0.05733  0.44521  105 DA A C4    
103 P P     . DG A 6  ? 10.08301 9.15595  11.83291 0.16183  0.21822  0.99387  106 DG A P     
104 O OP1   . DG A 6  ? 10.01444 9.26330  12.08758 0.18675  0.15099  1.10565  106 DG A OP1   
105 O OP2   . DG A 6  ? 10.07756 9.15913  11.46882 0.15657  0.34048  1.03616  106 DG A OP2   
106 O "O5'" . DG A 6  ? 10.24819 9.08180  11.75144 0.22176  0.14380  0.77567  106 DG A "O5'" 
107 C "C5'" . DG A 6  ? 10.27562 9.07956  12.08601 0.24571  0.01614  0.67843  106 DG A "C5'" 
108 C "C4'" . DG A 6  ? 10.40818 9.05695  11.94278 0.32432  -0.03087 0.46947  106 DG A "C4'" 
109 O "O4'" . DG A 6  ? 10.44419 8.99932  11.78293 0.33071  -0.01317 0.38756  106 DG A "O4'" 
110 C "C3'" . DG A 6  ? 10.46409 9.07740  11.60955 0.36871  0.03348  0.45165  106 DG A "C3'" 
111 O "O3'" . DG A 6  ? 10.52394 9.11034  11.67318 0.43609  -0.03469 0.31989  106 DG A "O3'" 
112 C "C2'" . DG A 6  ? 10.49929 9.02747  11.28245 0.38332  0.10362  0.40907  106 DG A "C2'" 
113 C "C1'" . DG A 6  ? 10.51531 8.99794  11.43092 0.39537  0.03207  0.31416  106 DG A "C1'" 
114 N N9    . DG A 6  ? 10.51814 8.92534  11.18335 0.38243  0.09133  0.34322  106 DG A N9    
115 C C8    . DG A 6  ? 10.45707 8.86219  11.07235 0.30013  0.18733  0.48913  106 DG A C8    
116 N N7    . DG A 6  ? 10.47683 8.78488  10.84192 0.30602  0.22232  0.49655  106 DG A N7    
117 C C5    . DG A 6  ? 10.54729 8.81866  10.79852 0.40978  0.13683  0.35652  106 DG A C5    
118 C C6    . DG A 6  ? 10.58097 8.78607  10.57624 0.47849  0.11750  0.33009  106 DG A C6    
119 O O6    . DG A 6  ? 10.56933 8.68547  10.36644 0.44682  0.17479  0.42919  106 DG A O6    
120 N N1    . DG A 6  ? 10.61920 8.89823  10.60806 0.60642  0.01874  0.18469  106 DG A N1    
121 C C2    . DG A 6  ? 10.63130 9.00974  10.82227 0.65234  -0.04358 0.06299  106 DG A C2    
122 N N2    . DG A 6  ? 10.64782 9.14184  10.81198 0.79299  -0.12733 -0.07705 106 DG A N2    
123 N N3    . DG A 6  ? 10.61498 9.00691  11.02862 0.57677  -0.02684 0.09009  106 DG A N3    
124 C C4    . DG A 6  ? 10.56978 8.91583  11.00569 0.46066  0.06044  0.24752  106 DG A C4    
125 P P     . DC A 7  ? 9.26999  7.85293  10.12202 0.47019  0.02534  0.31602  107 DC A P     
126 O OP1   . DC A 7  ? 9.29906  7.88628  10.30483 0.51934  -0.05483 0.21309  107 DC A OP1   
127 O OP2   . DC A 7  ? 9.22067  7.86376  10.01178 0.42063  0.09431  0.49376  107 DC A OP2   
128 O "O5'" . DC A 7  ? 9.30146  7.84523  9.80152  0.52106  0.08406  0.21916  107 DC A "O5'" 
129 C "C5'" . DC A 7  ? 9.32905  7.89123  9.82542  0.60685  0.02673  0.05328  107 DC A "C5'" 
130 C "C4'" . DC A 7  ? 9.32535  7.88132  9.57628  0.64830  0.06544  0.04097  107 DC A "C4'" 
131 O "O4'" . DC A 7  ? 9.31592  7.79373  9.54658  0.57405  0.09822  0.15541  107 DC A "O4'" 
132 C "C3'" . DC A 7  ? 9.29723  7.89237  9.27661  0.67824  0.15222  0.07351  107 DC A "C3'" 
133 O "O3'" . DC A 7  ? 9.26996  7.97176  9.16169  0.79063  0.13164  -0.01063 107 DC A "O3'" 
134 C "C2'" . DC A 7  ? 9.29016  7.80076  9.13577  0.60880  0.21712  0.21007  107 DC A "C2'" 
135 C "C1'" . DC A 7  ? 9.30493  7.75902  9.25336  0.59028  0.16977  0.21077  107 DC A "C1'" 
136 N N1    . DC A 7  ? 9.28642  7.66531  9.17909  0.50760  0.22985  0.34340  107 DC A N1    
137 C C2    . DC A 7  ? 9.28890  7.60034  8.99729  0.52981  0.24506  0.37368  107 DC A C2    
138 O O2    . DC A 7  ? 9.29794  7.64123  8.90865  0.62680  0.20118  0.30613  107 DC A O2    
139 N N3    . DC A 7  ? 9.26569  7.51245  8.91555  0.45613  0.30937  0.48772  107 DC A N3    
140 C C4    . DC A 7  ? 9.22320  7.52462  9.02529  0.37447  0.35686  0.56529  107 DC A C4    
141 N N4    . DC A 7  ? 9.17723  7.46560  8.93815  0.31169  0.43195  0.67301  107 DC A N4    
142 C C5    . DC A 7  ? 9.21033  7.61242  9.22365  0.36468  0.32891  0.55105  107 DC A C5    
143 C C6    . DC A 7  ? 9.25196  7.66227  9.28729  0.42659  0.26553  0.44104  107 DC A C6    
144 P P     . DT A 8  ? 9.23072  8.12036  9.19391  0.89642  0.10663  -0.14840 108 DT A P     
145 O OP1   . DT A 8  ? 9.27870  8.16193  9.48557  0.91105  0.00514  -0.26569 108 DT A OP1   
146 O OP2   . DT A 8  ? 9.19129  8.11074  9.06861  0.85976  0.19614  -0.10184 108 DT A OP2   
147 O "O5'" . DT A 8  ? 9.15969  8.23436  9.02980  1.03372  0.09154  -0.17286 108 DT A "O5'" 
148 C "C5'" . DT A 8  ? 9.05552  8.27430  8.80470  1.08021  0.17057  -0.09472 108 DT A "C5'" 
149 C "C4'" . DT A 8  ? 8.96424  8.41857  8.70605  1.23865  0.12447  -0.09027 108 DT A "C4'" 
150 O "O4'" . DT A 8  ? 9.03267  8.34514  8.70654  1.23930  0.05620  -0.05032 108 DT A "O4'" 
151 C "C3'" . DT A 8  ? 8.83261  8.44472  8.52495  1.28733  0.18774  0.03809  108 DT A "C3'" 
152 O "O3'" . DT A 8  ? 8.67769  8.67169  8.49822  1.42969  0.19588  -0.00405 108 DT A "O3'" 
153 C "C2'" . DT A 8  ? 8.83854  8.38326  8.43082  1.32923  0.13726  0.15647  108 DT A "C2'" 
154 C "C1'" . DT A 8  ? 8.97640  8.29829  8.52288  1.27523  0.07270  0.10000  108 DT A "C1'" 
155 N N1    . DT A 8  ? 9.06315  8.07480  8.48612  1.13163  0.11215  0.20203  108 DT A N1    
156 C C2    . DT A 8  ? 9.06939  7.98257  8.35854  1.14669  0.09155  0.32195  108 DT A C2    
157 O O2    . DT A 8  ? 9.00971  8.07134  8.26795  1.27795  0.03134  0.36745  108 DT A O2    
158 N N3    . DT A 8  ? 9.13622  7.79638  8.33238  1.01222  0.14352  0.39902  108 DT A N3    
159 C C4    . DT A 8  ? 9.18350  7.72813  8.42535  0.88456  0.20342  0.37617  108 DT A C4    
160 O O4    . DT A 8  ? 9.21671  7.60556  8.39524  0.78918  0.24905  0.45043  108 DT A O4    
161 C C5    . DT A 8  ? 9.17736  7.82844  8.55223  0.88292  0.20812  0.26977  108 DT A C5    
162 C C7    . DT A 8  ? 9.21613  7.78029  8.64754  0.76830  0.25619  0.26954  108 DT A C7    
163 C C6    . DT A 8  ? 9.12340  7.97971  8.57237  0.99709  0.16781  0.18553  108 DT A C6    
164 P P     . DG A 9  ? 8.48761  8.73762  8.36759  1.50153  0.25113  0.14803  109 DG A P     
165 O OP1   . DG A 9  ? 8.30613  8.96110  8.36305  1.59644  0.30886  0.09973  109 DG A OP1   
166 O OP2   . DG A 9  ? 8.54826  8.50767  8.32365  1.35913  0.30245  0.25546  109 DG A OP2   
167 O "O5'" . DG A 9  ? 8.42899  8.82831  8.30796  1.65191  0.15524  0.24597  109 DG A "O5'" 
168 C "C5'" . DG A 9  ? 8.26315  8.86311  8.23006  1.72851  0.16660  0.42816  109 DG A "C5'" 
169 C "C4'" . DG A 9  ? 8.36280  8.61363  8.17805  1.64072  0.14494  0.56367  109 DG A "C4'" 
170 O "O4'" . DG A 9  ? 8.56954  8.39992  8.20995  1.46299  0.17123  0.47874  109 DG A "O4'" 
171 C "C3'" . DG A 9  ? 8.25765  8.51958  8.17325  1.60520  0.19263  0.70946  109 DG A "C3'" 
172 O "O3'" . DG A 9  ? 8.03432  8.68139  8.16044  1.78323  0.14339  0.88299  109 DG A "O3'" 
173 C "C2'" . DG A 9  ? 8.43756  8.25088  8.14025  1.47930  0.17610  0.75444  109 DG A "C2'" 
174 C "C1'" . DG A 9  ? 8.61971  8.20490  8.15195  1.40035  0.16678  0.60897  109 DG A "C1'" 
175 N N9    . DG A 9  ? 8.77666  8.01376  8.18171  1.22388  0.21646  0.55747  109 DG A N9    
176 C C8    . DG A 9  ? 8.87178  8.00536  8.26498  1.12840  0.24791  0.42928  109 DG A C8    
177 N N7    . DG A 9  ? 8.97286  7.85783  8.27794  1.00175  0.28051  0.44216  109 DG A N7    
178 C C5    . DG A 9  ? 8.95834  7.75360  8.19167  1.00831  0.27450  0.56299  109 DG A C5    
179 C C6    . DG A 9  ? 9.02493  7.60658  8.16199  0.91625  0.30328  0.61851  109 DG A C6    
180 O O6    . DG A 9  ? 9.09691  7.56073  8.20322  0.81441  0.34276  0.58380  109 DG A O6    
181 N N1    . DG A 9  ? 8.98237  7.53010  8.08445  0.96748  0.27705  0.73717  109 DG A N1    
182 C C2    . DG A 9  ? 8.87645  7.59228  8.04947  1.09620  0.22215  0.82063  109 DG A C2    
183 N N2    . DG A 9  ? 8.84159  7.49240  7.99747  1.13668  0.18817  0.95722  109 DG A N2    
184 N N3    . DG A 9  ? 8.79291  7.75950  8.07235  1.19361  0.19694  0.78461  109 DG A N3    
185 C C4    . DG A 9  ? 8.84502  7.83081  8.13895  1.14057  0.22918  0.64187  109 DG A C4    
186 P P     . DT A 10 ? 7.74851  8.92134  8.22100  1.88674  0.20241  0.93451  110 DT A P     
187 O OP1   . DT A 10 ? 7.52436  9.02960  8.24487  2.04924  0.13557  1.17146  110 DT A OP1   
188 O OP2   . DT A 10 ? 7.70593  9.15595  8.21601  1.95537  0.23104  0.77574  110 DT A OP2   
189 O "O5'" . DT A 10 ? 7.77574  8.74927  8.27573  1.70878  0.30612  0.89386  110 DT A "O5'" 
190 C "C5'" . DT A 10 ? 7.65941  8.65755  8.35259  1.69459  0.30597  1.04449  110 DT A "C5'" 
191 C "C4'" . DT A 10 ? 7.75729  8.48687  8.34526  1.70900  0.20524  1.16781  110 DT A "C4'" 
192 O "O4'" . DT A 10 ? 8.03703  8.29905  8.26569  1.58013  0.20265  1.04372  110 DT A "O4'" 
193 C "C3'" . DT A 10 ? 7.69045  8.34319  8.46586  1.67022  0.18893  1.28515  110 DT A "C3'" 
194 O "O3'" . DT A 10 ? 7.64894  8.28825  8.48154  1.77661  0.07698  1.47864  110 DT A "O3'" 
195 C "C2'" . DT A 10 ? 7.94032  8.12788  8.43527  1.48500  0.23125  1.13148  110 DT A "C2'" 
196 C "C1'" . DT A 10 ? 8.13326  8.08312  8.30448  1.46994  0.20416  1.06660  110 DT A "C1'" 
197 N N1    . DT A 10 ? 8.35838  7.96328  8.25784  1.31166  0.25724  0.90054  110 DT A N1    
198 C C2    . DT A 10 ? 8.50162  7.77942  8.24646  1.21921  0.24794  0.90102  110 DT A C2    
199 O O2    . DT A 10 ? 8.47369  7.68501  8.27511  1.24824  0.19998  1.00947  110 DT A O2    
200 N N3    . DT A 10 ? 8.66230  7.72651  8.21673  1.10018  0.29482  0.77589  110 DT A N3    
201 C C4    . DT A 10 ? 8.70361  7.81113  8.21596  1.06402  0.33460  0.66114  110 DT A C4    
202 O O4    . DT A 10 ? 8.82779  7.76199  8.22063  0.96674  0.36187  0.58463  110 DT A O4    
203 C C5    . DT A 10 ? 8.57122  7.97993  8.22581  1.16094  0.33776  0.64779  110 DT A C5    
204 C C7    . DT A 10 ? 8.60492  8.07914  8.24162  1.13911  0.37241  0.51572  110 DT A C7    
205 C C6    . DT A 10 ? 8.40036  8.05958  8.23788  1.27934  0.30643  0.76456  110 DT A C6    
206 P P     . DG A 11 ? 7.33212  8.42177  8.64108  1.94629  0.00757  1.73325  111 DG A P     
207 O OP1   . DG A 11 ? 7.30057  8.47209  8.55555  2.10421  -0.10582 1.91306  111 DG A OP1   
208 O OP2   . DG A 11 ? 7.08396  8.65799  8.72353  1.99196  0.08976  1.72335  111 DG A OP2   
209 O "O5'" . DG A 11 ? 7.36085  8.19112  8.81178  1.86226  -0.02940 1.78448  111 DG A "O5'" 
210 C "C5'" . DG A 11 ? 7.52570  8.04973  8.82883  1.68668  0.04374  1.58886  111 DG A "C5'" 
211 C "C4'" . DG A 11 ? 7.65247  7.82043  8.91761  1.62878  -0.02479 1.60358  111 DG A "C4'" 
212 O "O4'" . DG A 11 ? 7.93258  7.69010  8.75925  1.49198  0.02492  1.42082  111 DG A "O4'" 
213 C "C3'" . DG A 11 ? 7.54984  7.78716  9.15260  1.58420  -0.02676 1.57731  111 DG A "C3'" 
214 O "O3'" . DG A 11 ? 7.57332  7.62879  9.31567  1.60727  -0.13644 1.65583  111 DG A "O3'" 
215 C "C2'" . DG A 11 ? 7.74399  7.74841  9.04044  1.42827  0.07245  1.33854  111 DG A "C2'" 
216 C "C1'" . DG A 11 ? 7.99288  7.63979  8.84322  1.38145  0.06912  1.27618  111 DG A "C1'" 
217 N N9    . DG A 11 ? 8.13856  7.67570  8.68835  1.27602  0.16678  1.10322  111 DG A N9    
218 C C8    . DG A 11 ? 8.07934  7.81814  8.61074  1.28114  0.23743  1.05778  111 DG A C8    
219 N N7    . DG A 11 ? 8.23414  7.80902  8.50606  1.17935  0.30347  0.91077  111 DG A N7    
220 C C5    . DG A 11 ? 8.39083  7.67447  8.50878  1.10557  0.28147  0.86163  111 DG A C5    
221 C C6    . DG A 11 ? 8.56528  7.63605  8.43392  1.00035  0.32349  0.74032  111 DG A C6    
222 O O6    . DG A 11 ? 8.62605  7.68862  8.36365  0.94415  0.38073  0.65880  111 DG A O6    
223 N N1    . DG A 11 ? 8.65437  7.54227  8.46487  0.97467  0.28606  0.72922  111 DG A N1    
224 C C2    . DG A 11 ? 8.60074  7.46682  8.56424  1.03702  0.21109  0.81262  111 DG A C2    
225 N N2    . DG A 11 ? 8.69787  7.39870  8.58501  1.01082  0.18490  0.76870  111 DG A N2    
226 N N3    . DG A 11 ? 8.44400  7.47549  8.65448  1.13181  0.15910  0.94082  111 DG A N3    
227 C C4    . DG A 11 ? 8.33965  7.59231  8.61467  1.16336  0.20102  0.96424  111 DG A C4    
228 P P     . DA A 12 ? 7.50002  7.58074  9.60005  1.56378  -0.16925 1.59201  112 DA A P     
229 O OP1   . DA A 12 ? 7.35485  7.50705  9.88474  1.67166  -0.31526 1.77783  112 DA A OP1   
230 O OP2   . DA A 12 ? 7.33160  7.74123  9.62843  1.53512  -0.06976 1.54901  112 DA A OP2   
231 O "O5'" . DA A 12 ? 7.79142  7.45313  9.49104  1.43589  -0.14323 1.36435  112 DA A "O5'" 
232 C "C5'" . DA A 12 ? 7.94674  7.30032  9.46275  1.44592  -0.21603 1.37925  112 DA A "C5'" 
233 C "C4'" . DA A 12 ? 8.12409  7.24376  9.48026  1.35974  -0.21084 1.17323  112 DA A "C4'" 
234 O "O4'" . DA A 12 ? 8.29517  7.28530  9.21326  1.25879  -0.09484 1.03345  112 DA A "O4'" 
235 C "C3'" . DA A 12 ? 8.03113  7.30341  9.72508  1.34656  -0.23953 1.06997  112 DA A "C3'" 
236 O "O3'" . DA A 12 ? 8.07971  7.22651  9.94863  1.37882  -0.35593 0.99969  112 DA A "O3'" 
237 C "C2'" . DA A 12 ? 8.13259  7.39814  9.53268  1.23993  -0.11839 0.89718  112 DA A "C2'" 
238 C "C1'" . DA A 12 ? 8.30453  7.37791  9.23449  1.19198  -0.04090 0.88126  112 DA A "C1'" 
239 N N9    . DA A 12 ? 8.27360  7.47233  9.07557  1.15015  0.06321  0.87506  112 DA A N9    
240 C C8    . DA A 12 ? 8.09734  7.54331  9.09562  1.20532  0.08237  0.99412  112 DA A C8    
241 N N7    . DA A 12 ? 8.10024  7.63654  8.94665  1.15845  0.18173  0.93826  112 DA A N7    
242 C C5    . DA A 12 ? 8.28971  7.61248  8.83293  1.06200  0.22405  0.78951  112 DA A C5    
243 C C6    . DA A 12 ? 8.38087  7.66838  8.67445  0.98257  0.31332  0.69095  112 DA A C6    
244 N N6    . DA A 12 ? 8.30145  7.75412  8.59840  0.98247  0.38361  0.70124  112 DA A N6    
245 N N1    . DA A 12 ? 8.54211  7.64992  8.60945  0.91663  0.32153  0.58996  112 DA A N1    
246 C C2    . DA A 12 ? 8.60715  7.59775  8.68486  0.93274  0.25425  0.56667  112 DA A C2    
247 N N3    . DA A 12 ? 8.54740  7.53094  8.83300  1.00066  0.16979  0.62851  112 DA A N3    
248 C C4    . DA A 12 ? 8.38934  7.53028  8.90584  1.06070  0.15494  0.74993  112 DA A C4    
249 P P     . DC A 13 ? 8.31340  7.20598  9.82890  1.33125  -0.34831 0.80708  113 DC A P     
250 O OP1   . DC A 13 ? 8.43058  7.11801  9.57998  1.31829  -0.30299 0.88646  113 DC A OP1   
251 O OP2   . DC A 13 ? 8.28826  7.19027  10.14763 1.39288  -0.48427 0.71875  113 DC A OP2   
252 O "O5'" . DC A 13 ? 8.39740  7.34171  9.65698  1.23703  -0.23855 0.63179  113 DC A "O5'" 
253 C "C5'" . DC A 13 ? 8.57196  7.37233  9.38259  1.17231  -0.14917 0.55224  113 DC A "C5'" 
254 C "C4'" . DC A 13 ? 8.66438  7.48989  9.39283  1.15830  -0.15934 0.36195  113 DC A "C4'" 
255 O "O4'" . DC A 13 ? 8.70818  7.59555  9.19724  1.08228  -0.05598 0.30811  113 DC A "O4'" 
256 C "C3'" . DC A 13 ? 8.58115  7.53654  9.67992  1.21368  -0.26948 0.26923  113 DC A "C3'" 
257 O "O3'" . DC A 13 ? 8.68321  7.64069  9.71780  1.25265  -0.32603 0.09847  113 DC A "O3'" 
258 C "C2'" . DC A 13 ? 8.50352  7.61340  9.62761  1.15377  -0.19846 0.25569  113 DC A "C2'" 
259 C "C1'" . DC A 13 ? 8.61657  7.66083  9.30011  1.07463  -0.06727 0.25737  113 DC A "C1'" 
260 N N1    . DC A 13 ? 8.52650  7.64208  9.19499  1.02306  0.02713  0.35994  113 DC A N1    
261 C C2    . DC A 13 ? 8.57475  7.71243  8.98251  0.94808  0.13141  0.32919  113 DC A C2    
262 O O2    . DC A 13 ? 8.68767  7.79380  8.87547  0.92482  0.14308  0.23961  113 DC A O2    
263 N N3    . DC A 13 ? 8.48042  7.70450  8.90742  0.91649  0.21211  0.41082  113 DC A N3    
264 C C4    . DC A 13 ? 8.33035  7.66258  9.02647  0.96545  0.19367  0.52424  113 DC A C4    
265 N N4    . DC A 13 ? 8.22217  7.70073  8.94624  0.95346  0.27553  0.59465  113 DC A N4    
266 C C5    . DC A 13 ? 8.27151  7.59536  9.24143  1.04410  0.08336  0.58266  113 DC A C5    
267 C C6    . DC A 13 ? 8.38017  7.57257  9.32028  1.06472  0.00364  0.49388  113 DC A C6    
268 P P     . DG A 14 ? 8.64672  7.63453  10.06974 1.36085  -0.49738 0.00322  114 DG A P     
269 O OP1   . DG A 14 ? 8.69096  7.51624  10.08889 1.40767  -0.53622 0.06938  114 DG A OP1   
270 O OP2   . DG A 14 ? 8.48017  7.58928  10.34479 1.37556  -0.56605 0.05439  114 DG A OP2   
271 O "O5'" . DG A 14 ? 8.73357  7.85534  10.05517 1.39669  -0.53127 -0.22344 114 DG A "O5'" 
272 C "C5'" . DG A 14 ? 8.70265  7.97378  10.02434 1.36275  -0.51068 -0.29576 114 DG A "C5'" 
273 C "C4'" . DG A 14 ? 8.81067  8.13952  9.70659  1.32695  -0.41209 -0.34597 114 DG A "C4'" 
274 O "O4'" . DG A 14 ? 8.80137  8.05937  9.46592  1.21599  -0.26835 -0.19995 114 DG A "O4'" 
275 C "C3'" . DG A 14 ? 8.81460  8.33444  9.71287  1.35736  -0.45871 -0.48965 114 DG A "C3'" 
276 O "O3'" . DG A 14 ? 8.90771  8.52343  9.46367  1.37087  -0.40609 -0.52550 114 DG A "O3'" 
277 C "C2'" . DG A 14 ? 8.72794  8.23481  9.63776  1.25309  -0.37065 -0.38227 114 DG A "C2'" 
278 C "C1'" . DG A 14 ? 8.77736  8.15090  9.37974  1.17520  -0.23405 -0.23630 114 DG A "C1'" 
279 N N9    . DG A 14 ? 8.68603  8.02419  9.32080  1.08864  -0.14140 -0.10533 114 DG A N9    
280 C C8    . DG A 14 ? 8.55005  7.89187  9.50591  1.08831  -0.15891 -0.01242 114 DG A C8    
281 N N7    . DG A 14 ? 8.46819  7.84520  9.38915  1.01821  -0.05290 0.09345  114 DG A N7    
282 C C5    . DG A 14 ? 8.57271  7.92594  9.12069  0.96113  0.03293  0.06123  114 DG A C5    
283 C C6    . DG A 14 ? 8.55260  7.92074  8.91306  0.88057  0.15566  0.12725  114 DG A C6    
284 O O6    . DG A 14 ? 8.42951  7.86309  8.90853  0.84613  0.22581  0.21721  114 DG A O6    
285 N N1    . DG A 14 ? 8.67617  8.01348  8.70594  0.85321  0.19089  0.08651  114 DG A N1    
286 C C2    . DG A 14 ? 8.78517  8.12969  8.69128  0.90736  0.12299  0.00379  114 DG A C2    
287 N N2    . DG A 14 ? 8.86507  8.23231  8.49264  0.88614  0.16372  0.01316  114 DG A N2    
288 N N3    . DG A 14 ? 8.79888  8.16209  8.87043  0.98915  0.01731  -0.07604 114 DG A N3    
289 C C4    . DG A 14 ? 8.69923  8.03982  9.08148  1.00611  -0.02383 -0.04633 114 DG A C4    
290 P P     . DG A 15 ? 8.92250  8.73686  9.33274  1.38794  -0.41656 -0.60422 115 DG A P     
291 O OP1   . DG A 15 ? 8.98805  9.00516  9.25765  1.50166  -0.46212 -0.69980 115 DG A OP1   
292 O OP2   . DG A 15 ? 8.84403  8.71622  9.54060  1.40004  -0.50519 -0.68971 115 DG A OP2   
293 O "O5'" . DG A 15 ? 8.92691  8.65255  9.04693  1.25685  -0.25918 -0.43727 115 DG A "O5'" 
294 C "C5'" . DG A 15 ? 8.96557  8.82932  8.81880  1.25785  -0.22700 -0.42601 115 DG A "C5'" 
295 C "C4'" . DG A 15 ? 8.91655  8.71966  8.70153  1.15181  -0.14919 -0.34724 115 DG A "C4'" 
296 O "O4'" . DG A 15 ? 8.85020  8.48207  8.77972  1.06411  -0.07829 -0.25801 115 DG A "O4'" 
297 C "C3'" . DG A 15 ? 8.85730  8.77292  8.79792  1.17787  -0.22683 -0.45088 115 DG A "C3'" 
298 O "O3'" . DG A 15 ? 8.90331  8.99015  8.60382  1.22924  -0.25831 -0.48126 115 DG A "O3'" 
299 C "C2'" . DG A 15 ? 8.75002  8.55823  8.79263  1.05128  -0.12454 -0.35098 115 DG A "C2'" 
300 C "C1'" . DG A 15 ? 8.75339  8.40153  8.77205  0.99443  -0.03425 -0.23016 115 DG A "C1'" 
301 N N9    . DG A 15 ? 8.63007  8.24039  9.00285  0.97578  -0.04009 -0.19519 115 DG A N9    
302 C C8    . DG A 15 ? 8.58714  8.21320  9.30447  1.05245  -0.15910 -0.25912 115 DG A C8    
303 N N7    . DG A 15 ? 8.44384  8.07371  9.48110  1.02777  -0.14610 -0.16942 115 DG A N7    
304 C C5    . DG A 15 ? 8.38329  8.02476  9.27160  0.93077  -0.00081 -0.05876 115 DG A C5    
305 C C6    . DG A 15 ? 8.20681  7.92695  9.32196  0.88359  0.08185  0.07403  115 DG A C6    
306 O O6    . DG A 15 ? 8.05110  7.86320  9.57949  0.92051  0.03612  0.14549  115 DG A O6    
307 N N1    . DG A 15 ? 8.19956  7.92900  9.04673  0.79734  0.22748  0.13562  115 DG A N1    
308 C C2    . DG A 15 ? 8.34903  7.99088  8.77677  0.75893  0.27484  0.09632  115 DG A C2    
309 N N2    . DG A 15 ? 8.31779  7.96846  8.55882  0.68046  0.40733  0.16947  115 DG A N2    
310 N N3    . DG A 15 ? 8.50151  8.08710  8.73394  0.80722  0.19366  0.00285  115 DG A N3    
311 C C4    . DG A 15 ? 8.50709  8.11016  8.98081  0.89335  0.06305  -0.07973 115 DG A C4    
312 P P     . DA A 16 ? 8.95560  9.04437  8.27300  1.17967  -0.15621 -0.32565 116 DA A P     
313 O OP1   . DA A 16 ? 9.01449  9.17559  8.24607  1.24680  -0.16281 -0.29302 116 DA A OP1   
314 O OP2   . DA A 16 ? 8.95374  9.19246  8.11545  1.21405  -0.19891 -0.34320 116 DA A OP2   
315 O "O5'" . DA A 16 ? 8.90754  8.77168  8.20111  1.02051  -0.00749 -0.19075 116 DA A "O5'" 
316 C "C5'" . DA A 16 ? 8.95060  8.72906  8.01639  0.95827  0.09075  -0.04979 116 DA A "C5'" 
317 C "C4'" . DA A 16 ? 8.90251  8.59232  7.84990  0.84364  0.20005  0.04385  116 DA A "C4'" 
318 O "O4'" . DA A 16 ? 8.80702  8.39972  7.97884  0.77014  0.26654  0.04532  116 DA A "O4'" 
319 C "C3'" . DA A 16 ? 8.87129  8.66433  7.72436  0.84760  0.17573  0.01929  116 DA A "C3'" 
320 O "O3'" . DA A 16 ? 8.90682  8.68684  7.45256  0.80947  0.23319  0.14797  116 DA A "O3'" 
321 C "C2'" . DA A 16 ? 8.74239  8.49208  7.82174  0.76144  0.23922  -0.00375 116 DA A "C2'" 
322 C "C1'" . DA A 16 ? 8.70494  8.33478  7.91484  0.70381  0.32347  0.05558  116 DA A "C1'" 
323 N N9    . DA A 16 ? 8.57553  8.24829  8.16227  0.70034  0.30780  0.00649  116 DA A N9    
324 C C8    . DA A 16 ? 8.57344  8.29317  8.42289  0.78713  0.18172  -0.09618 116 DA A C8    
325 N N7    . DA A 16 ? 8.42435  8.20246  8.65302  0.77437  0.17380  -0.10085 116 DA A N7    
326 C C5    . DA A 16 ? 8.30500  8.11092  8.51804  0.67245  0.31800  0.00382  116 DA A C5    
327 C C6    . DA A 16 ? 8.08753  8.02384  8.65606  0.62345  0.38716  0.06893  116 DA A C6    
328 N N6    . DA A 16 ? 7.95813  8.00096  8.99521  0.67374  0.29914  0.04960  116 DA A N6    
329 N N1    . DA A 16 ? 7.98922  7.97534  8.45120  0.53033  0.54629  0.16463  116 DA A N1    
330 C C2    . DA A 16 ? 8.12205  7.98743  8.13951  0.48669  0.61783  0.19179  116 DA A C2    
331 N N3    . DA A 16 ? 8.32976  8.05827  8.00729  0.52749  0.54978  0.15470  116 DA A N3    
332 C C4    . DA A 16 ? 8.40437  8.12992  8.20557  0.62255  0.40395  0.06012  116 DA A C4    
333 P P     . DC A 17 ? 8.88575  8.75699  7.23882  0.80977  0.21752  0.16580  117 DC A P     
334 O OP1   . DC A 17 ? 8.94150  8.80007  6.97486  0.80111  0.25032  0.33184  117 DC A OP1   
335 O OP2   . DC A 17 ? 8.89369  8.95042  7.37095  0.93577  0.06960  0.01502  117 DC A OP2   
336 O "O5'" . DC A 17 ? 8.75881  8.53795  7.22961  0.67409  0.33951  0.16865  117 DC A "O5'" 
337 C "C5'" . DC A 17 ? 8.71334  8.35822  7.14990  0.56039  0.48675  0.27115  117 DC A "C5'" 
338 C "C4'" . DC A 17 ? 8.54374  8.21402  7.24368  0.47152  0.58237  0.24445  117 DC A "C4'" 
339 O "O4'" . DC A 17 ? 8.48784  8.22790  7.57289  0.52840  0.49763  0.13178  117 DC A "O4'" 
340 C "C3'" . DC A 17 ? 8.44952  8.19533  7.08708  0.41383  0.62431  0.25289  117 DC A "C3'" 
341 O "O3'" . DC A 17 ? 8.29788  8.04111  6.99310  0.28970  0.80016  0.33421  117 DC A "O3'" 
342 C "C2'" . DC A 17 ? 8.37857  8.25473  7.38251  0.47432  0.50922  0.11010  117 DC A "C2'" 
343 C "C1'" . DC A 17 ? 8.33147  8.18759  7.66028  0.48742  0.51459  0.09266  117 DC A "C1'" 
344 N N1    . DC A 17 ? 8.28677  8.23560  8.03675  0.57460  0.37087  -0.03768 117 DC A N1    
345 C C2    . DC A 17 ? 8.07579  8.14812  8.29176  0.53529  0.39606  -0.04054 117 DC A C2    
346 O O2    . DC A 17 ? 7.91313  8.05186  8.19434  0.43090  0.54924  0.06030  117 DC A O2    
347 N N3    . DC A 17 ? 8.03790  8.18288  8.65970  0.62112  0.24845  -0.14509 117 DC A N3    
348 C C4    . DC A 17 ? 8.20396  8.30129  8.75048  0.73908  0.09451  -0.26079 117 DC A C4    
349 N N4    . DC A 17 ? 8.16203  8.32524  9.12664  0.82572  -0.05301 -0.36778 117 DC A N4    
350 C C5    . DC A 17 ? 8.40024  8.41316  8.47797  0.78114  0.08352  -0.26121 117 DC A C5    
351 C C6    . DC A 17 ? 8.43079  8.37436  8.14282  0.69740  0.21696  -0.14038 117 DC A C6    
352 P P     . DA A 18 ? 8.46580  8.14521  6.78936  0.19002  0.93563  0.46468  118 DA A P     
353 O OP1   . DA A 18 ? 8.50977  8.07990  6.73216  0.16348  1.01777  0.54059  118 DA A OP1   
354 O OP2   . DA A 18 ? 8.59305  8.26030  6.59800  0.25133  0.82442  0.47704  118 DA A OP2   
355 O "O5'" . DA A 18 ? 8.21352  8.03846  6.78662  0.07543  1.08302  0.47739  118 DA A "O5'" 
356 C "C5'" . DA A 18 ? 8.02312  7.97334  6.98004  0.03333  1.19517  0.48730  118 DA A "C5'" 
357 C "C4'" . DA A 18 ? 7.75415  7.94447  7.15203  -0.02276 1.25830  0.47509  118 DA A "C4'" 
358 O "O4'" . DA A 18 ? 7.74824  8.01486  7.51264  0.06512  1.08698  0.36262  118 DA A "O4'" 
359 C "C3'" . DA A 18 ? 7.62199  7.88330  6.91045  -0.13407 1.37372  0.53016  118 DA A "C3'" 
360 O "O3'" . DA A 18 ? 7.32500  7.82713  6.97160  -0.22045 1.56063  0.60626  118 DA A "O3'" 
361 C "C2'" . DA A 18 ? 7.63268  7.95545  7.12269  -0.07730 1.20227  0.41399  118 DA A "C2'" 
362 C "C1'" . DA A 18 ? 7.60082  8.00908  7.57225  0.02042  1.08214  0.33311  118 DA A "C1'" 
363 N N9    . DA A 18 ? 7.73547  8.11508  7.82596  0.14214  0.85291  0.18599  118 DA A N9    
364 C C8    . DA A 18 ? 7.99868  8.22057  7.73585  0.24554  0.71022  0.11657  118 DA A C8    
365 N N7    . DA A 18 ? 8.05955  8.32862  8.02713  0.36062  0.51787  -0.02713 118 DA A N7    
366 C C5    . DA A 18 ? 7.83064  8.26976  8.36789  0.33074  0.52013  -0.04959 118 DA A C5    
367 C C6    . DA A 18 ? 7.76694  8.32323  8.81332  0.41746  0.34665  -0.18039 118 DA A C6    
368 N N6    . DA A 18 ? 7.94647  8.46082  8.96081  0.55783  0.14253  -0.33713 118 DA A N6    
369 N N1    . DA A 18 ? 7.49339  8.24388  9.12190  0.36348  0.38863  -0.13695 118 DA A N1    
370 C C2    . DA A 18 ? 7.28672  8.14113  8.95813  0.23255  0.60849  0.02543  118 DA A C2    
371 N N3    . DA A 18 ? 7.32791  8.08996  8.52254  0.14347  0.79350  0.13888  118 DA A N3    
372 C C4    . DA A 18 ? 7.61514  8.14711  8.25381  0.19771  0.72952  0.09265  118 DA A C4    
373 P P     . DT A 19 ? 6.85577  7.58523  6.72396  -0.34555 1.70795  0.66525  119 DT A P     
374 O OP1   . DT A 19 ? 6.55886  7.57204  6.76331  -0.40628 1.91656  0.76782  119 DT A OP1   
375 O OP2   . DT A 19 ? 6.98895  7.53490  6.34355  -0.40396 1.71424  0.68580  119 DT A OP2   
376 O "O5'" . DT A 19 ? 6.73891  7.64389  7.17578  -0.28797 1.55349  0.57083  119 DT A "O5'" 
377 C "C5'" . DT A 19 ? 6.39136  7.61860  7.34686  -0.37110 1.66781  0.62996  119 DT A "C5'" 
378 C "C4'" . DT A 19 ? 6.37442  7.64530  7.60621  -0.34551 1.49985  0.52068  119 DT A "C4'" 
379 O "O4'" . DT A 19 ? 6.67298  7.72871  7.76441  -0.19943 1.24622  0.37127  119 DT A "O4'" 
380 C "C3'" . DT A 19 ? 6.39348  7.59273  7.27210  -0.44216 1.54944  0.52166  119 DT A "C3'" 
381 O "O3'" . DT A 19 ? 6.02090  7.53352  7.35842  -0.57067 1.71677  0.61130  119 DT A "O3'" 
382 C "C2'" . DT A 19 ? 6.62117  7.69248  7.45687  -0.31716 1.26589  0.33781  119 DT A "C2'" 
383 C "C1'" . DT A 19 ? 6.68997  7.76988  7.89463  -0.17687 1.10031  0.25423  119 DT A "C1'" 
384 N N1    . DT A 19 ? 7.01059  7.88309  7.91738  -0.03040 0.87254  0.10802  119 DT A N1    
385 C C2    . DT A 19 ? 7.03403  7.97503  8.37319  0.09207  0.64626  -0.04958 119 DT A C2    
386 O O2    . DT A 19 ? 6.80141  7.95288  8.78396  0.08200  0.61192  -0.06734 119 DT A O2    
387 N N3    . DT A 19 ? 7.32198  8.10630  8.34671  0.23333  0.45757  -0.17983 119 DT A N3    
388 C C4    . DT A 19 ? 7.56502  8.15943  7.93581  0.26376  0.47194  -0.14553 119 DT A C4    
389 O O4    . DT A 19 ? 7.78002  8.30838  7.95639  0.40234  0.30265  -0.25256 119 DT A O4    
390 C C5    . DT A 19 ? 7.52788  8.03877  7.50409  0.12892  0.70006  0.03477  119 DT A C5    
391 C C7    . DT A 19 ? 7.76136  8.07694  7.08764  0.15423  0.71799  0.10798  119 DT A C7    
392 C C6    . DT A 19 ? 7.26326  7.90652  7.50892  -0.00922 0.88798  0.14057  119 DT A C6    
393 P P     . DC A 20 ? 5.82826  7.64070  8.00631  -0.54537 1.59098  0.54456  120 DC A P     
394 O OP1   . DC A 20 ? 5.91439  7.72883  8.48632  -0.38435 1.37215  0.45057  120 DC A OP1   
395 O OP2   . DC A 20 ? 5.38390  7.59111  8.07003  -0.68223 1.83915  0.71364  120 DC A OP2   
396 O "O5'" . DC A 20 ? 5.97083  7.64596  7.88779  -0.55304 1.45359  0.41654  120 DC A "O5'" 
397 C "C5'" . DC A 20 ? 5.71607  7.64263  8.22376  -0.59996 1.40766  0.37404  120 DC A "C5'" 
398 C "C4'" . DC A 20 ? 5.51975  7.70145  8.91014  -0.51044 1.27381  0.33940  120 DC A "C4'" 
399 O "O4'" . DC A 20 ? 5.83540  7.79199  9.08862  -0.32938 1.03806  0.20173  120 DC A "O4'" 
400 C "C3'" . DC A 20 ? 5.34217  7.72991  9.39912  -0.49789 1.11035  0.23008  120 DC A "C3'" 
401 O "O3'" . DC A 20 ? 5.09265  7.76086  10.02198 -0.43288 1.03614  0.27505  120 DC A "O3'" 
402 C "C2'" . DC A 20 ? 5.75356  7.83718  9.38333  -0.33889 0.81847  -0.01315 120 DC A "C2'" 
403 C "C1'" . DC A 20 ? 5.96366  7.88015  9.42017  -0.21637 0.75699  -0.01236 120 DC A "C1'" 
404 N N1    . DC A 20 ? 6.39691  7.97872  9.11618  -0.08918 0.60362  -0.15096 120 DC A N1    
405 C C2    . DC A 20 ? 6.60527  8.12025  9.46230  0.09665  0.30427  -0.36966 120 DC A C2    
406 O O2    . DC A 20 ? 6.45950  8.14693  10.03227 0.15816  0.14464  -0.46619 120 DC A O2    
407 N N3    . DC A 20 ? 6.95067  8.23786  9.16717  0.21201  0.19628  -0.46288 120 DC A N3    
408 C C4    . DC A 20 ? 7.08851  8.20513  8.60243  0.15050  0.35341  -0.33961 120 DC A C4    
409 N N4    . DC A 20 ? 7.39009  8.34019  8.36451  0.27351  0.23861  -0.40779 120 DC A N4    
410 C C5    . DC A 20 ? 6.90607  8.04309  8.26534  -0.03418 0.63714  -0.13099 120 DC A C5    
411 C C6    . DC A 20 ? 6.56571  7.94206  8.52357  -0.14633 0.75999  -0.04889 120 DC A C6    
412 P P     . DA A 21 ? 4.96365  7.87773  10.81745 -0.37673 0.80517  0.16064  121 DA A P     
413 O OP1   . DA A 21 ? 4.63074  7.89023  11.37616 -0.33569 0.80516  0.31351  121 DA A OP1   
414 O OP2   . DA A 21 ? 4.81219  7.82544  10.62728 -0.52335 0.90758  0.15658  121 DA A OP2   
415 O "O5'" . DA A 21 ? 5.38789  7.98322  10.97383 -0.17970 0.45948  -0.12342 121 DA A "O5'" 
416 C "C5'" . DA A 21 ? 5.36576  8.05212  11.51211 -0.08879 0.18332  -0.32874 121 DA A "C5'" 
417 C "C4'" . DA A 21 ? 5.60783  8.12192  11.17247 -0.07823 0.08849  -0.52302 121 DA A "C4'" 
418 O "O4'" . DA A 21 ? 6.02369  8.20129  10.65407 0.01267  0.05446  -0.59758 121 DA A "O4'" 
419 C "C3'" . DA A 21 ? 5.41815  8.02639  10.74865 -0.27930 0.33087  -0.39848 121 DA A "C3'" 
420 O "O3'" . DA A 21 ? 5.20151  8.04320  11.19139 -0.29999 0.20115  -0.50910 121 DA A "O3'" 
421 C "C2'" . DA A 21 ? 5.80248  8.07874  10.02478 -0.25551 0.34684  -0.45914 121 DA A "C2'" 
422 C "C1'" . DA A 21 ? 6.15262  8.24482  10.20813 -0.02389 0.06279  -0.66615 121 DA A "C1'" 
423 N N9    . DA A 21 ? 6.50681  8.31068  9.60789  0.03577  0.09083  -0.65601 121 DA A N9    
424 C C8    . DA A 21 ? 6.54717  8.20480  8.98725  -0.09065 0.35085  -0.45076 121 DA A C8    
425 N N7    . DA A 21 ? 6.87466  8.30425  8.59741  0.01054  0.29308  -0.47642 121 DA A N7    
426 C C5    . DA A 21 ? 7.05613  8.50599  8.95931  0.21935  -0.01235 -0.71809 121 DA A C5    
427 C C6    . DA A 21 ? 7.38109  8.71696  8.82140  0.41252  -0.20005 -0.84597 121 DA A C6    
428 N N6    . DA A 21 ? 7.58156  8.74636  8.28952  0.42109  -0.11189 -0.72577 121 DA A N6    
429 N N1    . DA A 21 ? 7.47138  8.91244  9.27786  0.60540  -0.48705 -1.09845 121 DA A N1    
430 C C2    . DA A 21 ? 7.26003  8.87320  9.85896  0.59968  -0.59139 -1.21152 121 DA A C2    
431 N N3    . DA A 21 ? 6.93983  8.67760  10.07175 0.42659  -0.44583 -1.09370 121 DA A N3    
432 C C4    . DA A 21 ? 6.84678  8.50660  9.57998  0.23920  -0.14488 -0.84249 121 DA A C4    
433 P P     . DC B 1  ? 6.74691  8.18059  9.03334  0.81782  0.90314  0.93201  119 DC B P     
434 O OP1   . DC B 1  ? 6.66493  8.31269  8.91206  0.89060  0.97362  0.99346  119 DC B OP1   
435 O OP2   . DC B 1  ? 6.94901  8.07450  9.18555  0.85651  0.72913  0.88551  119 DC B OP2   
436 O "O5'" . DC B 1  ? 6.90900  8.11373  8.76960  0.67964  0.99876  0.80281  119 DC B "O5'" 
437 C "C5'" . DC B 1  ? 6.73369  8.10799  8.77148  0.59532  1.08987  0.81463  119 DC B "C5'" 
438 C "C4'" . DC B 1  ? 6.96770  8.02678  8.50256  0.48922  1.12723  0.69777  119 DC B "C4'" 
439 O "O4'" . DC B 1  ? 7.07344  7.96030  8.62915  0.47365  1.00561  0.62088  119 DC B "O4'" 
440 C "C3'" . DC B 1  ? 7.25657  8.00595  8.30739  0.50126  1.09723  0.62880  119 DC B "C3'" 
441 O "O3'" . DC B 1  ? 7.24557  8.02542  8.03778  0.43675  1.24749  0.63046  119 DC B "O3'" 
442 C "C2'" . DC B 1  ? 7.51873  7.93396  8.29313  0.48281  0.97358  0.52688  119 DC B "C2'" 
443 C "C1'" . DC B 1  ? 7.38958  7.92178  8.52619  0.48789  0.90358  0.51863  119 DC B "C1'" 
444 N N1    . DC B 1  ? 7.44285  7.90820  8.82355  0.58122  0.72621  0.48924  119 DC B N1    
445 C C2    . DC B 1  ? 7.69379  7.89390  8.81968  0.60961  0.59957  0.37614  119 DC B C2    
446 O O2    . DC B 1  ? 7.87576  7.90560  8.57787  0.56971  0.62323  0.31865  119 DC B O2    
447 N N3    . DC B 1  ? 7.71730  7.88051  9.09297  0.69484  0.45012  0.34821  119 DC B N3    
448 C C4    . DC B 1  ? 7.50693  7.86622  9.37442  0.74816  0.41136  0.44187  119 DC B C4    
449 N N4    . DC B 1  ? 7.53970  7.83648  9.64616  0.83483  0.25483  0.42207  119 DC B N4    
450 C C5    . DC B 1  ? 7.23495  7.89686  9.39619  0.72685  0.53070  0.57625  119 DC B C5    
451 C C6    . DC B 1  ? 7.20946  7.92407  9.11435  0.64275  0.69026  0.58484  119 DC B C6    
452 P P     . DC B 2  ? 7.29253  8.10867  7.95467  0.49192  1.28924  0.63149  120 DC B P     
453 O OP1   . DC B 2  ? 7.06926  8.19325  7.82136  0.46599  1.46399  0.67517  120 DC B OP1   
454 O OP2   . DC B 2  ? 7.29659  8.15438  8.15629  0.60750  1.17257  0.65825  120 DC B OP2   
455 O "O5'" . DC B 2  ? 7.60937  8.02553  7.77424  0.44158  1.24573  0.54786  120 DC B "O5'" 
456 C "C5'" . DC B 2  ? 7.73727  7.94624  7.69474  0.37333  1.20892  0.51790  120 DC B "C5'" 
457 C "C4'" . DC B 2  ? 7.99879  7.91838  7.73318  0.40763  1.06721  0.46409  120 DC B "C4'" 
458 O "O4'" . DC B 2  ? 8.00671  7.91370  7.92510  0.45160  0.95163  0.43931  120 DC B "O4'" 
459 C "C3'" . DC B 2  ? 8.08719  7.94242  7.79452  0.47013  1.02393  0.45399  120 DC B "C3'" 
460 O "O3'" . DC B 2  ? 8.31021  7.91617  7.72754  0.45731  0.96108  0.42383  120 DC B "O3'" 
461 C "C2'" . DC B 2  ? 8.03723  7.95151  8.01473  0.54702  0.92879  0.46596  120 DC B "C2'" 
462 C "C1'" . DC B 2  ? 8.10637  7.91759  8.05143  0.52445  0.85800  0.42848  120 DC B "C1'" 
463 N N1    . DC B 2  ? 8.02707  7.91179  8.29468  0.58816  0.76181  0.43439  120 DC B N1    
464 C C2    . DC B 2  ? 8.15274  7.90179  8.37738  0.61035  0.64751  0.36691  120 DC B C2    
465 O O2    . DC B 2  ? 8.30868  7.92258  8.23561  0.58310  0.63253  0.31518  120 DC B O2    
466 N N3    . DC B 2  ? 8.08588  7.88739  8.62292  0.67497  0.54885  0.36716  120 DC B N3    
467 C C4    . DC B 2  ? 7.89597  7.88057  8.78250  0.71809  0.55678  0.45913  120 DC B C4    
468 N N4    . DC B 2  ? 7.83023  7.85560  9.04792  0.78766  0.44255  0.47749  120 DC B N4    
469 C C5    . DC B 2  ? 7.75024  7.91985  8.68991  0.70732  0.67404  0.54287  120 DC B C5    
470 C C6    . DC B 2  ? 7.83046  7.93499  8.44691  0.64303  0.77340  0.51264  120 DC B C6    
471 P P     . DG B 3  ? 8.61185  8.12736  7.89121  0.46611  0.96936  0.41260  121 DG B P     
472 O OP1   . DG B 3  ? 8.54794  8.12317  7.72838  0.41005  1.08150  0.42781  121 DG B OP1   
473 O OP2   . DG B 3  ? 8.55294  8.16874  8.02895  0.54356  0.93992  0.40503  121 DG B OP2   
474 O "O5'" . DG B 3  ? 8.82542  8.10825  7.89444  0.46060  0.87043  0.40834  121 DG B "O5'" 
475 C "C5'" . DG B 3  ? 8.88494  8.11078  7.79188  0.42819  0.85007  0.42923  121 DG B "C5'" 
476 C "C4'" . DG B 3  ? 8.97760  8.15012  7.88631  0.47471  0.74173  0.40942  121 DG B "C4'" 
477 O "O4'" . DG B 3  ? 8.88971  8.14268  8.01705  0.51169  0.71441  0.37108  121 DG B "O4'" 
478 C "C3'" . DG B 3  ? 9.08982  8.16418  7.97928  0.50452  0.68056  0.41638  121 DG B "C3'" 
479 O "O3'" . DG B 3  ? 9.17790  8.24031  7.96744  0.52862  0.61188  0.43687  121 DG B "O3'" 
480 C "C2'" . DG B 3  ? 9.04428  8.13583  8.11825  0.54781  0.65448  0.38312  121 DG B "C2'" 
481 C "C1'" . DG B 3  ? 8.95607  8.14195  8.14623  0.56230  0.64271  0.35736  121 DG B "C1'" 
482 N N9    . DG B 3  ? 8.83689  8.10642  8.27851  0.60112  0.63766  0.36007  121 DG B N9    
483 C C8    . DG B 3  ? 8.69992  8.09978  8.28945  0.60653  0.70325  0.39341  121 DG B C8    
484 N N7    . DG B 3  ? 8.58925  8.09182  8.43108  0.66395  0.66879  0.42444  121 DG B N7    
485 C C5    . DG B 3  ? 8.67264  8.06699  8.52446  0.68951  0.57449  0.39641  121 DG B C5    
486 C C6    . DG B 3  ? 8.61578  8.03503  8.70382  0.75436  0.49235  0.41977  121 DG B C6    
487 O O6    . DG B 3  ? 8.46856  8.02578  8.81958  0.80624  0.48184  0.49482  121 DG B O6    
488 N N1    . DG B 3  ? 8.73437  8.03092  8.75415  0.77093  0.41000  0.35868  121 DG B N1    
489 C C2    . DG B 3  ? 8.87068  8.08544  8.64005  0.74105  0.40827  0.29631  121 DG B C2    
490 N N2    . DG B 3  ? 8.94795  8.12042  8.71047  0.78526  0.32518  0.23844  121 DG B N2    
491 N N3    . DG B 3  ? 8.91548  8.11966  8.47545  0.68488  0.47754  0.30156  121 DG B N3    
492 C C4    . DG B 3  ? 8.82059  8.09183  8.42835  0.65580  0.55813  0.34709  121 DG B C4    
493 P P     . DT B 4  ? 9.05144  8.06806  7.85569  0.55496  0.55683  0.46645  122 DT B P     
494 O OP1   . DT B 4  ? 9.09501  8.19455  7.80986  0.58635  0.50625  0.52162  122 DT B OP1   
495 O OP2   . DT B 4  ? 9.06310  8.00395  7.90595  0.52518  0.58587  0.48231  122 DT B OP2   
496 O "O5'" . DT B 4  ? 9.03919  8.05209  7.96502  0.59672  0.52109  0.41139  122 DT B "O5'" 
497 C "C5'" . DT B 4  ? 9.08880  8.07962  8.04263  0.61942  0.48553  0.42882  122 DT B "C5'" 
498 C "C4'" . DT B 4  ? 9.06931  8.05086  8.11434  0.66145  0.45284  0.37969  122 DT B "C4'" 
499 O "O4'" . DT B 4  ? 8.99531  7.95923  8.14104  0.66010  0.47091  0.35595  122 DT B "O4'" 
500 C "C3'" . DT B 4  ? 9.09916  8.00932  8.17776  0.66766  0.44497  0.40326  122 DT B "C3'" 
501 O "O3'" . DT B 4  ? 9.10008  8.05416  8.21545  0.71895  0.40260  0.36912  122 DT B "O3'" 
502 C "C2'" . DT B 4  ? 9.06015  7.88484  8.20616  0.66257  0.46133  0.40456  122 DT B "C2'" 
503 C "C1'" . DT B 4  ? 8.98653  7.88453  8.21754  0.68604  0.45120  0.36775  122 DT B "C1'" 
504 N N1    . DT B 4  ? 8.88405  7.81954  8.24832  0.69856  0.47345  0.38687  122 DT B N1    
505 C C2    . DT B 4  ? 8.81476  7.77000  8.34723  0.75134  0.42868  0.40647  122 DT B C2    
506 O O2    . DT B 4  ? 8.84998  7.75352  8.40914  0.78176  0.37252  0.39353  122 DT B O2    
507 N N3    . DT B 4  ? 8.68575  7.75527  8.38366  0.77969  0.44782  0.45294  122 DT B N3    
508 C C4    . DT B 4  ? 8.61854  7.79748  8.31943  0.76262  0.51629  0.46032  122 DT B C4    
509 O O4    . DT B 4  ? 8.47076  7.82394  8.36071  0.80916  0.53360  0.51094  122 DT B O4    
510 C C5    . DT B 4  ? 8.71560  7.82650  8.21324  0.69948  0.56161  0.41688  122 DT B C5    
511 C C7    . DT B 4  ? 8.65768  7.86834  8.14536  0.68122  0.63357  0.40969  122 DT B C7    
512 C C6    . DT B 4  ? 8.84083  7.83148  8.19011  0.67069  0.53310  0.39393  122 DT B C6    
513 P P     . DC B 5  ? 9.12444  8.10975  8.23259  0.73200  0.40389  0.40230  123 DC B P     
514 O OP1   . DC B 5  ? 9.11638  8.29577  8.22704  0.79698  0.36600  0.36597  123 DC B OP1   
515 O OP2   . DC B 5  ? 9.13903  8.08414  8.23113  0.67476  0.44574  0.47622  123 DC B OP2   
516 O "O5'" . DC B 5  ? 9.11798  7.97065  8.27462  0.74719  0.39231  0.39619  123 DC B "O5'" 
517 C "C5'" . DC B 5  ? 9.12150  7.99817  8.28251  0.77343  0.39106  0.40173  123 DC B "C5'" 
518 C "C4'" . DC B 5  ? 9.11595  7.83561  8.30925  0.79083  0.36989  0.41577  123 DC B "C4'" 
519 O "O4'" . DC B 5  ? 9.09108  7.72431  8.33471  0.78810  0.35082  0.43314  123 DC B "O4'" 
520 C "C3'" . DC B 5  ? 9.12789  7.74030  8.24942  0.74875  0.42102  0.49754  123 DC B "C3'" 
521 O "O3'" . DC B 5  ? 9.12189  7.64865  8.25450  0.78691  0.39684  0.50873  123 DC B "O3'" 
522 C "C2'" . DC B 5  ? 9.13317  7.62776  8.23050  0.71342  0.42932  0.54446  123 DC B "C2'" 
523 C "C1'" . DC B 5  ? 9.09540  7.59687  8.29172  0.76656  0.37158  0.51311  123 DC B "C1'" 
524 N N1    . DC B 5  ? 9.06712  7.57996  8.28716  0.75612  0.38035  0.52740  123 DC B N1    
525 C C2    . DC B 5  ? 8.99485  7.51478  8.32711  0.80817  0.34318  0.56955  123 DC B C2    
526 O O2    . DC B 5  ? 8.96382  7.44663  8.38183  0.85852  0.29180  0.60725  123 DC B O2    
527 N N3    . DC B 5  ? 8.94397  7.54391  8.31745  0.81289  0.36129  0.57809  123 DC B N3    
528 C C4    . DC B 5  ? 8.98303  7.60695  8.27746  0.76229  0.40695  0.53409  123 DC B C4    
529 N N4    . DC B 5  ? 8.92641  7.64645  8.27113  0.77743  0.42531  0.52928  123 DC B N4    
530 C C5    . DC B 5  ? 9.06363  7.64951  8.25713  0.70579  0.43162  0.50462  123 DC B C5    
531 C C6    . DC B 5  ? 9.09268  7.64782  8.25994  0.70810  0.42036  0.50816  123 DC B C6    
532 P P     . DA B 6  ? 9.11677  7.62380  8.17257  0.75740  0.46346  0.56783  124 DA B P     
533 O OP1   . DA B 6  ? 9.10969  7.56336  8.19466  0.81838  0.42317  0.54947  124 DA B OP1   
534 O OP2   . DA B 6  ? 9.08967  7.81163  8.16239  0.73048  0.52238  0.56543  124 DA B OP2   
535 O "O5'" . DA B 6  ? 9.13218  7.44790  8.09240  0.69511  0.49805  0.67194  124 DA B "O5'" 
536 C "C5'" . DA B 6  ? 9.13604  7.26835  8.03839  0.71574  0.47347  0.74455  124 DA B "C5'" 
537 C "C4'" . DA B 6  ? 9.12527  7.20197  8.09544  0.76948  0.39317  0.75983  124 DA B "C4'" 
538 O "O4'" . DA B 6  ? 9.12356  7.30520  8.14062  0.75178  0.39743  0.70489  124 DA B "O4'" 
539 C "C3'" . DA B 6  ? 9.12136  7.05094  8.00528  0.77807  0.37804  0.88077  124 DA B "C3'" 
540 O "O3'" . DA B 6  ? 9.10405  6.92249  7.99313  0.83299  0.32895  0.96122  124 DA B "O3'" 
541 C "C2'" . DA B 6  ? 9.08354  7.10277  8.07113  0.82170  0.33023  0.87144  124 DA B "C2'" 
542 C "C1'" . DA B 6  ? 9.08642  7.25123  8.16032  0.79742  0.34918  0.74854  124 DA B "C1'" 
543 N N9    . DA B 6  ? 9.08932  7.32650  8.15843  0.76833  0.37472  0.71426  124 DA B N9    
544 C C8    . DA B 6  ? 9.13003  7.40354  8.15548  0.70201  0.42477  0.66720  124 DA B C8    
545 N N7    . DA B 6  ? 9.12365  7.45210  8.17798  0.69812  0.42534  0.63843  124 DA B N7    
546 C C5    . DA B 6  ? 9.06160  7.42718  8.17964  0.77059  0.38364  0.66882  124 DA B C5    
547 C C6    . DA B 6  ? 9.00270  7.48716  8.19438  0.81722  0.37088  0.65911  124 DA B C6    
548 N N6    . DA B 6  ? 9.02258  7.56232  8.21226  0.78934  0.39507  0.59368  124 DA B N6    
549 N N1    . DA B 6  ? 8.90387  7.48327  8.20665  0.90539  0.32838  0.72798  124 DA B N1    
550 C C2    . DA B 6  ? 8.88314  7.39572  8.22134  0.93783  0.28885  0.80266  124 DA B C2    
551 N N3    . DA B 6  ? 8.95176  7.31526  8.20996  0.89700  0.29214  0.80119  124 DA B N3    
552 C C4    . DA B 6  ? 9.03517  7.34733  8.17801  0.81444  0.34745  0.72933  124 DA B C4    
553 P P     . DC B 7  ? 9.12869  6.78220  7.82928  0.79022  0.38664  1.05655  125 DC B P     
554 O OP1   . DC B 7  ? 9.11359  6.67685  7.85855  0.85232  0.33210  1.10310  125 DC B OP1   
555 O OP2   . DC B 7  ? 9.14389  6.88259  7.78703  0.70030  0.49217  0.99225  125 DC B OP2   
556 O "O5'" . DC B 7  ? 9.12963  6.67131  7.70048  0.79489  0.37168  1.18730  125 DC B "O5'" 
557 C "C5'" . DC B 7  ? 9.08665  6.59977  7.72045  0.89431  0.27257  1.29623  125 DC B "C5'" 
558 C "C4'" . DC B 7  ? 9.05758  6.69118  7.73291  0.93321  0.23903  1.30180  125 DC B "C4'" 
559 O "O4'" . DC B 7  ? 9.07470  6.84749  7.82655  0.88040  0.28472  1.14560  125 DC B "O4'" 
560 C "C3'" . DC B 7  ? 9.08551  6.63572  7.55736  0.91569  0.25696  1.38352  125 DC B "C3'" 
561 O "O3'" . DC B 7  ? 9.01924  6.66646  7.54958  1.03520  0.16513  1.48745  125 DC B "O3'" 
562 C "C2'" . DC B 7  ? 9.12446  6.76362  7.60582  0.83586  0.31921  1.23886  125 DC B "C2'" 
563 C "C1'" . DC B 7  ? 9.08063  6.89676  7.77242  0.88165  0.28635  1.14801  125 DC B "C1'" 
564 N N1    . DC B 7  ? 9.10534  7.03225  7.86061  0.82250  0.33118  1.00653  125 DC B N1    
565 C C2    . DC B 7  ? 9.06122  7.15310  7.92648  0.87944  0.29708  0.96013  125 DC B C2    
566 O O2    . DC B 7  ? 8.98730  7.17030  7.91301  0.98309  0.23470  1.04076  125 DC B O2    
567 N N3    . DC B 7  ? 9.08477  7.25965  8.00389  0.82858  0.33303  0.84261  125 DC B N3    
568 C C4    . DC B 7  ? 9.14011  7.26085  8.02943  0.73430  0.38941  0.79128  125 DC B C4    
569 N N4    . DC B 7  ? 9.15533  7.36208  8.11393  0.69594  0.41004  0.70391  125 DC B N4    
570 C C5    . DC B 7  ? 9.16466  7.17252  7.97065  0.68438  0.42797  0.84134  125 DC B C5    
571 C C6    . DC B 7  ? 9.15115  7.05320  7.88013  0.72610  0.40263  0.93911  125 DC B C6    
572 P P     . DA B 8  ? 9.03166  6.64269  7.36911  1.06990  0.14062  1.58612  126 DA B P     
573 O OP1   . DA B 8  ? 8.93118  6.67128  7.35062  1.23325  0.02515  1.75649  126 DA B OP1   
574 O OP2   . DA B 8  ? 9.10439  6.46884  7.20711  0.96003  0.21888  1.62931  126 DA B OP2   
575 O "O5'" . DA B 8  ? 9.04882  6.82538  7.44799  1.04922  0.16011  1.42289  126 DA B "O5'" 
576 C "C5'" . DA B 8  ? 8.98286  6.97827  7.45155  1.17959  0.07948  1.44355  126 DA B "C5'" 
577 C "C4'" . DA B 8  ? 9.04365  7.05715  7.43194  1.14666  0.08911  1.33218  126 DA B "C4'" 
578 O "O4'" . DA B 8  ? 9.10890  7.07232  7.55842  1.00988  0.17175  1.16724  126 DA B "O4'" 
579 C "C3'" . DA B 8  ? 9.10210  6.92635  7.24717  1.11522  0.08629  1.42040  126 DA B "C3'" 
580 O "O3'" . DA B 8  ? 9.05901  7.05053  7.16851  1.26729  -0.01848 1.47446  126 DA B "O3'" 
581 C "C2'" . DA B 8  ? 9.18224  6.90639  7.32867  0.95953  0.16800  1.27271  126 DA B "C2'" 
582 C "C1'" . DA B 8  ? 9.16883  7.06525  7.54269  0.95380  0.17949  1.11188  126 DA B "C1'" 
583 N N9    . DA B 8  ? 9.21638  7.04209  7.66474  0.80592  0.26577  1.01026  126 DA B N9    
584 C C8    . DA B 8  ? 9.24270  6.91163  7.62139  0.67710  0.35051  1.05276  126 DA B C8    
585 N N7    . DA B 8  ? 9.24907  6.96639  7.77942  0.58317  0.40758  0.96537  126 DA B N7    
586 C C5    . DA B 8  ? 9.24599  7.11350  7.91643  0.64643  0.35684  0.85643  126 DA B C5    
587 C C6    . DA B 8  ? 9.24997  7.22013  8.09795  0.60550  0.37243  0.75260  126 DA B C6    
588 N N6    . DA B 8  ? 9.24671  7.21832  8.19893  0.49989  0.43452  0.75252  126 DA B N6    
589 N N1    . DA B 8  ? 9.23861  7.34063  8.16878  0.68455  0.32288  0.66797  126 DA B N1    
590 C C2    . DA B 8  ? 9.20326  7.38166  8.08120  0.80458  0.26477  0.68881  126 DA B C2    
591 N N3    . DA B 8  ? 9.18482  7.31474  7.93024  0.86857  0.23154  0.79668  126 DA B N3    
592 C C4    . DA B 8  ? 9.21994  7.16489  7.84613  0.77915  0.27873  0.87577  126 DA B C4    
593 P P     . DG C 1  ? 9.30524  6.75577  7.03330  0.87115  0.08668  1.29921  210 DG C P     
594 O OP1   . DG C 1  ? 9.32964  6.73197  6.97393  0.85998  0.04164  1.29129  210 DG C OP1   
595 O OP2   . DG C 1  ? 9.30277  6.69507  7.18941  0.71265  0.21269  1.24320  210 DG C OP2   
596 O "O5'" . DG C 1  ? 9.28205  7.02554  7.20705  1.03859  -0.02534 1.16097  210 DG C "O5'" 
597 C "C5'" . DG C 1  ? 9.23914  7.07944  7.25220  1.08476  -0.00810 1.17538  210 DG C "C5'" 
598 C "C4'" . DG C 1  ? 9.20098  7.34285  7.43354  1.21454  -0.08637 1.02272  210 DG C "C4'" 
599 O "O4'" . DG C 1  ? 9.17577  7.36140  7.55945  1.16640  -0.01926 0.97565  210 DG C "O4'" 
600 C "C3'" . DG C 1  ? 9.24579  7.46706  7.64221  1.19760  -0.12972 0.81868  210 DG C "C3'" 
601 O "O3'" . DG C 1  ? 9.22382  7.64232  7.58713  1.37487  -0.26010 0.79292  210 DG C "O3'" 
602 C "C2'" . DG C 1  ? 9.22200  7.60636  7.85132  1.20293  -0.10909 0.67899  210 DG C "C2'" 
603 C "C1'" . DG C 1  ? 9.20630  7.46233  7.78716  1.10958  -0.00522 0.78695  210 DG C "C1'" 
604 N N9    . DG C 1  ? 9.25782  7.30395  7.85444  0.92256  0.09543  0.78207  210 DG C N9    
605 C C8    . DG C 1  ? 9.27392  7.10916  7.71299  0.81954  0.16670  0.91054  210 DG C C8    
606 N N7    . DG C 1  ? 9.28524  7.04539  7.81801  0.67644  0.25687  0.88701  210 DG C N7    
607 C C5    . DG C 1  ? 9.28849  7.18871  8.04277  0.68227  0.23505  0.74544  210 DG C C5    
608 C C6    . DG C 1  ? 9.28718  7.21128  8.23488  0.57565  0.29167  0.69062  210 DG C C6    
609 O O6    . DG C 1  ? 9.26610  7.13698  8.25196  0.46133  0.37770  0.75519  210 DG C O6    
610 N N1    . DG C 1  ? 9.29348  7.35374  8.41016  0.62511  0.24107  0.56447  210 DG C N1    
611 C C2    . DG C 1  ? 9.28848  7.47641  8.40248  0.75916  0.16036  0.48562  210 DG C C2    
612 N N2    . DG C 1  ? 9.28816  7.60020  8.57465  0.78448  0.13290  0.36488  210 DG C N2    
613 N N3    . DG C 1  ? 9.26940  7.49394  8.23581  0.87260  0.10714  0.53451  210 DG C N3    
614 C C4    . DG C 1  ? 9.27613  7.33746  8.06122  0.82623  0.14298  0.67212  210 DG C C4    
615 P P     . DC C 2  ? 9.28461  7.61275  7.58650  1.35411  -0.32444 0.74081  211 DC C P     
616 O OP1   . DC C 2  ? 9.26768  7.55800  7.27749  1.45131  -0.38025 0.93285  211 DC C OP1   
617 O OP2   . DC C 2  ? 9.33319  7.40782  7.71490  1.12109  -0.20623 0.71699  211 DC C OP2   
618 O "O5'" . DC C 2  ? 9.28159  7.91039  7.84050  1.49360  -0.45071 0.49329  211 DC C "O5'" 
619 C "C5'" . DC C 2  ? 9.32172  7.92855  8.16910  1.38325  -0.42631 0.29923  211 DC C "C5'" 
620 C "C4'" . DC C 2  ? 9.27738  8.18762  8.33715  1.51640  -0.47561 0.13754  211 DC C "C4'" 
621 O "O4'" . DC C 2  ? 9.24757  8.11223  8.32857  1.43055  -0.35569 0.19869  211 DC C "O4'" 
622 C "C3'" . DC C 2  ? 9.32182  8.30690  8.69367  1.51037  -0.55175 -0.11039 211 DC C "C3'" 
623 O "O3'" . DC C 2  ? 9.28367  8.61744  8.74037  1.74498  -0.69562 -0.26134 211 DC C "O3'" 
624 C "C2'" . DC C 2  ? 9.31811  8.27078  8.85840  1.40438  -0.45745 -0.15657 211 DC C "C2'" 
625 C "C1'" . DC C 2  ? 9.28098  8.12273  8.60460  1.33492  -0.32763 0.04865  211 DC C "C1'" 
626 N N1    . DC C 2  ? 9.32018  7.87552  8.62132  1.12157  -0.21083 0.15054  211 DC C N1    
627 C C2    . DC C 2  ? 9.33863  7.83677  8.84430  0.99951  -0.15670 0.09039  211 DC C C2    
628 O O2    . DC C 2  ? 9.33939  7.97308  9.04482  1.04894  -0.20556 -0.05562 211 DC C O2    
629 N N3    . DC C 2  ? 9.34537  7.65808  8.82984  0.83637  -0.05374 0.20783  211 DC C N3    
630 C C4    . DC C 2  ? 9.33978  7.51276  8.61165  0.78585  0.00351  0.35670  211 DC C C4    
631 N N4    . DC C 2  ? 9.32759  7.37468  8.60190  0.64068  0.10960  0.46003  211 DC C N4    
632 C C5    . DC C 2  ? 9.33431  7.51530  8.38243  0.89357  -0.04634 0.42078  211 DC C C5    
633 C C6    . DC C 2  ? 9.32256  7.70266  8.39844  1.06072  -0.15629 0.32251  211 DC C C6    
634 P P     . DT C 3  ? 9.31913  8.81502  9.12486  1.81367  -0.82258 -0.55601 212 DT C P     
635 O OP1   . DT C 3  ? 9.25258  9.01679  9.19098  1.91443  -0.80461 -0.65543 212 DT C OP1   
636 O OP2   . DT C 3  ? 9.32839  8.99207  9.11752  1.98314  -0.98705 -0.64799 212 DT C OP2   
637 O "O5'" . DT C 3  ? 9.39410  8.56479  9.41732  1.56538  -0.76321 -0.58378 212 DT C "O5'" 
638 C "C5'" . DT C 3  ? 9.43745  8.63997  9.83584  1.56546  -0.88299 -0.80538 212 DT C "C5'" 
639 C "C4'" . DT C 3  ? 9.43131  8.71276  10.08186 1.55660  -0.86778 -0.92655 212 DT C "C4'" 
640 O "O4'" . DT C 3  ? 9.40636  8.55632  9.89058  1.42904  -0.69665 -0.74609 212 DT C "O4'" 
641 C "C3'" . DT C 3  ? 9.47468  8.65589  10.55960 1.46086  -0.94713 -1.06079 212 DT C "C3'" 
642 O "O3'" . DT C 3  ? 9.48217  8.92394  10.83610 1.64717  -1.10953 -1.33553 212 DT C "O3'" 
643 C "C2'" . DT C 3  ? 9.46480  8.48220  10.60164 1.28803  -0.80879 -0.92934 212 DT C "C2'" 
644 C "C1'" . DT C 3  ? 9.43064  8.41078  10.15152 1.26340  -0.65160 -0.73295 212 DT C "C1'" 
645 N N1    . DT C 3  ? 9.42665  8.16566  9.99614  1.08076  -0.52315 -0.50810 212 DT C N1    
646 C C2    . DT C 3  ? 9.41728  8.02961  10.13132 0.92173  -0.43853 -0.41154 212 DT C C2    
647 O O2    . DT C 3  ? 9.41999  8.07244  10.38317 0.91090  -0.46926 -0.48403 212 DT C O2    
648 N N3    . DT C 3  ? 9.39483  7.85523  9.94056  0.78972  -0.31754 -0.21395 212 DT C N3    
649 C C4    . DT C 3  ? 9.39127  7.77558  9.64880  0.78881  -0.27478 -0.10881 212 DT C C4    
650 O O4    . DT C 3  ? 9.36642  7.62575  9.49667  0.67227  -0.16305 0.05553  212 DT C O4    
651 C C5    . DT C 3  ? 9.40839  7.89852  9.51419  0.95117  -0.37118 -0.19401 212 DT C C5    
652 C C7    . DT C 3  ? 9.40314  7.81134  9.18207  0.96838  -0.34224 -0.05574 212 DT C C7    
653 C C6    . DT C 3  ? 9.41940  8.10148  9.68951  1.09408  -0.48961 -0.38714 212 DT C C6    
654 P P     . DG C 4  ? 9.42743  8.85191  11.15378 1.52780  -1.07758 -1.37934 213 DG C P     
655 O OP1   . DG C 4  ? 9.45107  8.83876  11.22823 1.50277  -1.02952 -1.37815 213 DG C OP1   
656 O OP2   . DG C 4  ? 9.30369  8.96619  11.05939 1.59111  -1.06251 -1.43105 213 DG C OP2   
657 O "O5'" . DG C 4  ? 9.45757  8.62686  11.41666 1.34334  -1.09315 -1.28684 213 DG C "O5'" 
658 C "C5'" . DG C 4  ? 9.40616  8.52101  11.62442 1.21376  -1.04136 -1.22871 213 DG C "C5'" 
659 C "C4'" . DG C 4  ? 9.44182  8.39706  11.79298 1.10777  -1.00865 -1.12402 213 DG C "C4'" 
660 O "O4'" . DG C 4  ? 9.47619  8.33227  11.54611 1.08489  -0.94732 -1.01682 213 DG C "O4'" 
661 C "C3'" . DG C 4  ? 9.38004  8.22850  12.01036 0.93170  -0.97013 -0.96425 213 DG C "C3'" 
662 O "O3'" . DG C 4  ? 9.34991  8.21340  12.08255 0.89825  -0.93263 -0.90793 213 DG C "O3'" 
663 C "C2'" . DG C 4  ? 9.39320  8.08773  12.11615 0.81988  -0.94869 -0.81808 213 DG C "C2'" 
664 C "C1'" . DG C 4  ? 9.43045  8.12783  11.55493 0.89240  -0.83417 -0.78870 213 DG C "C1'" 
665 N N9    . DG C 4  ? 9.41834  8.03296  11.23307 0.84311  -0.75364 -0.66518 213 DG C N9    
666 C C8    . DG C 4  ? 9.44978  8.11144  11.01066 0.95928  -0.80776 -0.74289 213 DG C C8    
667 N N7    . DG C 4  ? 9.42996  7.97150  10.73074 0.87494  -0.71274 -0.57599 213 DG C N7    
668 C C5    . DG C 4  ? 9.37376  7.80781  10.78748 0.69289  -0.58319 -0.39260 213 DG C C5    
669 C C6    . DG C 4  ? 9.31746  7.62985  10.57510 0.54305  -0.43475 -0.17339 213 DG C C6    
670 O O6    . DG C 4  ? 9.31767  7.54477  10.28029 0.52711  -0.38476 -0.08853 213 DG C O6    
671 N N1    . DG C 4  ? 9.24399  7.56210  10.72965 0.41072  -0.34014 -0.03658 213 DG C N1    
672 C C2    . DG C 4  ? 9.23475  7.63734  11.04026 0.42084  -0.39220 -0.08532 213 DG C C2    
673 N N2    . DG C 4  ? 9.14302  7.58625  11.15201 0.30351  -0.30104 0.08895  213 DG C N2    
674 N N3    . DG C 4  ? 9.29872  7.76816  11.23123 0.54694  -0.52741 -0.28267 213 DG C N3    
675 C C4    . DG C 4  ? 9.36285  7.85455  11.09527 0.67828  -0.61283 -0.43751 213 DG C C4    
676 P P     . DC C 5  ? 9.54789  8.42251  12.50081 0.78506  -0.91114 -0.77069 214 DC C P     
677 O OP1   . DC C 5  ? 9.54133  8.42568  12.53244 0.79137  -0.89412 -0.72206 214 DC C OP1   
678 O OP2   . DC C 5  ? 9.50084  8.46380  12.44289 0.81388  -0.94105 -0.84841 214 DC C OP2   
679 O "O5'" . DC C 5  ? 9.49012  8.28680  12.62806 0.63575  -0.86950 -0.57570 214 DC C "O5'" 
680 C "C5'" . DC C 5  ? 9.50277  8.23176  12.69954 0.58002  -0.81821 -0.43708 214 DC C "C5'" 
681 C "C4'" . DC C 5  ? 9.38781  8.12481  12.79305 0.43000  -0.74028 -0.20287 214 DC C "C4'" 
682 O "O4'" . DC C 5  ? 9.41520  8.06637  12.72554 0.39441  -0.69031 -0.17337 214 DC C "O4'" 
683 C "C3'" . DC C 5  ? 9.24484  8.09738  12.80791 0.35657  -0.74013 -0.13623 214 DC C "C3'" 
684 O "O3'" . DC C 5  ? 9.10776  8.08069  12.84133 0.28097  -0.68776 0.07090  214 DC C "O3'" 
685 C "C2'" . DC C 5  ? 9.21280  8.02451  12.82546 0.28132  -0.70768 -0.10554 214 DC C "C2'" 
686 C "C1'" . DC C 5  ? 9.28729  7.98656  12.85019 0.27059  -0.64386 -0.02776 214 DC C "C1'" 
687 N N1    . DC C 5  ? 9.32805  7.92753  12.54514 0.26340  -0.59229 -0.06178 214 DC C N1    
688 C C2    . DC C 5  ? 9.23156  7.81666  12.29447 0.13432  -0.42429 0.14665  214 DC C C2    
689 O O2    . DC C 5  ? 9.09952  7.79794  12.37648 0.03379  -0.32183 0.35280  214 DC C O2    
690 N N3    . DC C 5  ? 9.27780  7.74816  11.95221 0.13695  -0.38062 0.12293  214 DC C N3    
691 C C4    . DC C 5  ? 9.40084  7.81180  11.86979 0.27154  -0.50511 -0.08411 214 DC C C4    
692 N N4    . DC C 5  ? 9.43618  7.74967  11.51689 0.28425  -0.46930 -0.07192 214 DC C N4    
693 C C5    . DC C 5  ? 9.48291  7.95947  12.13304 0.41309  -0.67341 -0.30497 214 DC C C5    
694 C C6    . DC C 5  ? 9.44729  7.99846  12.46093 0.39637  -0.70610 -0.28965 214 DC C C6    
695 O "O5'" . DT D 1  ? 13.02648 13.86620 8.02518  0.88955  -0.17495 0.66882  201 DT D "O5'" 
696 C "C5'" . DT D 1  ? 13.15405 14.30071 8.13960  1.18714  -0.43895 0.59133  201 DT D "C5'" 
697 C "C4'" . DT D 1  ? 13.13895 14.51648 8.68272  1.31422  -0.61717 0.22327  201 DT D "C4'" 
698 O "O4'" . DT D 1  ? 13.00396 14.31776 8.82715  1.15731  -0.55647 0.06611  201 DT D "O4'" 
699 C "C3'" . DT D 1  ? 13.14716 14.46774 9.16528  1.30259  -0.58851 0.08866  201 DT D "C3'" 
700 O "O3'" . DT D 1  ? 13.20825 14.86034 9.52395  1.56131  -0.84348 -0.16985 201 DT D "O3'" 
701 C "C2'" . DT D 1  ? 12.99399 14.11273 9.42894  1.06051  -0.42110 -0.02179 201 DT D "C2'" 
702 C "C1'" . DT D 1  ? 12.93727 14.22748 9.39033  1.10573  -0.54517 -0.15926 201 DT D "C1'" 
703 N N1    . DT D 1  ? 12.73552 13.90966 9.56543  0.86800  -0.39126 -0.22826 201 DT D N1    
704 C C2    . DT D 1  ? 12.66032 14.03024 9.99033  0.93697  -0.56021 -0.51080 201 DT D C2    
705 O O2    . DT D 1  ? 12.76016 14.37716 10.22601 1.18133  -0.82673 -0.72994 201 DT D O2    
706 N N3    . DT D 1  ? 12.44361 13.74304 10.17837 0.71708  -0.40808 -0.53217 201 DT D N3    
707 C C4    . DT D 1  ? 12.28720 13.37859 9.95285  0.44674  -0.09834 -0.30648 201 DT D C4    
708 O O4    . DT D 1  ? 12.05716 13.17218 10.15507 0.27097  0.02688  -0.32861 201 DT D O4    
709 C C5    . DT D 1  ? 12.39185 13.27500 9.48929  0.39395  0.06448  -0.04010 201 DT D C5    
710 C C7    . DT D 1  ? 12.23504 12.91182 9.22081  0.12490  0.39640  0.19598  201 DT D C7    
711 C C6    . DT D 1  ? 12.61186 13.53129 9.33540  0.60143  -0.09392 -0.01149 201 DT D C6    
712 P P     . DC D 2  ? 11.36061 13.19881 7.72817  1.76088  -0.94685 -0.16366 202 DC D P     
713 O OP1   . DC D 2  ? 11.42404 13.42141 7.29308  1.89678  -0.99368 0.10993  202 DC D OP1   
714 O OP2   . DC D 2  ? 11.34091 12.92194 8.02147  1.60683  -0.79118 -0.17296 202 DC D OP2   
715 O "O5'" . DC D 2  ? 11.37870 13.60100 8.10323  2.01586  -1.21827 -0.50725 202 DC D "O5'" 
716 C "C5'" . DC D 2  ? 11.34049 13.71486 8.10405  2.07331  -1.35640 -0.68021 202 DC D "C5'" 
717 C "C4'" . DC D 2  ? 11.24649 13.59431 8.67924  2.01690  -1.43973 -1.00233 202 DC D "C4'" 
718 O "O4'" . DC D 2  ? 11.16486 13.32721 8.77011  1.83724  -1.32764 -1.05603 202 DC D "O4'" 
719 C "C3'" . DC D 2  ? 11.26524 13.52194 9.09440  2.00632  -1.39374 -1.09322 202 DC D "C3'" 
720 O "O3'" . DC D 2  ? 11.12067 13.39904 9.51933  1.95472  -1.51800 -1.27840 202 DC D "O3'" 
721 C "C2'" . DC D 2  ? 11.18427 13.09725 9.19666  1.74369  -1.17310 -1.03225 202 DC D "C2'" 
722 C "C1'" . DC D 2  ? 11.09364 13.07890 9.24757  1.71071  -1.24654 -1.16525 202 DC D "C1'" 
723 N N1    . DC D 2  ? 10.93254 12.63279 9.23856  1.40807  -1.00843 -1.04537 202 DC D N1    
724 C C2    . DC D 2  ? 10.78115 12.51615 9.67436  1.33480  -1.05293 -1.23658 202 DC D C2    
725 O O2    . DC D 2  ? 10.80386 12.77169 10.06259 1.52236  -1.30491 -1.51904 202 DC D O2    
726 N N3    . DC D 2  ? 10.59431 12.14415 9.67618  1.06881  -0.82226 -1.10308 202 DC D N3    
727 C C4    . DC D 2  ? 10.57314 11.89815 9.26182  0.88718  -0.55938 -0.81901 202 DC D C4    
728 N N4    . DC D 2  ? 10.36179 11.57197 9.27324  0.64165  -0.32942 -0.69893 202 DC D N4    
729 C C5    . DC D 2  ? 10.74796 11.99247 8.84633  0.95840  -0.52495 -0.64285 202 DC D C5    
730 C C6    . DC D 2  ? 10.91414 12.35603 8.85759  1.21468  -0.75150 -0.75195 202 DC D C6    
731 P P     . DT D 3  ? 8.61760  10.81667 7.45543  1.93803  -1.49380 -1.35531 203 DT D P     
732 O OP1   . DT D 3  ? 8.55585  10.89408 7.30280  1.97345  -1.54897 -1.23941 203 DT D OP1   
733 O OP2   . DT D 3  ? 8.75163  10.80691 7.53860  1.95267  -1.36062 -1.34904 203 DT D OP2   
734 O "O5'" . DT D 3  ? 8.47068  10.62784 7.93791  1.85929  -1.56732 -1.54657 203 DT D "O5'" 
735 C "C5'" . DT D 3  ? 8.42640  10.48872 8.35472  1.82945  -1.54515 -1.61256 203 DT D "C5'" 
736 C "C4'" . DT D 3  ? 8.30877  10.28560 8.78662  1.74743  -1.56365 -1.73237 203 DT D "C4'" 
737 O "O4'" . DT D 3  ? 8.33620  10.26586 8.80566  1.71288  -1.52585 -1.78739 203 DT D "O4'" 
738 C "C3'" . DT D 3  ? 8.27409  10.12349 9.18373  1.71984  -1.52087 -1.75352 203 DT D "C3'" 
739 O "O3'" . DT D 3  ? 8.10938  9.97643  9.46089  1.67537  -1.56593 -1.77463 203 DT D "O3'" 
740 C "C2'" . DT D 3  ? 8.31808  10.04481 9.35312  1.68071  -1.45609 -1.79596 203 DT D "C2'" 
741 C "C1'" . DT D 3  ? 8.26904  10.07684 9.24736  1.64558  -1.48195 -1.84421 203 DT D "C1'" 
742 N N1    . DT D 3  ? 8.27585  9.98296  9.08858  1.54474  -1.32733 -1.75636 203 DT D N1    
743 C C2    . DT D 3  ? 8.06162  9.68293  9.34624  1.35191  -1.21805 -1.70161 203 DT D C2    
744 O O2    . DT D 3  ? 7.94556  9.67032  9.87758  1.38470  -1.35996 -1.87602 203 DT D O2    
745 N N3    . DT D 3  ? 7.97246  9.41168  8.97015  1.12703  -0.93478 -1.42240 203 DT D N3    
746 C C4    . DT D 3  ? 8.09082  9.39725  8.40947  1.08076  -0.77726 -1.21458 203 DT D C4    
747 O O4    . DT D 3  ? 8.00142  9.15558  8.12213  0.88709  -0.53612 -0.99006 203 DT D O4    
748 C C5    . DT D 3  ? 8.30902  9.70550  8.20808  1.28794  -0.91990 -1.27388 203 DT D C5    
749 C C7    . DT D 3  ? 8.42889  9.72209  7.66476  1.26642  -0.78665 -1.04040 203 DT D C7    
750 C C6    . DT D 3  ? 8.37931  9.98712  8.54108  1.50548  -1.17483 -1.53308 203 DT D C6    
751 P P     . DG D 4  ? 8.04538  9.80500  9.81701  1.66021  -1.52817 -1.75340 204 DG D P     
752 O OP1   . DG D 4  ? 7.89870  9.74331  9.91823  1.66344  -1.57376 -1.73421 204 DG D OP1   
753 O OP2   . DG D 4  ? 8.18381  9.87474  9.73324  1.70996  -1.47338 -1.72512 204 DG D OP2   
754 O "O5'" . DG D 4  ? 7.97767  9.63011  10.12221 1.58158  -1.49355 -1.76979 204 DG D "O5'" 
755 C "C5'" . DG D 4  ? 7.89901  9.45404  10.43166 1.55891  -1.46018 -1.71878 204 DG D "C5'" 
756 C "C4'" . DG D 4  ? 7.78878  9.29642  10.69907 1.46907  -1.42316 -1.70128 204 DG D "C4'" 
757 O "O4'" . DG D 4  ? 7.88095  9.39323  10.56336 1.44520  -1.39731 -1.76913 204 DG D "O4'" 
758 C "C3'" . DG D 4  ? 7.75965  9.14256  10.95001 1.45225  -1.37134 -1.62334 204 DG D "C3'" 
759 O "O3'" . DG D 4  ? 7.53661  8.96706  11.19694 1.41691  -1.37642 -1.52568 204 DG D "O3'" 
760 C "C2'" . DG D 4  ? 7.79100  9.12471  11.01661 1.38611  -1.31114 -1.64615 204 DG D "C2'" 
761 C "C1'" . DG D 4  ? 7.77543  9.23142  10.86110 1.35495  -1.32865 -1.73243 204 DG D "C1'" 
762 N N9    . DG D 4  ? 7.83640  9.22481  10.46427 1.26248  -1.16444 -1.63693 204 DG D N9    
763 C C8    . DG D 4  ? 8.03546  9.37325  9.93877  1.31052  -1.11222 -1.58722 204 DG D C8    
764 N N7    . DG D 4  ? 8.00320  9.22209  9.48548  1.14602  -0.88001 -1.35830 204 DG D N7    
765 C C5    . DG D 4  ? 7.75809  8.97237  9.69395  0.97577  -0.75303 -1.25398 204 DG D C5    
766 C C6    . DG D 4  ? 7.60754  8.75088  9.38437  0.76534  -0.48567 -1.01627 204 DG D C6    
767 O O6    . DG D 4  ? 7.68513  8.71038  8.86976  0.68646  -0.31954 -0.85881 204 DG D O6    
768 N N1    . DG D 4  ? 7.32479  8.57752  9.75286  0.65261  -0.41924 -0.95847 204 DG D N1    
769 C C2    . DG D 4  ? 7.20329  8.59708  10.37570 0.73159  -0.60479 -1.09963 204 DG D C2    
770 N N2    . DG D 4  ? 6.88773  8.43013  10.68727 0.60739  -0.50631 -0.97931 204 DG D N2    
771 N N3    . DG D 4  ? 7.36257  8.78179  10.69387 0.92930  -0.87264 -1.33596 204 DG D N3    
772 C C4    . DG D 4  ? 7.63860  8.97159  10.30486 1.04253  -0.92443 -1.40760 204 DG D C4    
773 P P     . DA D 5  ? 7.48324  8.82270  11.38079 1.44522  -1.35298 -1.41202 205 DA D P     
774 O OP1   . DA D 5  ? 7.32214  8.75278  11.44062 1.48574  -1.39284 -1.34869 205 DA D OP1   
775 O OP2   . DA D 5  ? 7.71090  8.91579  11.24610 1.50624  -1.33833 -1.45861 205 DA D OP2   
776 O "O5'" . DA D 5  ? 7.33523  8.67151  11.61859 1.34616  -1.28806 -1.31353 205 DA D "O5'" 
777 C "C5'" . DA D 5  ? 7.16281  8.63714  11.70093 1.24559  -1.26054 -1.30512 205 DA D "C5'" 
778 C "C4'" . DA D 5  ? 7.11287  8.56083  11.85359 1.13854  -1.15334 -1.25127 205 DA D "C4'" 
779 O "O4'" . DA D 5  ? 7.31728  8.70573  11.69270 1.12913  -1.13708 -1.40863 205 DA D "O4'" 
780 C "C3'" . DA D 5  ? 7.14287  8.46381  11.97232 1.15097  -1.10496 -1.13652 205 DA D "C3'" 
781 O "O3'" . DA D 5  ? 6.84953  8.30338  12.18991 1.05628  -1.00995 -0.93449 205 DA D "O3'" 
782 C "C2'" . DA D 5  ? 7.35988  8.53082  11.69040 1.11792  -1.00697 -1.17535 205 DA D "C2'" 
783 C "C1'" . DA D 5  ? 7.29521  8.56151  11.41411 1.01598  -0.91361 -1.17956 205 DA D "C1'" 
784 N N9    . DA D 5  ? 7.48730  8.62137  10.77013 0.97208  -0.76695 -1.12355 205 DA D N9    
785 C C8    . DA D 5  ? 7.75455  8.81222  10.50030 1.09396  -0.85197 -1.24223 205 DA D C8    
786 N N7    . DA D 5  ? 7.85479  8.81736  9.95344  1.02118  -0.68787 -1.11621 205 DA D N7    
787 C C5    . DA D 5  ? 7.65404  8.60753  9.84274  0.83679  -0.47407 -0.91838 205 DA D C5    
788 C C6    . DA D 5  ? 7.63757  8.50502  9.35070  0.69119  -0.23792 -0.72465 205 DA D C6    
789 N N6    . DA D 5  ? 7.83791  8.58898  8.88843  0.70932  -0.19249 -0.68337 205 DA D N6    
790 N N1    . DA D 5  ? 7.38872  8.32734  9.37103  0.53602  -0.05498 -0.56695 205 DA D N1    
791 C C2    . DA D 5  ? 7.15492  8.26360  9.86871  0.52936  -0.10863 -0.57868 205 DA D C2    
792 N N3    . DA D 5  ? 7.14563  8.33114  10.38563 0.65676  -0.33752 -0.73664 205 DA D N3    
793 C C4    . DA D 5  ? 7.41541  8.49937  10.33303 0.80659  -0.51215 -0.91481 205 DA D C4    
794 P P     . DT D 6  ? 6.68858  8.19249  12.26775 1.12510  -1.04314 -0.76118 206 DT D P     
795 O OP1   . DT D 6  ? 6.49129  8.18988  12.24271 1.16091  -1.11934 -0.75587 206 DT D OP1   
796 O OP2   . DT D 6  ? 6.95866  8.22330  12.18968 1.22580  -1.09485 -0.81764 206 DT D OP2   
797 O "O5'" . DT D 6  ? 6.43294  8.07146  12.43326 1.02278  -0.89707 -0.52675 206 DT D "O5'" 
798 C "C5'" . DT D 6  ? 6.15712  8.04095  12.50638 0.89299  -0.77897 -0.43568 206 DT D "C5'" 
799 C "C4'" . DT D 6  ? 6.16598  8.00939  12.51735 0.76696  -0.56295 -0.32612 206 DT D "C4'" 
800 O "O4'" . DT D 6  ? 6.52038  8.07388  11.96177 0.76990  -0.51859 -0.45558 206 DT D "O4'" 
801 C "C3'" . DT D 6  ? 6.05921  7.94195  12.47727 0.76988  -0.44604 -0.07801 206 DT D "C3'" 
802 O "O3'" . DT D 6  ? 5.69995  7.91048  12.48880 0.66044  -0.25115 0.14748  206 DT D "O3'" 
803 C "C2'" . DT D 6  ? 6.38093  7.95766  11.85722 0.75055  -0.32292 -0.10490 206 DT D "C2'" 
804 C "C1'" . DT D 6  ? 6.51506  8.01568  11.53266 0.68301  -0.28523 -0.26200 206 DT D "C1'" 
805 N N1    . DT D 6  ? 6.85373  8.07013  11.01794 0.69403  -0.24342 -0.34761 206 DT D N1    
806 C C2    . DT D 6  ? 6.87397  8.03589  10.50944 0.57809  -0.01289 -0.22469 206 DT D C2    
807 O O2    . DT D 6  ? 6.62678  7.97007  10.45136 0.47129  0.16626  -0.05898 206 DT D O2    
808 N N3    . DT D 6  ? 7.17586  8.09360  10.09493 0.60212  -0.00134 -0.29165 206 DT D N3    
809 C C4    . DT D 6  ? 7.43199  8.20388  10.12620 0.73017  -0.18102 -0.46180 206 DT D C4    
810 O O4    . DT D 6  ? 7.65650  8.27180  9.76007  0.74866  -0.15337 -0.48502 206 DT D O4    
811 C C5    . DT D 6  ? 7.39685  8.24768  10.64441 0.84955  -0.40732 -0.60333 206 DT D C5    
812 C C7    . DT D 6  ? 7.64363  8.39425  10.71522 1.00505  -0.60465 -0.80398 206 DT D C7    
813 C C6    . DT D 6  ? 7.12056  8.16833  11.07102 0.82478  -0.43494 -0.54239 206 DT D C6    
814 P P     . DG D 7  ? 5.44324  7.89038  12.62451 0.69914  -0.17776 0.42960  207 DG D P     
815 O OP1   . DG D 7  ? 4.98852  7.90560  12.58252 0.61420  -0.01813 0.62467  207 DG D OP1   
816 O OP2   . DG D 7  ? 5.53595  7.86735  12.62095 0.85621  -0.40999 0.35938  207 DG D OP2   
817 O "O5'" . DG D 7  ? 5.66375  7.89462  12.02972 0.66112  0.01090  0.48122  207 DG D "O5'" 
818 C "C5'" . DG D 7  ? 5.43729  7.91793  11.76146 0.56796  0.25974  0.66813  207 DG D "C5'" 
819 C "C4'" . DG D 7  ? 5.70364  7.91208  11.12366 0.47900  0.42692  0.58879  207 DG D "C4'" 
820 O "O4'" . DG D 7  ? 6.09305  7.90068  10.97315 0.51648  0.28590  0.36385  207 DG D "O4'" 
821 C "C3'" . DG D 7  ? 5.76886  7.93347  10.83118 0.50572  0.54192  0.70553  207 DG D "C3'" 
822 O "O3'" . DG D 7  ? 5.45919  7.98155  10.71163 0.43452  0.75938  0.87954  207 DG D "O3'" 
823 C "C2'" . DG D 7  ? 6.17636  7.90941  10.34295 0.47185  0.56635  0.54542  207 DG D "C2'" 
824 C "C1'" . DG D 7  ? 6.32489  7.90034  10.42976 0.46496  0.42549  0.34999  207 DG D "C1'" 
825 N N9    . DG D 7  ? 6.68393  7.91837  10.35042 0.54804  0.26723  0.18009  207 DG D N9    
826 C C8    . DG D 7  ? 6.77088  7.93749  10.72226 0.66164  0.03863  0.05576  207 DG D C8    
827 N N7    . DG D 7  ? 7.08066  7.98171  10.54893 0.72386  -0.05234 -0.08519 207 DG D N7    
828 C C5    . DG D 7  ? 7.20854  7.98360  10.05009 0.64577  0.11688  -0.03864 207 DG D C5    
829 C C6    . DG D 7  ? 7.50200  8.03521  9.71232  0.66977  0.11094  -0.11372 207 DG D C6    
830 O O6    . DG D 7  ? 7.70163  8.10728  9.76659  0.76796  -0.03421 -0.24104 207 DG D O6    
831 N N1    . DG D 7  ? 7.53462  8.01050  9.29680  0.57412  0.29503  -0.01897 207 DG D N1    
832 C C2    . DG D 7  ? 7.31290  7.95013  9.19515  0.46923  0.47422  0.11541  207 DG D C2    
833 N N2    . DG D 7  ? 7.39080  7.93283  8.79217  0.39509  0.62715  0.17934  207 DG D N2    
834 N N3    . DG D 7  ? 7.01671  7.92086  9.48493  0.44511  0.50196  0.19105  207 DG D N3    
835 C C4    . DG D 7  ? 6.98047  7.93728  9.91688  0.53623  0.31129  0.11317  207 DG D C4    
836 P P     . DT D 8  ? 5.36934  8.06002  10.57227 0.49759  0.86635  1.04764  208 DT D P     
837 O OP1   . DT D 8  ? 4.88463  8.16662  10.82897 0.51117  0.97364  1.27672  208 DT D OP1   
838 O OP2   . DT D 8  ? 5.62234  8.02706  10.70965 0.62027  0.66517  0.99298  208 DT D OP2   
839 O "O5'" . DT D 8  ? 5.60721  8.04556  9.98359  0.40581  1.04086  0.96843  208 DT D "O5'" 
840 C "C5'" . DT D 8  ? 5.70906  8.09623  9.74924  0.45775  1.10143  1.01261  208 DT D "C5'" 
841 C "C4'" . DT D 8  ? 5.98474  8.04759  9.27039  0.36622  1.20819  0.89871  208 DT D "C4'" 
842 O "O4'" . DT D 8  ? 6.24557  7.95827  9.22221  0.32370  1.09606  0.73930  208 DT D "O4'" 
843 C "C3'" . DT D 8  ? 6.24867  8.05773  9.06492  0.42645  1.18162  0.86046  208 DT D "C3'" 
844 O "O3'" . DT D 8  ? 6.05527  8.16624  8.96735  0.45619  1.32084  0.97360  208 DT D "O3'" 
845 C "C2'" . DT D 8  ? 6.53227  7.98093  8.70357  0.33072  1.22211  0.73473  208 DT D "C2'" 
846 C "C1'" . DT D 8  ? 6.57941  7.92678  8.86259  0.30549  1.10426  0.64653  208 DT D "C1'" 
847 N N1    . DT D 8  ? 6.86715  7.90618  8.98791  0.38971  0.89378  0.52411  208 DT D N1    
848 C C2    . DT D 8  ? 7.18433  7.89446  8.71388  0.39005  0.86362  0.43693  208 DT D C2    
849 O O2    . DT D 8  ? 7.26090  7.88519  8.39246  0.32856  0.98263  0.45631  208 DT D O2    
850 N N3    . DT D 8  ? 7.38886  7.90269  8.85851  0.47453  0.68494  0.33799  208 DT D N3    
851 C C4    . DT D 8  ? 7.33083  7.90548  9.23171  0.55492  0.53130  0.30310  208 DT D C4    
852 O O4    . DT D 8  ? 7.51602  7.91970  9.32989  0.63035  0.38517  0.20665  208 DT D O4    
853 C C5    . DT D 8  ? 7.01409  7.89958  9.52437  0.55056  0.55214  0.39751  208 DT D C5    
854 C C7    . DT D 8  ? 6.92461  7.89267  9.98691  0.64361  0.37027  0.38033  208 DT D C7    
855 C C6    . DT D 8  ? 6.78855  7.90819  9.39313  0.46874  0.73361  0.50858  208 DT D C6    
# 
loop_
_pdbx_poly_seq_scheme.asym_id 
_pdbx_poly_seq_scheme.entity_id 
_pdbx_poly_seq_scheme.seq_id 
_pdbx_poly_seq_scheme.mon_id 
_pdbx_poly_seq_scheme.ndb_seq_num 
_pdbx_poly_seq_scheme.pdb_seq_num 
_pdbx_poly_seq_scheme.auth_seq_num 
_pdbx_poly_seq_scheme.pdb_mon_id 
_pdbx_poly_seq_scheme.auth_mon_id 
_pdbx_poly_seq_scheme.pdb_strand_id 
_pdbx_poly_seq_scheme.pdb_ins_code 
_pdbx_poly_seq_scheme.hetero 
A 1 1  DG 1  101 101 DG DG A . n 
A 1 2  DA 2  102 102 DA DA A . n 
A 1 3  DG 3  103 103 DG DG A . n 
A 1 4  DC 4  104 104 DC DC A . n 
A 1 5  DA 5  105 105 DA DA A . n 
A 1 6  DG 6  106 106 DG DG A . n 
A 1 7  DC 7  107 107 DC DC A . n 
A 1 8  DT 8  108 108 DT DT A . n 
A 1 9  DG 9  109 109 DG DG A . n 
A 1 10 DT 10 110 110 DT DT A . n 
A 1 11 DG 11 111 111 DG DG A . n 
A 1 12 DA 12 112 112 DA DA A . n 
A 1 13 DC 13 113 113 DC DC A . n 
A 1 14 DG 14 114 114 DG DG A . n 
A 1 15 DG 15 115 115 DG DG A . n 
A 1 16 DA 16 116 116 DA DA A . n 
A 1 17 DC 17 117 117 DC DC A . n 
A 1 18 DA 18 118 118 DA DA A . n 
A 1 19 DT 19 119 119 DT DT A . n 
A 1 20 DC 20 120 120 DC DC A . n 
A 1 21 DA 21 121 121 DA DA A . n 
B 2 1  DC 1  119 119 DC DC B . n 
B 2 2  DC 2  120 120 DC DC B . n 
B 2 3  DG 3  121 121 DG DG B . n 
B 2 4  DT 4  122 122 DT DT B . n 
B 2 5  DC 5  123 123 DC DC B . n 
B 2 6  DA 6  124 124 DA DA B . n 
B 2 7  DC 7  125 125 DC DC B . n 
B 2 8  DA 8  126 126 DA DA B . n 
C 3 1  DG 1  210 210 DG DG C . n 
C 3 2  DC 2  211 211 DC DC C . n 
C 3 3  DT 3  212 212 DT DT C . n 
C 3 4  DG 4  213 213 DG DG C . n 
C 3 5  DC 5  214 214 DC DC C . n 
D 4 1  DT 1  201 201 DT DT D . n 
D 4 2  DC 2  202 202 DC DC D . n 
D 4 3  DT 3  203 203 DT DT D . n 
D 4 4  DG 4  204 204 DG DG D . n 
D 4 5  DA 5  205 205 DA DA D . n 
D 4 6  DT 6  206 206 DT DT D . n 
D 4 7  DG 7  207 207 DG DG D . n 
D 4 8  DT 8  208 208 DT DT D . n 
# 
_pdbx_contact_author.id                 2 
_pdbx_contact_author.email              ruojie.sha@nyu.edu 
_pdbx_contact_author.name_first         Ruojie 
_pdbx_contact_author.name_last          Sha 
_pdbx_contact_author.name_mi            ? 
_pdbx_contact_author.role               'principal investigator/group leader' 
_pdbx_contact_author.identifier_ORCID   0000-0002-0807-734X 
# 
_pdbx_struct_assembly.id                   1 
_pdbx_struct_assembly.details              author_defined_assembly 
_pdbx_struct_assembly.method_details       ? 
_pdbx_struct_assembly.oligomeric_details   dodecameric 
_pdbx_struct_assembly.oligomeric_count     12 
# 
loop_
_pdbx_struct_assembly_gen.assembly_id 
_pdbx_struct_assembly_gen.oper_expression 
_pdbx_struct_assembly_gen.asym_id_list 
1 1 A,B,C,D 
1 2 A,B,C,D 
1 3 A,B,C,D 
# 
loop_
_pdbx_struct_oper_list.id 
_pdbx_struct_oper_list.type 
_pdbx_struct_oper_list.name 
_pdbx_struct_oper_list.symmetry_operation 
_pdbx_struct_oper_list.matrix[1][1] 
_pdbx_struct_oper_list.matrix[1][2] 
_pdbx_struct_oper_list.matrix[1][3] 
_pdbx_struct_oper_list.vector[1] 
_pdbx_struct_oper_list.matrix[2][1] 
_pdbx_struct_oper_list.matrix[2][2] 
_pdbx_struct_oper_list.matrix[2][3] 
_pdbx_struct_oper_list.vector[2] 
_pdbx_struct_oper_list.matrix[3][1] 
_pdbx_struct_oper_list.matrix[3][2] 
_pdbx_struct_oper_list.matrix[3][3] 
_pdbx_struct_oper_list.vector[3] 
1 'identity operation'         1_555 x,y,z       1.0000000000  0.0000000000  0.0000000000  0.0000000000   0.0000000000  1.0000000000  0.0000000000 0.0000000000   0.0000000000  0.0000000000 1.0000000000 0.0000000000  
2 'crystal symmetry operation' 2_545 -y,x-y-1,z  -0.4494148935 0.8906159188  -0.0694948825 -12.0711910486 -0.6868177730 -0.2947336323 0.6643895188 -23.7503034887 0.5712334026  0.3463168653 0.7441485259 12.0810193752 
3 'crystal symmetry operation' 3_655 -x+y+1,-x,z -0.4494148935 -0.6868177730 0.5712334026  -28.6381853931 0.8906159188  -0.2947336323 0.3463168653 -0.4330790711  -0.0694948825 0.6643895188 0.7441485259 5.9504939448 
# 
loop_
_pdbx_audit_revision_history.ordinal 
_pdbx_audit_revision_history.data_content_type 
_pdbx_audit_revision_history.major_revision 
_pdbx_audit_revision_history.minor_revision 
_pdbx_audit_revision_history.revision_date 
1 'Structure model' 1 0 2023-01-18 
2 'Structure model' 1 1 2023-02-08 
3 'Structure model' 1 2 2023-10-25 
# 
_pdbx_audit_revision_details.ordinal             1 
_pdbx_audit_revision_details.revision_ordinal    1 
_pdbx_audit_revision_details.data_content_type   'Structure model' 
_pdbx_audit_revision_details.provider            repository 
_pdbx_audit_revision_details.type                'Initial release' 
_pdbx_audit_revision_details.description         ? 
_pdbx_audit_revision_details.details             ? 
# 
loop_
_pdbx_audit_revision_group.ordinal 
_pdbx_audit_revision_group.revision_ordinal 
_pdbx_audit_revision_group.data_content_type 
_pdbx_audit_revision_group.group 
1 2 'Structure model' 'Database references'    
2 3 'Structure model' 'Data collection'        
3 3 'Structure model' 'Refinement description' 
# 
loop_
_pdbx_audit_revision_category.ordinal 
_pdbx_audit_revision_category.revision_ordinal 
_pdbx_audit_revision_category.data_content_type 
_pdbx_audit_revision_category.category 
1 2 'Structure model' citation                      
2 3 'Structure model' chem_comp_atom                
3 3 'Structure model' chem_comp_bond                
4 3 'Structure model' pdbx_initial_refinement_model 
# 
loop_
_pdbx_audit_revision_item.ordinal 
_pdbx_audit_revision_item.revision_ordinal 
_pdbx_audit_revision_item.data_content_type 
_pdbx_audit_revision_item.item 
1 2 'Structure model' '_citation.journal_volume' 
2 2 'Structure model' '_citation.year'           
# 
loop_
_space_group_symop.id 
_space_group_symop.operation_xyz 
1 x,y,z        
2 x-y,x,z+1/2  
3 y,-x+y,z+1/2 
4 -y,x-y,z     
5 -x+y,-x,z    
6 -x,-y,z+1/2  
# 
_pdbx_refine_tls.id               1 
_pdbx_refine_tls.pdbx_refine_id   'X-RAY DIFFRACTION' 
_pdbx_refine_tls.details          ? 
_pdbx_refine_tls.method           refined 
_pdbx_refine_tls.origin_x         -0.0356073440 
_pdbx_refine_tls.origin_y         -0.0242590355 
_pdbx_refine_tls.origin_z         0.0045736498 
_pdbx_refine_tls.T[1][1]          8.8646912250 
_pdbx_refine_tls.T[1][1]_esd      ? 
_pdbx_refine_tls.T[1][2]          0.702647909687 
_pdbx_refine_tls.T[1][2]_esd      ? 
_pdbx_refine_tls.T[1][3]          0.483516955259 
_pdbx_refine_tls.T[1][3]_esd      ? 
_pdbx_refine_tls.T[2][2]          7.80155379789 
_pdbx_refine_tls.T[2][2]_esd      ? 
_pdbx_refine_tls.T[2][3]          0.402290735073 
_pdbx_refine_tls.T[2][3]_esd      ? 
_pdbx_refine_tls.T[3][3]          8.25050500510 
_pdbx_refine_tls.T[3][3]_esd      ? 
_pdbx_refine_tls.L[1][1]          27.0378243036 
_pdbx_refine_tls.L[1][1]_esd      ? 
_pdbx_refine_tls.L[1][2]          -12.7298503181 
_pdbx_refine_tls.L[1][2]_esd      ? 
_pdbx_refine_tls.L[1][3]          6.51854982796 
_pdbx_refine_tls.L[1][3]_esd      ? 
_pdbx_refine_tls.L[2][2]          -13.87617914265 
_pdbx_refine_tls.L[2][2]_esd      ? 
_pdbx_refine_tls.L[2][3]          -11.492156594 
_pdbx_refine_tls.L[2][3]_esd      ? 
_pdbx_refine_tls.L[3][3]          -8.5625575342 
_pdbx_refine_tls.L[3][3]_esd      ? 
_pdbx_refine_tls.S[1][1]          0.127144783207 
_pdbx_refine_tls.S[1][1]_esd      ? 
_pdbx_refine_tls.S[1][2]          0.447175265015 
_pdbx_refine_tls.S[1][2]_esd      ? 
_pdbx_refine_tls.S[1][3]          -1.077512810073 
_pdbx_refine_tls.S[1][3]_esd      ? 
_pdbx_refine_tls.S[2][1]          -1.8197838782 
_pdbx_refine_tls.S[2][1]_esd      ? 
_pdbx_refine_tls.S[2][2]          0.523205645338 
_pdbx_refine_tls.S[2][2]_esd      ? 
_pdbx_refine_tls.S[2][3]          1.42783838216 
_pdbx_refine_tls.S[2][3]_esd      ? 
_pdbx_refine_tls.S[3][1]          -1.79598740328 
_pdbx_refine_tls.S[3][1]_esd      ? 
_pdbx_refine_tls.S[3][2]          1.14377021509 
_pdbx_refine_tls.S[3][2]_esd      ? 
_pdbx_refine_tls.S[3][3]          -0.655838767161 
_pdbx_refine_tls.S[3][3]_esd      ? 
# 
_pdbx_refine_tls_group.id                  1 
_pdbx_refine_tls_group.pdbx_refine_id      'X-RAY DIFFRACTION' 
_pdbx_refine_tls_group.refine_tls_id       1 
_pdbx_refine_tls_group.beg_label_asym_id   A 
_pdbx_refine_tls_group.beg_label_seq_id    ? 
_pdbx_refine_tls_group.beg_auth_asym_id    A 
_pdbx_refine_tls_group.beg_auth_seq_id     101 
_pdbx_refine_tls_group.beg_PDB_ins_code    ? 
_pdbx_refine_tls_group.end_label_asym_id   D 
_pdbx_refine_tls_group.end_label_seq_id    ? 
_pdbx_refine_tls_group.end_auth_asym_id    D 
_pdbx_refine_tls_group.end_auth_seq_id     208 
_pdbx_refine_tls_group.end_PDB_ins_code    ? 
_pdbx_refine_tls_group.selection           ? 
_pdbx_refine_tls_group.selection_details   all 
# 
loop_
_software.citation_id 
_software.classification 
_software.compiler_name 
_software.compiler_version 
_software.contact_author 
_software.contact_author_email 
_software.date 
_software.description 
_software.dependencies 
_software.hardware 
_software.language 
_software.location 
_software.mods 
_software.name 
_software.os 
_software.os_version 
_software.type 
_software.version 
_software.pdbx_ordinal 
? refinement       ? ? ? ? ? ? ? ? ? ? ? PHENIX    ? ? ? 1.19.2_4158 1 
? 'data reduction' ? ? ? ? ? ? ? ? ? ? ? autoPROC  ? ? ? .           2 
? 'data scaling'   ? ? ? ? ? ? ? ? ? ? ? STARANISO ? ? ? .           3 
? phasing          ? ? ? ? ? ? ? ? ? ? ? PHASER    ? ? ? .           4 
# 
_pdbx_validate_symm_contact.id                1 
_pdbx_validate_symm_contact.PDB_model_num     1 
_pdbx_validate_symm_contact.auth_atom_id_1    O6 
_pdbx_validate_symm_contact.auth_asym_id_1    A 
_pdbx_validate_symm_contact.auth_comp_id_1    DG 
_pdbx_validate_symm_contact.auth_seq_id_1     101 
_pdbx_validate_symm_contact.PDB_ins_code_1    ? 
_pdbx_validate_symm_contact.label_alt_id_1    ? 
_pdbx_validate_symm_contact.site_symmetry_1   1_555 
_pdbx_validate_symm_contact.auth_atom_id_2    N4 
_pdbx_validate_symm_contact.auth_asym_id_2    D 
_pdbx_validate_symm_contact.auth_comp_id_2    DC 
_pdbx_validate_symm_contact.auth_seq_id_2     202 
_pdbx_validate_symm_contact.PDB_ins_code_2    ? 
_pdbx_validate_symm_contact.label_alt_id_2    ? 
_pdbx_validate_symm_contact.site_symmetry_2   6_554 
_pdbx_validate_symm_contact.dist              2.19 
# 
loop_
_pdbx_validate_rmsd_bond.id 
_pdbx_validate_rmsd_bond.PDB_model_num 
_pdbx_validate_rmsd_bond.auth_atom_id_1 
_pdbx_validate_rmsd_bond.auth_asym_id_1 
_pdbx_validate_rmsd_bond.auth_comp_id_1 
_pdbx_validate_rmsd_bond.auth_seq_id_1 
_pdbx_validate_rmsd_bond.PDB_ins_code_1 
_pdbx_validate_rmsd_bond.label_alt_id_1 
_pdbx_validate_rmsd_bond.auth_atom_id_2 
_pdbx_validate_rmsd_bond.auth_asym_id_2 
_pdbx_validate_rmsd_bond.auth_comp_id_2 
_pdbx_validate_rmsd_bond.auth_seq_id_2 
_pdbx_validate_rmsd_bond.PDB_ins_code_2 
_pdbx_validate_rmsd_bond.label_alt_id_2 
_pdbx_validate_rmsd_bond.bond_value 
_pdbx_validate_rmsd_bond.bond_target_value 
_pdbx_validate_rmsd_bond.bond_deviation 
_pdbx_validate_rmsd_bond.bond_standard_deviation 
_pdbx_validate_rmsd_bond.linker_flag 
1 1 "O3'" A DC 104 ? ? "C3'" A DC 104 ? ? 1.537 1.435 0.102  0.013 N 
2 1 "C1'" A DC 104 ? ? N1    A DC 104 ? ? 1.588 1.488 0.100  0.013 N 
3 1 N9    A DG 106 ? ? C4    A DG 106 ? ? 1.424 1.375 0.049  0.008 N 
4 1 "C5'" A DT 108 ? ? "C4'" A DT 108 ? ? 1.562 1.512 0.050  0.007 N 
5 1 "C5'" A DA 118 ? ? "C4'" A DA 118 ? ? 1.556 1.512 0.044  0.007 N 
6 1 "O3'" B DC 125 ? ? "C3'" B DC 125 ? ? 1.358 1.419 -0.061 0.006 N 
7 1 "O3'" D DG 207 ? ? "C3'" D DG 207 ? ? 1.364 1.419 -0.055 0.006 N 
# 
loop_
_pdbx_validate_rmsd_angle.id 
_pdbx_validate_rmsd_angle.PDB_model_num 
_pdbx_validate_rmsd_angle.auth_atom_id_1 
_pdbx_validate_rmsd_angle.auth_asym_id_1 
_pdbx_validate_rmsd_angle.auth_comp_id_1 
_pdbx_validate_rmsd_angle.auth_seq_id_1 
_pdbx_validate_rmsd_angle.PDB_ins_code_1 
_pdbx_validate_rmsd_angle.label_alt_id_1 
_pdbx_validate_rmsd_angle.auth_atom_id_2 
_pdbx_validate_rmsd_angle.auth_asym_id_2 
_pdbx_validate_rmsd_angle.auth_comp_id_2 
_pdbx_validate_rmsd_angle.auth_seq_id_2 
_pdbx_validate_rmsd_angle.PDB_ins_code_2 
_pdbx_validate_rmsd_angle.label_alt_id_2 
_pdbx_validate_rmsd_angle.auth_atom_id_3 
_pdbx_validate_rmsd_angle.auth_asym_id_3 
_pdbx_validate_rmsd_angle.auth_comp_id_3 
_pdbx_validate_rmsd_angle.auth_seq_id_3 
_pdbx_validate_rmsd_angle.PDB_ins_code_3 
_pdbx_validate_rmsd_angle.label_alt_id_3 
_pdbx_validate_rmsd_angle.angle_value 
_pdbx_validate_rmsd_angle.angle_target_value 
_pdbx_validate_rmsd_angle.angle_deviation 
_pdbx_validate_rmsd_angle.angle_standard_deviation 
_pdbx_validate_rmsd_angle.linker_flag 
1  1 "O4'" A DG 101 ? ? "C1'" A DG 101 ? ? N9  A DG 101 ? ? 113.30 108.30 5.00  0.30 N 
2  1 "O5'" A DA 102 ? ? P     A DA 102 ? ? OP1 A DA 102 ? ? 98.38  105.70 -7.32 0.90 N 
3  1 "O4'" A DC 104 ? ? "C1'" A DC 104 ? ? N1  A DC 104 ? ? 111.05 108.30 2.75  0.30 N 
4  1 "O4'" A DC 107 ? ? "C1'" A DC 107 ? ? N1  A DC 107 ? ? 111.79 108.30 3.49  0.30 N 
5  1 "O4'" A DG 109 ? ? "C1'" A DG 109 ? ? N9  A DG 109 ? ? 112.47 108.30 4.17  0.30 N 
6  1 "O4'" A DC 117 ? ? "C1'" A DC 117 ? ? N1  A DC 117 ? ? 111.82 108.30 3.52  0.30 N 
7  1 "O4'" A DA 118 ? ? "C1'" A DA 118 ? ? N9  A DA 118 ? ? 103.50 108.00 -4.50 0.70 N 
8  1 "O4'" B DC 120 ? ? "C1'" B DC 120 ? ? N1  B DC 120 ? ? 111.53 108.30 3.23  0.30 N 
9  1 "O4'" B DT 122 ? ? "C1'" B DT 122 ? ? N1  B DT 122 ? ? 110.32 108.30 2.02  0.30 N 
10 1 "O4'" B DC 125 ? ? "C1'" B DC 125 ? ? N1  B DC 125 ? ? 111.47 108.30 3.17  0.30 N 
11 1 "O4'" D DT 201 ? ? "C1'" D DT 201 ? ? N1  D DT 201 ? ? 112.07 108.30 3.77  0.30 N 
12 1 "O4'" D DC 202 ? ? "C1'" D DC 202 ? ? N1  D DC 202 ? ? 111.80 108.30 3.50  0.30 N 
13 1 "O4'" D DA 205 ? ? "C1'" D DA 205 ? ? N9  D DA 205 ? ? 112.05 108.30 3.75  0.30 N 
14 1 "O4'" D DT 206 ? ? "C1'" D DT 206 ? ? N1  D DT 206 ? ? 110.41 108.30 2.11  0.30 N 
# 
loop_
_chem_comp_atom.comp_id 
_chem_comp_atom.atom_id 
_chem_comp_atom.type_symbol 
_chem_comp_atom.pdbx_aromatic_flag 
_chem_comp_atom.pdbx_stereo_config 
_chem_comp_atom.pdbx_ordinal 
DA OP3    O N N 1   
DA P      P N N 2   
DA OP1    O N N 3   
DA OP2    O N N 4   
DA "O5'"  O N N 5   
DA "C5'"  C N N 6   
DA "C4'"  C N R 7   
DA "O4'"  O N N 8   
DA "C3'"  C N S 9   
DA "O3'"  O N N 10  
DA "C2'"  C N N 11  
DA "C1'"  C N R 12  
DA N9     N Y N 13  
DA C8     C Y N 14  
DA N7     N Y N 15  
DA C5     C Y N 16  
DA C6     C Y N 17  
DA N6     N N N 18  
DA N1     N Y N 19  
DA C2     C Y N 20  
DA N3     N Y N 21  
DA C4     C Y N 22  
DA HOP3   H N N 23  
DA HOP2   H N N 24  
DA "H5'"  H N N 25  
DA "H5''" H N N 26  
DA "H4'"  H N N 27  
DA "H3'"  H N N 28  
DA "HO3'" H N N 29  
DA "H2'"  H N N 30  
DA "H2''" H N N 31  
DA "H1'"  H N N 32  
DA H8     H N N 33  
DA H61    H N N 34  
DA H62    H N N 35  
DA H2     H N N 36  
DC OP3    O N N 37  
DC P      P N N 38  
DC OP1    O N N 39  
DC OP2    O N N 40  
DC "O5'"  O N N 41  
DC "C5'"  C N N 42  
DC "C4'"  C N R 43  
DC "O4'"  O N N 44  
DC "C3'"  C N S 45  
DC "O3'"  O N N 46  
DC "C2'"  C N N 47  
DC "C1'"  C N R 48  
DC N1     N N N 49  
DC C2     C N N 50  
DC O2     O N N 51  
DC N3     N N N 52  
DC C4     C N N 53  
DC N4     N N N 54  
DC C5     C N N 55  
DC C6     C N N 56  
DC HOP3   H N N 57  
DC HOP2   H N N 58  
DC "H5'"  H N N 59  
DC "H5''" H N N 60  
DC "H4'"  H N N 61  
DC "H3'"  H N N 62  
DC "HO3'" H N N 63  
DC "H2'"  H N N 64  
DC "H2''" H N N 65  
DC "H1'"  H N N 66  
DC H41    H N N 67  
DC H42    H N N 68  
DC H5     H N N 69  
DC H6     H N N 70  
DG OP3    O N N 71  
DG P      P N N 72  
DG OP1    O N N 73  
DG OP2    O N N 74  
DG "O5'"  O N N 75  
DG "C5'"  C N N 76  
DG "C4'"  C N R 77  
DG "O4'"  O N N 78  
DG "C3'"  C N S 79  
DG "O3'"  O N N 80  
DG "C2'"  C N N 81  
DG "C1'"  C N R 82  
DG N9     N Y N 83  
DG C8     C Y N 84  
DG N7     N Y N 85  
DG C5     C Y N 86  
DG C6     C N N 87  
DG O6     O N N 88  
DG N1     N N N 89  
DG C2     C N N 90  
DG N2     N N N 91  
DG N3     N N N 92  
DG C4     C Y N 93  
DG HOP3   H N N 94  
DG HOP2   H N N 95  
DG "H5'"  H N N 96  
DG "H5''" H N N 97  
DG "H4'"  H N N 98  
DG "H3'"  H N N 99  
DG "HO3'" H N N 100 
DG "H2'"  H N N 101 
DG "H2''" H N N 102 
DG "H1'"  H N N 103 
DG H8     H N N 104 
DG H1     H N N 105 
DG H21    H N N 106 
DG H22    H N N 107 
DT OP3    O N N 108 
DT P      P N N 109 
DT OP1    O N N 110 
DT OP2    O N N 111 
DT "O5'"  O N N 112 
DT "C5'"  C N N 113 
DT "C4'"  C N R 114 
DT "O4'"  O N N 115 
DT "C3'"  C N S 116 
DT "O3'"  O N N 117 
DT "C2'"  C N N 118 
DT "C1'"  C N R 119 
DT N1     N N N 120 
DT C2     C N N 121 
DT O2     O N N 122 
DT N3     N N N 123 
DT C4     C N N 124 
DT O4     O N N 125 
DT C5     C N N 126 
DT C7     C N N 127 
DT C6     C N N 128 
DT HOP3   H N N 129 
DT HOP2   H N N 130 
DT "H5'"  H N N 131 
DT "H5''" H N N 132 
DT "H4'"  H N N 133 
DT "H3'"  H N N 134 
DT "HO3'" H N N 135 
DT "H2'"  H N N 136 
DT "H2''" H N N 137 
DT "H1'"  H N N 138 
DT H3     H N N 139 
DT H71    H N N 140 
DT H72    H N N 141 
DT H73    H N N 142 
DT H6     H N N 143 
# 
loop_
_chem_comp_bond.comp_id 
_chem_comp_bond.atom_id_1 
_chem_comp_bond.atom_id_2 
_chem_comp_bond.value_order 
_chem_comp_bond.pdbx_aromatic_flag 
_chem_comp_bond.pdbx_stereo_config 
_chem_comp_bond.pdbx_ordinal 
DA OP3   P      sing N N 1   
DA OP3   HOP3   sing N N 2   
DA P     OP1    doub N N 3   
DA P     OP2    sing N N 4   
DA P     "O5'"  sing N N 5   
DA OP2   HOP2   sing N N 6   
DA "O5'" "C5'"  sing N N 7   
DA "C5'" "C4'"  sing N N 8   
DA "C5'" "H5'"  sing N N 9   
DA "C5'" "H5''" sing N N 10  
DA "C4'" "O4'"  sing N N 11  
DA "C4'" "C3'"  sing N N 12  
DA "C4'" "H4'"  sing N N 13  
DA "O4'" "C1'"  sing N N 14  
DA "C3'" "O3'"  sing N N 15  
DA "C3'" "C2'"  sing N N 16  
DA "C3'" "H3'"  sing N N 17  
DA "O3'" "HO3'" sing N N 18  
DA "C2'" "C1'"  sing N N 19  
DA "C2'" "H2'"  sing N N 20  
DA "C2'" "H2''" sing N N 21  
DA "C1'" N9     sing N N 22  
DA "C1'" "H1'"  sing N N 23  
DA N9    C8     sing Y N 24  
DA N9    C4     sing Y N 25  
DA C8    N7     doub Y N 26  
DA C8    H8     sing N N 27  
DA N7    C5     sing Y N 28  
DA C5    C6     sing Y N 29  
DA C5    C4     doub Y N 30  
DA C6    N6     sing N N 31  
DA C6    N1     doub Y N 32  
DA N6    H61    sing N N 33  
DA N6    H62    sing N N 34  
DA N1    C2     sing Y N 35  
DA C2    N3     doub Y N 36  
DA C2    H2     sing N N 37  
DA N3    C4     sing Y N 38  
DC OP3   P      sing N N 39  
DC OP3   HOP3   sing N N 40  
DC P     OP1    doub N N 41  
DC P     OP2    sing N N 42  
DC P     "O5'"  sing N N 43  
DC OP2   HOP2   sing N N 44  
DC "O5'" "C5'"  sing N N 45  
DC "C5'" "C4'"  sing N N 46  
DC "C5'" "H5'"  sing N N 47  
DC "C5'" "H5''" sing N N 48  
DC "C4'" "O4'"  sing N N 49  
DC "C4'" "C3'"  sing N N 50  
DC "C4'" "H4'"  sing N N 51  
DC "O4'" "C1'"  sing N N 52  
DC "C3'" "O3'"  sing N N 53  
DC "C3'" "C2'"  sing N N 54  
DC "C3'" "H3'"  sing N N 55  
DC "O3'" "HO3'" sing N N 56  
DC "C2'" "C1'"  sing N N 57  
DC "C2'" "H2'"  sing N N 58  
DC "C2'" "H2''" sing N N 59  
DC "C1'" N1     sing N N 60  
DC "C1'" "H1'"  sing N N 61  
DC N1    C2     sing N N 62  
DC N1    C6     sing N N 63  
DC C2    O2     doub N N 64  
DC C2    N3     sing N N 65  
DC N3    C4     doub N N 66  
DC C4    N4     sing N N 67  
DC C4    C5     sing N N 68  
DC N4    H41    sing N N 69  
DC N4    H42    sing N N 70  
DC C5    C6     doub N N 71  
DC C5    H5     sing N N 72  
DC C6    H6     sing N N 73  
DG OP3   P      sing N N 74  
DG OP3   HOP3   sing N N 75  
DG P     OP1    doub N N 76  
DG P     OP2    sing N N 77  
DG P     "O5'"  sing N N 78  
DG OP2   HOP2   sing N N 79  
DG "O5'" "C5'"  sing N N 80  
DG "C5'" "C4'"  sing N N 81  
DG "C5'" "H5'"  sing N N 82  
DG "C5'" "H5''" sing N N 83  
DG "C4'" "O4'"  sing N N 84  
DG "C4'" "C3'"  sing N N 85  
DG "C4'" "H4'"  sing N N 86  
DG "O4'" "C1'"  sing N N 87  
DG "C3'" "O3'"  sing N N 88  
DG "C3'" "C2'"  sing N N 89  
DG "C3'" "H3'"  sing N N 90  
DG "O3'" "HO3'" sing N N 91  
DG "C2'" "C1'"  sing N N 92  
DG "C2'" "H2'"  sing N N 93  
DG "C2'" "H2''" sing N N 94  
DG "C1'" N9     sing N N 95  
DG "C1'" "H1'"  sing N N 96  
DG N9    C8     sing Y N 97  
DG N9    C4     sing Y N 98  
DG C8    N7     doub Y N 99  
DG C8    H8     sing N N 100 
DG N7    C5     sing Y N 101 
DG C5    C6     sing N N 102 
DG C5    C4     doub Y N 103 
DG C6    O6     doub N N 104 
DG C6    N1     sing N N 105 
DG N1    C2     sing N N 106 
DG N1    H1     sing N N 107 
DG C2    N2     sing N N 108 
DG C2    N3     doub N N 109 
DG N2    H21    sing N N 110 
DG N2    H22    sing N N 111 
DG N3    C4     sing N N 112 
DT OP3   P      sing N N 113 
DT OP3   HOP3   sing N N 114 
DT P     OP1    doub N N 115 
DT P     OP2    sing N N 116 
DT P     "O5'"  sing N N 117 
DT OP2   HOP2   sing N N 118 
DT "O5'" "C5'"  sing N N 119 
DT "C5'" "C4'"  sing N N 120 
DT "C5'" "H5'"  sing N N 121 
DT "C5'" "H5''" sing N N 122 
DT "C4'" "O4'"  sing N N 123 
DT "C4'" "C3'"  sing N N 124 
DT "C4'" "H4'"  sing N N 125 
DT "O4'" "C1'"  sing N N 126 
DT "C3'" "O3'"  sing N N 127 
DT "C3'" "C2'"  sing N N 128 
DT "C3'" "H3'"  sing N N 129 
DT "O3'" "HO3'" sing N N 130 
DT "C2'" "C1'"  sing N N 131 
DT "C2'" "H2'"  sing N N 132 
DT "C2'" "H2''" sing N N 133 
DT "C1'" N1     sing N N 134 
DT "C1'" "H1'"  sing N N 135 
DT N1    C2     sing N N 136 
DT N1    C6     sing N N 137 
DT C2    O2     doub N N 138 
DT C2    N3     sing N N 139 
DT N3    C4     sing N N 140 
DT N3    H3     sing N N 141 
DT C4    O4     doub N N 142 
DT C4    C5     sing N N 143 
DT C5    C7     sing N N 144 
DT C5    C6     doub N N 145 
DT C7    H71    sing N N 146 
DT C7    H72    sing N N 147 
DT C7    H73    sing N N 148 
DT C6    H6     sing N N 149 
# 
loop_
_ndb_struct_conf_na.entry_id 
_ndb_struct_conf_na.feature 
8DAG 'double helix'        
8DAG 'a-form double helix' 
8DAG 'b-form double helix' 
# 
loop_
_ndb_struct_na_base_pair.model_number 
_ndb_struct_na_base_pair.i_label_asym_id 
_ndb_struct_na_base_pair.i_label_comp_id 
_ndb_struct_na_base_pair.i_label_seq_id 
_ndb_struct_na_base_pair.i_symmetry 
_ndb_struct_na_base_pair.j_label_asym_id 
_ndb_struct_na_base_pair.j_label_comp_id 
_ndb_struct_na_base_pair.j_label_seq_id 
_ndb_struct_na_base_pair.j_symmetry 
_ndb_struct_na_base_pair.shear 
_ndb_struct_na_base_pair.stretch 
_ndb_struct_na_base_pair.stagger 
_ndb_struct_na_base_pair.buckle 
_ndb_struct_na_base_pair.propeller 
_ndb_struct_na_base_pair.opening 
_ndb_struct_na_base_pair.pair_number 
_ndb_struct_na_base_pair.pair_name 
_ndb_struct_na_base_pair.i_auth_asym_id 
_ndb_struct_na_base_pair.i_auth_seq_id 
_ndb_struct_na_base_pair.i_PDB_ins_code 
_ndb_struct_na_base_pair.j_auth_asym_id 
_ndb_struct_na_base_pair.j_auth_seq_id 
_ndb_struct_na_base_pair.j_PDB_ins_code 
_ndb_struct_na_base_pair.hbond_type_28 
_ndb_struct_na_base_pair.hbond_type_12 
1 A DG 3  1_555 C DC 5 1_555 -0.075 -0.206 -0.471 -1.595  1.823  -4.321  1  A_DG103:DC214_C A 103 ? C 214 ? 19 1 
1 A DC 4  1_555 C DG 4 1_555 -0.047 0.097  -0.468 2.601   4.546  -1.724  2  A_DC104:DG213_C A 104 ? C 213 ? 19 1 
1 A DA 5  1_555 C DT 3 1_555 0.944  -0.015 -1.190 -4.693  3.572  -27.369 3  A_DA105:DT212_C A 105 ? C 212 ? 20 1 
1 A DG 6  1_555 C DC 2 1_555 0.095  -0.099 -0.487 -3.660  3.348  -8.976  4  A_DG106:DC211_C A 106 ? C 211 ? 19 1 
1 A DC 7  1_555 C DG 1 1_555 1.032  1.211  0.544  -1.740  -2.098 25.144  5  A_DC107:DG210_C A 107 ? C 210 ? ?  ? 
1 A DG 9  1_555 B DC 7 1_555 -0.152 0.113  -0.679 -17.639 4.348  2.454   6  A_DG109:DC125_B A 109 ? B 125 ? 19 1 
1 A DT 10 1_555 B DA 6 1_555 -0.484 0.120  -0.506 -0.307  -1.729 -4.856  7  A_DT110:DA124_B A 110 ? B 124 ? 20 1 
1 A DG 11 1_555 B DC 5 1_555 -0.136 -0.007 0.452  -4.919  1.347  -1.776  8  A_DG111:DC123_B A 111 ? B 123 ? 19 1 
1 A DA 12 1_555 B DT 4 1_555 0.045  -0.256 -0.629 -2.479  6.964  1.825   9  A_DA112:DT122_B A 112 ? B 122 ? 20 1 
1 A DC 13 1_555 B DG 3 1_555 -0.076 -0.083 -0.574 0.974   2.252  -5.535  10 A_DC113:DG121_B A 113 ? B 121 ? 19 1 
1 A DG 15 1_555 B DC 1 1_555 0.023  -0.005 -0.624 12.931  -5.733 2.603   11 A_DG115:DC119_B A 115 ? B 119 ? 19 1 
1 A DA 16 1_555 D DT 8 1_555 0.392  -0.005 0.322  10.579  -0.009 -25.234 12 A_DA116:DT208_D A 116 ? D 208 ? 20 1 
1 A DC 17 1_555 D DG 7 1_555 0.177  -0.243 0.723  6.283   2.957  -3.173  13 A_DC117:DG207_D A 117 ? D 207 ? 19 1 
1 A DA 18 1_555 D DT 6 1_555 0.329  -0.094 1.472  0.008   -3.160 -14.084 14 A_DA118:DT206_D A 118 ? D 206 ? 20 1 
1 A DT 19 1_555 D DA 5 1_555 0.008  0.076  0.022  0.593   8.646  -3.425  15 A_DT119:DA205_D A 119 ? D 205 ? 20 1 
1 A DC 20 1_555 D DG 4 1_555 -0.006 0.115  -0.026 4.320   5.208  -7.222  16 A_DC120:DG204_D A 120 ? D 204 ? 19 1 
1 A DA 21 1_555 D DT 3 1_555 0.614  0.462  0.574  8.629   -3.395 -13.270 17 A_DA121:DT203_D A 121 ? D 203 ? 20 1 
# 
loop_
_ndb_struct_na_base_pair_step.model_number 
_ndb_struct_na_base_pair_step.i_label_asym_id_1 
_ndb_struct_na_base_pair_step.i_label_comp_id_1 
_ndb_struct_na_base_pair_step.i_label_seq_id_1 
_ndb_struct_na_base_pair_step.i_symmetry_1 
_ndb_struct_na_base_pair_step.j_label_asym_id_1 
_ndb_struct_na_base_pair_step.j_label_comp_id_1 
_ndb_struct_na_base_pair_step.j_label_seq_id_1 
_ndb_struct_na_base_pair_step.j_symmetry_1 
_ndb_struct_na_base_pair_step.i_label_asym_id_2 
_ndb_struct_na_base_pair_step.i_label_comp_id_2 
_ndb_struct_na_base_pair_step.i_label_seq_id_2 
_ndb_struct_na_base_pair_step.i_symmetry_2 
_ndb_struct_na_base_pair_step.j_label_asym_id_2 
_ndb_struct_na_base_pair_step.j_label_comp_id_2 
_ndb_struct_na_base_pair_step.j_label_seq_id_2 
_ndb_struct_na_base_pair_step.j_symmetry_2 
_ndb_struct_na_base_pair_step.shift 
_ndb_struct_na_base_pair_step.slide 
_ndb_struct_na_base_pair_step.rise 
_ndb_struct_na_base_pair_step.tilt 
_ndb_struct_na_base_pair_step.roll 
_ndb_struct_na_base_pair_step.twist 
_ndb_struct_na_base_pair_step.x_displacement 
_ndb_struct_na_base_pair_step.y_displacement 
_ndb_struct_na_base_pair_step.helical_rise 
_ndb_struct_na_base_pair_step.inclination 
_ndb_struct_na_base_pair_step.tip 
_ndb_struct_na_base_pair_step.helical_twist 
_ndb_struct_na_base_pair_step.step_number 
_ndb_struct_na_base_pair_step.step_name 
_ndb_struct_na_base_pair_step.i_auth_asym_id_1 
_ndb_struct_na_base_pair_step.i_auth_seq_id_1 
_ndb_struct_na_base_pair_step.i_PDB_ins_code_1 
_ndb_struct_na_base_pair_step.j_auth_asym_id_1 
_ndb_struct_na_base_pair_step.j_auth_seq_id_1 
_ndb_struct_na_base_pair_step.j_PDB_ins_code_1 
_ndb_struct_na_base_pair_step.i_auth_asym_id_2 
_ndb_struct_na_base_pair_step.i_auth_seq_id_2 
_ndb_struct_na_base_pair_step.i_PDB_ins_code_2 
_ndb_struct_na_base_pair_step.j_auth_asym_id_2 
_ndb_struct_na_base_pair_step.j_auth_seq_id_2 
_ndb_struct_na_base_pair_step.j_PDB_ins_code_2 
1 A DG 3  1_555 C DC 5 1_555 A DC 4  1_555 C DG 4 1_555 0.785  -2.202 2.947 1.870   2.966   30.672 -4.643 -1.156 2.769 5.583   
-3.520 30.867 1  AA_DG103DC104:DG213DC214_CC A 103 ? C 214 ? A 104 ? C 213 ? 
1 A DC 4  1_555 C DG 4 1_555 A DA 5  1_555 C DT 3 1_555 -1.614 -0.153 3.656 -0.235  -7.680  35.282 0.976  2.569  3.619 -12.489 
0.382  36.083 2  AA_DC104DA105:DT212DG213_CC A 104 ? C 213 ? A 105 ? C 212 ? 
1 A DA 5  1_555 C DT 3 1_555 A DG 6  1_555 C DC 2 1_555 1.681  -0.939 3.199 -5.028  3.558   33.989 -2.093 -3.554 2.819 6.024   
8.515  34.527 3  AA_DA105DG106:DC211DT212_CC A 105 ? C 212 ? A 106 ? C 211 ? 
1 A DG 6  1_555 C DC 2 1_555 A DC 7  1_555 C DG 1 1_555 2.836  -0.317 2.985 -3.391  10.615  31.779 -2.032 -5.375 2.450 18.681  
5.968  33.629 4  AA_DG106DC107:DG210DC211_CC A 106 ? C 211 ? A 107 ? C 210 ? 
1 A DG 9  1_555 B DC 7 1_555 A DT 10 1_555 B DA 6 1_555 -0.811 0.146  2.777 -2.803  15.670  28.554 -2.128 1.018  2.576 29.090  
5.203  32.611 5  AA_DG109DT110:DA124DC125_BB A 109 ? B 125 ? A 110 ? B 124 ? 
1 A DT 10 1_555 B DA 6 1_555 A DG 11 1_555 B DC 5 1_555 -1.234 -0.013 3.392 -5.130  -2.149  32.307 0.372  1.246  3.534 -3.826  
9.135  32.770 6  AA_DT110DG111:DC123DA124_BB A 110 ? B 124 ? A 111 ? B 123 ? 
1 A DG 11 1_555 B DC 5 1_555 A DA 12 1_555 B DT 4 1_555 0.458  0.313  3.561 -4.635  -0.916  46.878 0.472  -0.984 3.496 -1.148  
5.809  47.102 7  AA_DG111DA112:DT122DC123_BB A 111 ? B 123 ? A 112 ? B 122 ? 
1 A DA 12 1_555 B DT 4 1_555 A DC 13 1_555 B DG 3 1_555 -1.262 -0.809 3.120 -4.271  6.812   32.871 -2.441 1.512  3.032 11.818  
7.410  33.813 8  AA_DA112DC113:DG121DT122_BB A 112 ? B 122 ? A 113 ? B 121 ? 
1 A DC 13 1_555 B DG 3 1_555 A DG 15 1_555 B DC 1 1_555 0.479  1.256  5.989 -6.107  -8.608  63.675 1.838  -0.917 5.734 -8.100  
5.747  64.453 9  AA_DC113DG115:DC119DG121_BB A 113 ? B 121 ? A 115 ? B 119 ? 
1 A DG 15 1_555 B DC 1 1_555 A DA 16 1_555 D DT 8 1_555 -3.034 -1.383 3.046 -18.520 -10.333 30.823 -0.448 1.672  4.378 -17.132 
30.708 37.268 10 AA_DG115DA116:DT208DC119_DB A 115 ? B 119 ? A 116 ? D 208 ? 
1 A DA 16 1_555 D DT 8 1_555 A DC 17 1_555 D DG 7 1_555 2.469  -1.456 3.332 -2.343  -3.518  31.169 -2.018 -5.000 3.283 -6.510  
4.336  31.448 11 AA_DA116DC117:DG207DT208_DD A 116 ? D 208 ? A 117 ? D 207 ? 
1 A DC 17 1_555 D DG 7 1_555 A DA 18 1_555 D DT 6 1_555 -1.484 -0.679 3.390 -2.001  -5.670  42.811 -0.333 1.808  3.511 -7.721  
2.726  43.211 12 AA_DC117DA118:DT206DG207_DD A 117 ? D 207 ? A 118 ? D 206 ? 
1 A DA 18 1_555 D DT 6 1_555 A DT 19 1_555 D DA 5 1_555 0.819  -0.737 3.533 4.756   -1.762  31.383 -0.990 -0.532 3.649 -3.231  
-8.722 31.780 13 AA_DA118DT119:DA205DT206_DD A 118 ? D 206 ? A 119 ? D 205 ? 
1 A DT 19 1_555 D DA 5 1_555 A DC 20 1_555 D DG 4 1_555 -1.147 -0.746 2.911 0.309   0.802   30.424 -1.564 2.240  2.880 1.529   
-0.588 30.436 14 AA_DT119DC120:DG204DA205_DD A 119 ? D 205 ? A 120 ? D 204 ? 
1 A DC 20 1_555 D DG 4 1_555 A DA 21 1_555 D DT 3 1_555 0.100  -1.111 3.144 -1.723  9.025   29.644 -3.665 -0.490 2.688 17.128  
3.271  31.005 15 AA_DC120DA121:DT203DG204_DD A 120 ? D 204 ? A 121 ? D 203 ? 
# 
loop_
_pdbx_audit_support.funding_organization 
_pdbx_audit_support.country 
_pdbx_audit_support.grant_number 
_pdbx_audit_support.ordinal 
'National Science Foundation (NSF, United States)' 'United States' CTS1120890    1 
'National Science Foundation (NSF, United States)' 'United States' CCF-1117210   2 
'National Science Foundation (NSF, United States)' 'United States' EFRI-1332411  3 
'National Science Foundation (NSF, United States)' 'United States' CHE-1708776   4 
'Office of Naval Research (ONR)'                   'United States' N000141110729 5 
'Office of Naval Research (ONR)'                   'United States' N000140911118 6 
'Department of Energy (DOE, United States)'        'United States' DESC0007991   7 
# 
_pdbx_initial_refinement_model.id               1 
_pdbx_initial_refinement_model.entity_id_list   ? 
_pdbx_initial_refinement_model.type             'experimental model' 
_pdbx_initial_refinement_model.source_name      PDB 
_pdbx_initial_refinement_model.accession_code   7R96 
_pdbx_initial_refinement_model.details          ? 
# 
_pdbx_struct_assembly_auth_evidence.id                     1 
_pdbx_struct_assembly_auth_evidence.assembly_id            1 
_pdbx_struct_assembly_auth_evidence.experimental_support   'native gel electrophoresis' 
_pdbx_struct_assembly_auth_evidence.details                ? 
# 
_space_group.name_H-M_alt     'P 63' 
_space_group.name_Hall        'P 6c' 
_space_group.IT_number        173 
_space_group.crystal_system   hexagonal 
_space_group.id               1 
# 
